data_4QWW
#
_entry.id   4QWW
#
_cell.length_a   156.592
_cell.length_b   251.336
_cell.length_c   73.978
_cell.angle_alpha   90.00
_cell.angle_beta   90.00
_cell.angle_gamma   90.00
#
_symmetry.space_group_name_H-M   'P 21 21 2'
#
loop_
_entity.id
_entity.type
_entity.pdbx_description
1 polymer Acetylcholinesterase
2 polymer 'Fab410 antibody light chain'
3 polymer 'Fab410 antibody heavy chain'
4 branched alpha-D-mannopyranose-(1-3)-[alpha-D-mannopyranose-(1-6)]beta-D-mannopyranose-(1-4)-2-acetamido-2-deoxy-beta-D-glucopyranose-(1-4)-[alpha-L-fucopyranose-(1-6)]2-acetamido-2-deoxy-beta-D-glucopyranose
5 branched alpha-D-mannopyranose-(1-3)-[alpha-D-mannopyranose-(1-6)]beta-D-mannopyranose-(1-4)-2-acetamido-2-deoxy-beta-D-glucopyranose-(1-4)-2-acetamido-2-deoxy-beta-D-glucopyranose
6 non-polymer 1,2-ETHANEDIOL
7 non-polymer 2-acetamido-2-deoxy-beta-D-glucopyranose
8 water water
#
loop_
_entity_poly.entity_id
_entity_poly.type
_entity_poly.pdbx_seq_one_letter_code
_entity_poly.pdbx_strand_id
1 'polypeptide(L)'
;GRAGELKVSTQTGSVRGLSLPVLDGHVSAFLGIPFAEPPLGRMRFLRPEPVKPWQHVLDATSYKPACYQMVDTSYPGFQG
TEMWNPNRGMSEDCLYLNIWVPSPRPKDAPVLVWIYGGGFYSGAASLDVYDGRFLTYTQNVILVSLSYRVGAFGFLGLPG
SPEAPGNMGLLDQRLALQWIQNNIHPFGGNPRAVTVFGESAGAASVGMHLLSTQSRTLFQRAILQSGGPNAPWATVTPAE
SRGRAALLGKQLGCHFNNDSELVSCLRSKNPQELIDEEWSVLPYKSIFRFPFVPVIDGDFFPDTPEAMLSSGNFKETQVL
LGVVKDEGSYFLIYGLPGFSKDNESLISRADFLEGVRMSVPHANDIATDAVVLQYTDWQDQDNREKNREALDDIVGDHNV
ICPVVQFANDYAKRNSKVYAYLFDHRASNLLWPPWMGVPHGYEIEFVFGLPLNDSLNYTPQEKELSRRMMRYWANFARTG
NPTDPADKSGAWPTYTASQPQYVQLNTQPLATQPSLRAQICAFWNHFLPKLLNATVDPPRAD
;
A,B
2 'polypeptide(L)'
;QIVLTQSPAIMSASPGEKVTMTCSASSSVSYMYWYHQKPGSSPKPWIYRTSNLASGVPARFSGSGSGTSYSLSVSSVEAE
DAATYYCQQYNSHPMTFGGGTKLEIKRADAAPTVSIFPPSSEQLTSGGASVVCFLNNFYPKDINVKWKIDGSERQNGVLN
SWTDQDSKDSTYSMSSTLTLTKDEYERHNSYTCEATHKTSTSPIVKSFNRNEC
;
C,E
3 'polypeptide(L)'
;EVQLVESGGGLVQPKGSLKLSCAASGFTFNTYAMHWVRQAPGKGLEWVARIRSKSNKYATHYADSVKDRFTISRDDSQTM
LYLQMNNLKTEDTAMYYCVREGSYYDSSYGAMDYWGQGTSVTVSSAKTTPPSVYPLAPGSAAQTNSMVTLGCLVKGYFPE
PVTVTWNSGSLSSGVHTFPAVLESDLYTLSSSVTVPSSPWPSETVTCNVAHPASSTKVDKKIVPRDCGCKPCIC
;
D,F
#
loop_
_chem_comp.id
_chem_comp.type
_chem_comp.name
_chem_comp.formula
BMA D-saccharide, beta linking beta-D-mannopyranose 'C6 H12 O6'
EDO non-polymer 1,2-ETHANEDIOL 'C2 H6 O2'
FUC L-saccharide, alpha linking alpha-L-fucopyranose 'C6 H12 O5'
MAN D-saccharide, alpha linking alpha-D-mannopyranose 'C6 H12 O6'
NAG D-saccharide, beta linking 2-acetamido-2-deoxy-beta-D-glucopyranose 'C8 H15 N O6'
#
# COMPACT_ATOMS: atom_id res chain seq x y z
N ALA A 3 61.47 0.32 -11.90
CA ALA A 3 61.41 -1.10 -12.25
C ALA A 3 62.71 -1.88 -11.83
N GLY A 4 62.88 -2.17 -10.53
CA GLY A 4 62.06 -1.76 -9.38
C GLY A 4 60.70 -2.39 -9.23
N GLU A 5 59.67 -1.54 -9.18
CA GLU A 5 58.29 -1.96 -8.95
C GLU A 5 57.55 -2.49 -10.16
N LEU A 6 58.12 -2.41 -11.37
CA LEU A 6 57.41 -2.94 -12.54
C LEU A 6 57.75 -4.42 -12.84
N LYS A 7 58.51 -5.08 -11.95
CA LYS A 7 58.83 -6.51 -12.09
C LYS A 7 58.18 -7.29 -10.92
N VAL A 8 57.38 -8.35 -11.20
CA VAL A 8 56.74 -9.21 -10.16
C VAL A 8 56.88 -10.73 -10.50
N SER A 9 57.36 -11.54 -9.56
CA SER A 9 57.45 -13.00 -9.78
C SER A 9 56.41 -13.71 -8.91
N THR A 10 55.56 -14.53 -9.55
CA THR A 10 54.49 -15.23 -8.86
C THR A 10 54.54 -16.74 -9.11
N GLN A 11 53.81 -17.51 -8.28
CA GLN A 11 53.67 -18.97 -8.27
C GLN A 11 53.41 -19.61 -9.65
N THR A 12 52.95 -18.81 -10.61
CA THR A 12 52.61 -19.25 -11.97
C THR A 12 53.59 -18.68 -13.04
N GLY A 13 54.42 -17.72 -12.64
CA GLY A 13 55.38 -17.11 -13.57
C GLY A 13 55.71 -15.66 -13.27
N SER A 14 56.52 -15.07 -14.15
CA SER A 14 56.97 -13.69 -14.02
C SER A 14 56.14 -12.72 -14.84
N VAL A 15 55.96 -11.52 -14.29
CA VAL A 15 55.10 -10.50 -14.84
C VAL A 15 55.83 -9.15 -15.06
N ARG A 16 55.67 -8.58 -16.26
CA ARG A 16 56.23 -7.29 -16.64
C ARG A 16 55.09 -6.24 -16.54
N GLY A 17 55.33 -5.21 -15.73
CA GLY A 17 54.38 -4.14 -15.45
C GLY A 17 54.41 -2.94 -16.36
N LEU A 18 53.86 -1.82 -15.86
CA LEU A 18 53.66 -0.56 -16.56
C LEU A 18 53.49 0.56 -15.53
N SER A 19 54.26 1.65 -15.58
CA SER A 19 54.07 2.75 -14.64
C SER A 19 53.02 3.74 -15.20
N LEU A 20 51.99 4.09 -14.39
CA LEU A 20 50.93 5.02 -14.85
C LEU A 20 50.79 6.27 -13.97
N PRO A 21 50.97 7.48 -14.54
CA PRO A 21 50.81 8.68 -13.72
C PRO A 21 49.34 8.99 -13.38
N VAL A 22 49.12 9.33 -12.08
CA VAL A 22 47.83 9.67 -11.49
C VAL A 22 48.01 10.91 -10.61
N LEU A 23 47.35 12.02 -10.99
CA LEU A 23 47.42 13.34 -10.32
C LEU A 23 48.87 13.82 -10.08
N ASP A 24 49.22 14.07 -8.81
CA ASP A 24 50.54 14.54 -8.36
C ASP A 24 51.57 13.40 -8.14
N GLY A 25 51.20 12.16 -8.43
CA GLY A 25 52.08 11.00 -8.33
C GLY A 25 51.85 9.99 -9.43
N HIS A 26 51.97 8.70 -9.09
CA HIS A 26 51.74 7.58 -10.02
C HIS A 26 51.44 6.26 -9.30
N VAL A 27 51.04 5.24 -10.09
CA VAL A 27 50.71 3.85 -9.71
C VAL A 27 51.45 2.89 -10.69
N SER A 28 51.34 1.56 -10.47
CA SER A 28 51.87 0.52 -11.34
C SER A 28 50.70 -0.38 -11.74
N ALA A 29 50.65 -0.79 -13.00
CA ALA A 29 49.58 -1.61 -13.54
C ALA A 29 50.14 -2.81 -14.25
N PHE A 30 49.47 -3.93 -14.05
CA PHE A 30 49.86 -5.21 -14.65
C PHE A 30 48.56 -5.71 -15.25
N LEU A 31 48.48 -5.72 -16.59
CA LEU A 31 47.27 -6.04 -17.34
C LEU A 31 47.41 -7.25 -18.26
N GLY A 32 46.38 -8.07 -18.33
CA GLY A 32 46.37 -9.24 -19.19
C GLY A 32 47.14 -10.40 -18.58
N ILE A 33 46.97 -10.62 -17.24
CA ILE A 33 47.60 -11.74 -16.51
C ILE A 33 46.62 -12.92 -16.59
N PRO A 34 46.96 -14.03 -17.29
CA PRO A 34 46.03 -15.16 -17.33
C PRO A 34 45.99 -15.86 -15.99
N PHE A 35 44.84 -16.43 -15.64
CA PHE A 35 44.61 -17.18 -14.42
C PHE A 35 44.01 -18.52 -14.81
N ALA A 36 43.92 -18.78 -16.14
CA ALA A 36 43.36 -20.00 -16.72
C ALA A 36 43.80 -20.25 -18.15
N GLU A 37 43.49 -21.43 -18.64
CA GLU A 37 43.79 -21.87 -20.00
C GLU A 37 42.64 -21.44 -20.91
N PRO A 38 42.89 -21.18 -22.22
CA PRO A 38 41.79 -20.71 -23.11
C PRO A 38 40.70 -21.75 -23.36
N PRO A 39 39.41 -21.44 -23.10
CA PRO A 39 38.36 -22.43 -23.35
C PRO A 39 38.03 -22.50 -24.84
N LEU A 40 38.88 -23.16 -25.61
CA LEU A 40 38.69 -23.27 -27.06
C LEU A 40 38.46 -24.68 -27.55
N GLY A 41 37.83 -24.80 -28.73
CA GLY A 41 37.54 -26.07 -29.40
C GLY A 41 36.72 -27.02 -28.55
N ARG A 42 37.36 -28.10 -28.06
CA ARG A 42 36.74 -29.09 -27.17
C ARG A 42 36.75 -28.62 -25.70
N MET A 43 37.51 -27.55 -25.35
CA MET A 43 37.58 -26.96 -23.99
C MET A 43 36.50 -25.86 -23.74
N ARG A 44 35.73 -25.50 -24.83
CA ARG A 44 34.61 -24.55 -24.78
C ARG A 44 33.48 -25.24 -24.02
N PHE A 45 32.75 -24.46 -23.16
CA PHE A 45 31.64 -24.88 -22.29
C PHE A 45 32.09 -25.76 -21.09
N LEU A 46 33.39 -25.99 -20.92
CA LEU A 46 33.90 -26.81 -19.83
C LEU A 46 34.27 -25.97 -18.61
N ARG A 47 34.64 -26.63 -17.50
CA ARG A 47 35.12 -25.99 -16.27
C ARG A 47 36.41 -25.25 -16.62
N PRO A 48 36.80 -24.18 -15.89
CA PRO A 48 38.06 -23.50 -16.21
C PRO A 48 39.30 -24.28 -15.73
N GLU A 49 40.23 -24.60 -16.67
CA GLU A 49 41.47 -25.32 -16.37
C GLU A 49 42.48 -24.28 -15.81
N PRO A 50 43.08 -24.49 -14.61
CA PRO A 50 44.03 -23.49 -14.09
C PRO A 50 45.27 -23.32 -14.98
N VAL A 51 45.72 -22.05 -15.14
CA VAL A 51 46.83 -21.67 -16.00
C VAL A 51 48.10 -22.45 -15.67
N LYS A 52 48.70 -22.98 -16.73
CA LYS A 52 49.95 -23.71 -16.69
C LYS A 52 51.05 -22.67 -16.53
N PRO A 53 51.88 -22.75 -15.44
CA PRO A 53 52.98 -21.78 -15.25
C PRO A 53 53.85 -21.52 -16.49
N TRP A 54 54.28 -20.26 -16.66
CA TRP A 54 55.04 -19.83 -17.82
C TRP A 54 56.51 -19.43 -17.56
N GLN A 55 57.28 -19.43 -18.65
CA GLN A 55 58.68 -19.04 -18.66
C GLN A 55 58.99 -18.17 -19.91
N HIS A 56 59.59 -16.96 -19.73
CA HIS A 56 59.99 -16.45 -18.42
C HIS A 56 59.09 -15.31 -17.98
N VAL A 57 59.28 -14.12 -18.58
CA VAL A 57 58.48 -12.94 -18.25
C VAL A 57 57.38 -12.76 -19.29
N LEU A 58 56.18 -12.48 -18.78
CA LEU A 58 54.96 -12.31 -19.55
C LEU A 58 54.65 -10.83 -19.66
N ASP A 59 54.32 -10.38 -20.87
CA ASP A 59 53.95 -8.99 -21.10
C ASP A 59 52.57 -8.72 -20.49
N ALA A 60 52.56 -8.01 -19.34
CA ALA A 60 51.31 -7.61 -18.68
C ALA A 60 51.24 -6.08 -18.71
N THR A 61 51.41 -5.52 -19.93
CA THR A 61 51.41 -4.08 -20.19
C THR A 61 50.16 -3.61 -20.94
N SER A 62 49.38 -4.56 -21.51
CA SER A 62 48.15 -4.26 -22.24
C SER A 62 46.97 -5.09 -21.75
N TYR A 63 45.76 -4.50 -21.75
CA TYR A 63 44.53 -5.21 -21.42
C TYR A 63 44.39 -6.30 -22.51
N LYS A 64 43.71 -7.42 -22.19
CA LYS A 64 43.46 -8.46 -23.20
C LYS A 64 41.99 -8.34 -23.70
N PRO A 65 41.51 -9.05 -24.76
CA PRO A 65 40.13 -8.85 -25.20
C PRO A 65 39.08 -9.40 -24.23
N ALA A 66 37.86 -8.84 -24.29
CA ALA A 66 36.73 -9.28 -23.48
C ALA A 66 36.21 -10.60 -24.02
N CYS A 67 35.37 -11.31 -23.24
CA CYS A 67 34.77 -12.57 -23.69
C CYS A 67 33.69 -12.30 -24.70
N TYR A 68 33.58 -13.16 -25.73
CA TYR A 68 32.56 -13.01 -26.77
C TYR A 68 31.19 -12.72 -26.15
N GLN A 69 30.51 -11.69 -26.67
CA GLN A 69 29.23 -11.24 -26.14
C GLN A 69 28.36 -10.54 -27.18
N MET A 70 27.05 -10.32 -26.83
CA MET A 70 26.11 -9.54 -27.65
C MET A 70 26.50 -8.12 -27.32
N VAL A 71 26.78 -7.34 -28.35
CA VAL A 71 27.20 -5.96 -28.18
C VAL A 71 25.98 -5.06 -28.38
N ASP A 72 25.83 -3.99 -27.57
CA ASP A 72 24.73 -3.02 -27.71
C ASP A 72 25.04 -1.97 -28.82
N THR A 73 24.43 -2.18 -29.98
CA THR A 73 24.59 -1.35 -31.17
C THR A 73 23.41 -0.39 -31.41
N SER A 74 22.56 -0.17 -30.37
CA SER A 74 21.36 0.69 -30.48
C SER A 74 21.68 2.14 -30.86
N TYR A 75 22.81 2.67 -30.32
CA TYR A 75 23.32 4.03 -30.57
C TYR A 75 24.86 4.03 -30.69
N PRO A 76 25.41 3.67 -31.87
CA PRO A 76 26.87 3.63 -32.01
C PRO A 76 27.65 4.91 -31.74
N GLY A 77 26.98 6.07 -31.71
CA GLY A 77 27.67 7.32 -31.47
C GLY A 77 27.31 7.99 -30.17
N PHE A 78 26.94 7.20 -29.14
CA PHE A 78 26.47 7.60 -27.82
C PHE A 78 27.22 6.86 -26.68
N GLN A 79 27.94 7.60 -25.76
CA GLN A 79 28.67 7.02 -24.60
C GLN A 79 27.76 6.30 -23.67
N GLY A 80 26.54 6.77 -23.51
CA GLY A 80 25.59 6.15 -22.60
C GLY A 80 25.46 4.64 -22.75
N THR A 81 25.50 4.18 -23.99
CA THR A 81 25.41 2.75 -24.34
C THR A 81 26.81 2.21 -24.62
N GLU A 82 27.61 2.98 -25.34
CA GLU A 82 28.94 2.58 -25.75
C GLU A 82 29.93 2.36 -24.61
N MET A 83 29.75 3.06 -23.47
CA MET A 83 30.61 2.94 -22.29
C MET A 83 30.60 1.55 -21.68
N TRP A 84 29.56 0.76 -21.99
CA TRP A 84 29.30 -0.58 -21.48
C TRP A 84 29.75 -1.69 -22.45
N ASN A 85 30.09 -1.31 -23.71
CA ASN A 85 30.50 -2.22 -24.77
C ASN A 85 32.00 -2.53 -24.70
N PRO A 86 32.44 -3.72 -25.24
CA PRO A 86 33.89 -4.08 -25.20
C PRO A 86 34.77 -3.09 -25.93
N ASN A 87 35.76 -2.51 -25.22
CA ASN A 87 36.65 -1.49 -25.79
C ASN A 87 37.97 -2.02 -26.36
N ARG A 88 38.35 -3.28 -26.07
CA ARG A 88 39.61 -3.84 -26.57
C ARG A 88 39.42 -5.15 -27.33
N GLY A 89 38.26 -5.31 -27.97
CA GLY A 89 37.92 -6.49 -28.75
C GLY A 89 37.35 -7.61 -27.91
N MET A 90 36.93 -8.70 -28.61
CA MET A 90 36.35 -9.95 -28.05
C MET A 90 37.04 -11.21 -28.59
N SER A 91 37.21 -12.21 -27.71
CA SER A 91 37.78 -13.52 -28.04
C SER A 91 37.36 -14.57 -27.01
N GLU A 92 37.48 -15.88 -27.35
CA GLU A 92 37.20 -16.95 -26.41
C GLU A 92 38.31 -16.99 -25.36
N ASP A 93 39.57 -16.75 -25.78
CA ASP A 93 40.73 -16.61 -24.90
C ASP A 93 40.59 -15.18 -24.28
N CYS A 94 39.96 -15.13 -23.10
CA CYS A 94 39.56 -13.90 -22.41
C CYS A 94 39.72 -13.96 -20.89
N LEU A 95 40.28 -15.07 -20.35
CA LEU A 95 40.42 -15.29 -18.91
C LEU A 95 41.70 -14.66 -18.35
N TYR A 96 41.58 -13.35 -18.05
CA TYR A 96 42.67 -12.49 -17.59
C TYR A 96 42.25 -11.51 -16.49
N LEU A 97 43.12 -11.30 -15.52
CA LEU A 97 42.88 -10.34 -14.48
C LEU A 97 43.86 -9.16 -14.65
N ASN A 98 43.42 -7.98 -14.21
CA ASN A 98 44.19 -6.74 -14.32
C ASN A 98 44.41 -6.24 -12.89
N ILE A 99 45.61 -5.70 -12.59
CA ILE A 99 46.02 -5.27 -11.23
C ILE A 99 46.66 -3.85 -11.22
N TRP A 100 46.23 -2.98 -10.28
CA TRP A 100 46.73 -1.61 -10.06
C TRP A 100 47.27 -1.52 -8.62
N VAL A 101 48.59 -1.29 -8.49
CA VAL A 101 49.38 -1.26 -7.27
C VAL A 101 49.90 0.16 -6.94
N PRO A 102 49.83 0.62 -5.66
CA PRO A 102 50.33 1.97 -5.34
C PRO A 102 51.85 2.14 -5.42
N SER A 103 52.30 3.40 -5.57
CA SER A 103 53.73 3.70 -5.64
C SER A 103 54.18 4.60 -4.49
N PRO A 104 55.17 4.15 -3.68
CA PRO A 104 55.92 2.88 -3.78
C PRO A 104 55.13 1.65 -3.33
N ARG A 105 55.42 0.47 -3.95
CA ARG A 105 54.78 -0.82 -3.69
C ARG A 105 54.60 -1.07 -2.19
N PRO A 106 53.37 -1.28 -1.69
CA PRO A 106 53.17 -1.50 -0.25
C PRO A 106 53.54 -2.91 0.21
N LYS A 107 53.31 -3.24 1.51
CA LYS A 107 53.69 -4.55 2.09
C LYS A 107 52.49 -5.51 2.22
N ASP A 108 51.47 -5.11 2.99
CA ASP A 108 50.26 -5.91 3.22
C ASP A 108 49.04 -4.98 3.07
N ALA A 109 48.92 -4.31 1.92
CA ALA A 109 47.83 -3.37 1.64
C ALA A 109 46.47 -4.06 1.35
N PRO A 110 45.31 -3.38 1.56
CA PRO A 110 44.01 -3.99 1.21
C PRO A 110 43.86 -4.28 -0.30
N VAL A 111 43.18 -5.39 -0.67
CA VAL A 111 42.96 -5.82 -2.06
C VAL A 111 41.45 -5.82 -2.46
N LEU A 112 41.02 -4.93 -3.39
CA LEU A 112 39.61 -4.87 -3.88
C LEU A 112 39.46 -5.63 -5.19
N VAL A 113 38.62 -6.70 -5.21
CA VAL A 113 38.43 -7.47 -6.46
C VAL A 113 37.06 -7.14 -7.13
N TRP A 114 37.11 -6.57 -8.35
CA TRP A 114 35.93 -6.16 -9.10
C TRP A 114 35.35 -7.27 -9.98
N ILE A 115 34.06 -7.58 -9.78
CA ILE A 115 33.31 -8.53 -10.60
C ILE A 115 32.29 -7.70 -11.36
N TYR A 116 32.49 -7.54 -12.66
CA TYR A 116 31.67 -6.71 -13.52
C TYR A 116 30.29 -7.29 -13.78
N GLY A 117 29.33 -6.38 -14.06
CA GLY A 117 27.96 -6.70 -14.41
C GLY A 117 27.80 -6.93 -15.90
N GLY A 118 26.56 -6.86 -16.37
CA GLY A 118 26.18 -7.10 -17.75
C GLY A 118 25.22 -8.24 -17.90
N GLY A 119 24.44 -8.55 -16.84
CA GLY A 119 23.45 -9.62 -16.80
C GLY A 119 23.89 -11.00 -17.27
N PHE A 120 25.18 -11.37 -17.03
CA PHE A 120 25.80 -12.66 -17.39
C PHE A 120 25.89 -12.92 -18.91
N TYR A 121 25.57 -11.91 -19.76
CA TYR A 121 25.65 -12.04 -21.23
C TYR A 121 26.67 -11.06 -21.82
N SER A 122 27.21 -10.15 -20.95
CA SER A 122 28.10 -9.06 -21.29
C SER A 122 28.98 -8.55 -20.14
N GLY A 123 29.92 -7.68 -20.49
CA GLY A 123 30.84 -7.05 -19.54
C GLY A 123 32.30 -7.19 -19.94
N ALA A 124 33.17 -6.35 -19.35
CA ALA A 124 34.62 -6.36 -19.58
C ALA A 124 35.30 -5.65 -18.43
N ALA A 125 36.42 -6.21 -17.93
CA ALA A 125 37.20 -5.61 -16.84
C ALA A 125 37.98 -4.38 -17.35
N SER A 126 38.18 -4.30 -18.69
CA SER A 126 38.91 -3.26 -19.42
C SER A 126 38.11 -1.96 -19.64
N LEU A 127 36.83 -1.88 -19.18
CA LEU A 127 36.04 -0.67 -19.36
C LEU A 127 36.65 0.50 -18.61
N ASP A 128 36.57 1.69 -19.20
CA ASP A 128 37.12 2.93 -18.64
C ASP A 128 36.52 3.27 -17.28
N VAL A 129 35.28 2.84 -17.06
CA VAL A 129 34.55 3.11 -15.85
C VAL A 129 35.03 2.21 -14.69
N TYR A 130 35.76 1.10 -15.02
CA TYR A 130 36.33 0.19 -14.02
C TYR A 130 37.90 0.32 -13.90
N ASP A 131 38.49 1.39 -14.46
CA ASP A 131 39.93 1.66 -14.37
C ASP A 131 40.25 1.99 -12.89
N GLY A 132 41.19 1.23 -12.34
CA GLY A 132 41.58 1.33 -10.92
C GLY A 132 42.55 2.39 -10.47
N ARG A 133 43.05 3.20 -11.42
CA ARG A 133 44.03 4.26 -11.18
C ARG A 133 43.76 5.16 -9.99
N PHE A 134 42.53 5.73 -9.89
CA PHE A 134 42.17 6.67 -8.84
C PHE A 134 41.98 6.07 -7.47
N LEU A 135 41.35 4.88 -7.37
CA LEU A 135 41.21 4.24 -6.07
C LEU A 135 42.58 3.80 -5.56
N THR A 136 43.43 3.25 -6.45
CA THR A 136 44.79 2.84 -6.09
C THR A 136 45.64 4.00 -5.58
N TYR A 137 45.64 5.12 -6.31
CA TYR A 137 46.44 6.27 -5.90
C TYR A 137 45.89 7.03 -4.68
N THR A 138 44.59 7.35 -4.67
CA THR A 138 43.99 8.13 -3.57
C THR A 138 43.79 7.32 -2.28
N GLN A 139 43.42 6.02 -2.39
CA GLN A 139 43.11 5.23 -1.21
C GLN A 139 44.22 4.26 -0.81
N ASN A 140 45.37 4.25 -1.55
CA ASN A 140 46.54 3.37 -1.28
C ASN A 140 46.00 1.94 -1.00
N VAL A 141 45.36 1.39 -2.03
CA VAL A 141 44.65 0.13 -2.04
C VAL A 141 45.10 -0.62 -3.30
N ILE A 142 45.04 -1.96 -3.32
CA ILE A 142 45.30 -2.68 -4.57
C ILE A 142 43.95 -2.97 -5.25
N LEU A 143 43.82 -2.59 -6.53
CA LEU A 143 42.61 -2.84 -7.29
C LEU A 143 42.84 -3.91 -8.36
N VAL A 144 42.13 -5.03 -8.22
CA VAL A 144 42.19 -6.15 -9.16
C VAL A 144 40.84 -6.23 -9.88
N SER A 145 40.84 -6.56 -11.18
CA SER A 145 39.61 -6.75 -11.92
C SER A 145 39.71 -8.07 -12.65
N LEU A 146 38.77 -8.97 -12.41
CA LEU A 146 38.79 -10.24 -13.11
C LEU A 146 37.86 -10.23 -14.32
N SER A 147 38.04 -11.23 -15.18
CA SER A 147 37.17 -11.47 -16.32
C SER A 147 36.57 -12.89 -16.22
N TYR A 148 35.30 -13.07 -16.63
CA TYR A 148 34.62 -14.34 -16.56
C TYR A 148 33.77 -14.55 -17.79
N ARG A 149 33.69 -15.79 -18.26
CA ARG A 149 32.89 -16.10 -19.44
C ARG A 149 31.44 -15.73 -19.21
N VAL A 150 30.80 -15.28 -20.28
CA VAL A 150 29.41 -14.84 -20.28
C VAL A 150 28.67 -15.54 -21.45
N GLY A 151 27.34 -15.47 -21.41
CA GLY A 151 26.50 -16.08 -22.44
C GLY A 151 26.47 -17.58 -22.32
N ALA A 152 26.11 -18.26 -23.42
CA ALA A 152 26.07 -19.72 -23.47
C ALA A 152 27.47 -20.25 -23.11
N PHE A 153 28.53 -19.53 -23.55
CA PHE A 153 29.93 -19.85 -23.29
C PHE A 153 30.23 -19.97 -21.81
N GLY A 154 29.61 -19.14 -20.99
CA GLY A 154 29.86 -19.17 -19.56
C GLY A 154 28.79 -19.85 -18.73
N PHE A 155 27.56 -20.03 -19.27
CA PHE A 155 26.46 -20.56 -18.44
C PHE A 155 25.47 -21.50 -19.15
N LEU A 156 25.87 -22.19 -20.25
CA LEU A 156 25.02 -23.18 -20.93
C LEU A 156 24.80 -24.30 -19.92
N GLY A 157 23.61 -24.33 -19.35
CA GLY A 157 23.23 -25.25 -18.28
C GLY A 157 22.74 -26.64 -18.65
N LEU A 158 23.58 -27.64 -18.36
CA LEU A 158 23.29 -29.06 -18.50
C LEU A 158 23.79 -29.70 -17.20
N PRO A 159 23.06 -29.53 -16.07
CA PRO A 159 23.55 -30.10 -14.81
C PRO A 159 23.73 -31.61 -14.85
N GLY A 160 24.82 -32.07 -14.24
CA GLY A 160 25.20 -33.48 -14.22
C GLY A 160 26.22 -33.81 -15.28
N SER A 161 26.04 -33.22 -16.50
CA SER A 161 26.92 -33.40 -17.66
C SER A 161 28.23 -32.65 -17.45
N PRO A 162 29.40 -33.28 -17.73
CA PRO A 162 30.68 -32.57 -17.53
C PRO A 162 31.00 -31.59 -18.68
N GLU A 163 30.36 -31.83 -19.85
CA GLU A 163 30.50 -31.08 -21.11
C GLU A 163 29.95 -29.62 -21.02
N ALA A 164 29.07 -29.35 -20.01
CA ALA A 164 28.45 -28.05 -19.70
C ALA A 164 27.92 -28.11 -18.23
N PRO A 165 28.82 -28.03 -17.19
CA PRO A 165 28.34 -28.16 -15.78
C PRO A 165 27.42 -27.06 -15.23
N GLY A 166 27.12 -26.05 -16.04
CA GLY A 166 26.17 -25.00 -15.73
C GLY A 166 26.60 -23.64 -15.19
N ASN A 167 27.57 -23.60 -14.30
CA ASN A 167 27.97 -22.33 -13.68
C ASN A 167 29.37 -21.90 -14.04
N MET A 168 29.88 -22.41 -15.17
CA MET A 168 31.23 -22.18 -15.70
C MET A 168 31.78 -20.77 -15.49
N GLY A 169 30.90 -19.76 -15.58
CA GLY A 169 31.24 -18.36 -15.41
C GLY A 169 31.66 -18.01 -14.00
N LEU A 170 30.91 -18.49 -13.00
CA LEU A 170 31.19 -18.28 -11.57
C LEU A 170 32.40 -19.13 -11.13
N LEU A 171 32.72 -20.15 -11.94
CA LEU A 171 33.91 -20.97 -11.70
C LEU A 171 35.11 -20.17 -12.15
N ASP A 172 35.02 -19.48 -13.33
CA ASP A 172 36.08 -18.61 -13.85
C ASP A 172 36.37 -17.56 -12.79
N GLN A 173 35.31 -16.96 -12.24
CA GLN A 173 35.44 -15.97 -11.18
C GLN A 173 36.18 -16.60 -10.00
N ARG A 174 35.78 -17.82 -9.60
CA ARG A 174 36.37 -18.53 -8.48
C ARG A 174 37.85 -18.79 -8.71
N LEU A 175 38.22 -19.29 -9.90
CA LEU A 175 39.59 -19.59 -10.30
C LEU A 175 40.49 -18.37 -10.18
N ALA A 176 39.96 -17.17 -10.48
CA ALA A 176 40.68 -15.89 -10.36
C ALA A 176 40.87 -15.54 -8.88
N LEU A 177 39.82 -15.74 -8.04
CA LEU A 177 39.87 -15.52 -6.59
C LEU A 177 40.91 -16.41 -5.93
N GLN A 178 41.01 -17.69 -6.41
CA GLN A 178 41.97 -18.70 -5.95
C GLN A 178 43.39 -18.24 -6.29
N TRP A 179 43.58 -17.69 -7.53
CA TRP A 179 44.81 -17.14 -8.06
C TRP A 179 45.26 -15.92 -7.25
N ILE A 180 44.35 -14.97 -6.95
CA ILE A 180 44.65 -13.76 -6.14
C ILE A 180 45.27 -14.16 -4.79
N GLN A 181 44.70 -15.18 -4.12
CA GLN A 181 45.19 -15.69 -2.83
C GLN A 181 46.65 -16.17 -2.89
N ASN A 182 46.97 -17.01 -3.92
CA ASN A 182 48.28 -17.62 -4.16
C ASN A 182 49.30 -16.66 -4.78
N ASN A 183 48.92 -15.43 -5.17
CA ASN A 183 49.85 -14.57 -5.89
C ASN A 183 49.75 -13.03 -5.63
N ILE A 184 48.94 -12.52 -4.67
CA ILE A 184 48.83 -11.06 -4.50
C ILE A 184 49.89 -10.44 -3.55
N HIS A 185 50.51 -11.24 -2.66
CA HIS A 185 51.52 -10.68 -1.76
C HIS A 185 52.77 -10.19 -2.56
N PRO A 186 53.26 -10.89 -3.64
CA PRO A 186 54.35 -10.33 -4.46
C PRO A 186 53.99 -8.98 -5.13
N PHE A 187 52.69 -8.60 -5.14
CA PHE A 187 52.27 -7.31 -5.69
C PHE A 187 52.16 -6.24 -4.58
N GLY A 188 52.39 -6.65 -3.34
CA GLY A 188 52.33 -5.79 -2.17
C GLY A 188 51.00 -5.74 -1.44
N GLY A 189 50.15 -6.75 -1.64
CA GLY A 189 48.85 -6.83 -1.00
C GLY A 189 48.69 -7.86 0.11
N ASN A 190 47.58 -7.80 0.83
CA ASN A 190 47.24 -8.73 1.92
C ASN A 190 46.05 -9.67 1.50
N PRO A 191 46.23 -11.02 1.37
CA PRO A 191 45.09 -11.87 0.93
C PRO A 191 44.04 -12.11 2.02
N ARG A 192 44.30 -11.55 3.22
CA ARG A 192 43.55 -11.58 4.48
C ARG A 192 42.60 -10.36 4.54
N ALA A 193 42.80 -9.44 3.58
CA ALA A 193 42.04 -8.20 3.45
C ALA A 193 41.47 -8.05 2.02
N VAL A 194 41.15 -9.20 1.36
CA VAL A 194 40.53 -9.26 0.03
C VAL A 194 39.00 -8.96 0.15
N THR A 195 38.57 -7.76 -0.26
CA THR A 195 37.18 -7.32 -0.22
C THR A 195 36.62 -7.44 -1.65
N VAL A 196 35.72 -8.42 -1.93
CA VAL A 196 35.14 -8.57 -3.29
C VAL A 196 34.00 -7.55 -3.50
N PHE A 197 33.84 -6.96 -4.73
CA PHE A 197 32.77 -5.98 -5.06
C PHE A 197 32.32 -6.02 -6.52
N GLY A 198 31.04 -5.78 -6.71
CA GLY A 198 30.43 -5.82 -8.04
C GLY A 198 29.10 -5.12 -8.17
N GLU A 199 28.71 -4.85 -9.44
CA GLU A 199 27.45 -4.18 -9.77
C GLU A 199 26.56 -5.06 -10.67
N SER A 200 25.21 -5.02 -10.47
CA SER A 200 24.20 -5.81 -11.21
C SER A 200 24.51 -7.31 -11.10
N ALA A 201 24.83 -8.00 -12.22
CA ALA A 201 25.19 -9.41 -12.27
C ALA A 201 26.47 -9.64 -11.52
N GLY A 202 27.27 -8.58 -11.39
CA GLY A 202 28.54 -8.59 -10.67
C GLY A 202 28.30 -8.78 -9.21
N ALA A 203 27.27 -8.05 -8.66
CA ALA A 203 26.85 -8.12 -7.26
C ALA A 203 26.12 -9.43 -7.02
N ALA A 204 25.38 -9.95 -8.03
CA ALA A 204 24.71 -11.26 -7.95
C ALA A 204 25.82 -12.33 -7.79
N SER A 205 26.92 -12.16 -8.56
CA SER A 205 28.10 -13.01 -8.54
C SER A 205 28.76 -12.94 -7.15
N VAL A 206 28.96 -11.73 -6.59
CA VAL A 206 29.53 -11.48 -5.26
C VAL A 206 28.73 -12.26 -4.23
N GLY A 207 27.40 -12.12 -4.31
CA GLY A 207 26.44 -12.82 -3.44
C GLY A 207 26.48 -14.32 -3.64
N MET A 208 26.72 -14.77 -4.87
CA MET A 208 26.85 -16.18 -5.19
C MET A 208 28.20 -16.73 -4.68
N HIS A 209 29.12 -15.84 -4.26
CA HIS A 209 30.41 -16.24 -3.65
C HIS A 209 30.28 -16.26 -2.13
N LEU A 210 29.40 -15.40 -1.57
CA LEU A 210 29.09 -15.41 -0.13
C LEU A 210 28.26 -16.69 0.16
N LEU A 211 27.55 -17.19 -0.87
CA LEU A 211 26.70 -18.35 -0.69
C LEU A 211 27.35 -19.68 -0.98
N SER A 212 28.01 -19.86 -2.15
CA SER A 212 28.62 -21.16 -2.50
C SER A 212 29.81 -21.58 -1.64
N THR A 213 29.93 -22.92 -1.48
CA THR A 213 30.85 -23.72 -0.66
C THR A 213 32.38 -23.62 -0.58
N GLN A 214 33.07 -23.92 -1.69
CA GLN A 214 34.51 -23.73 -1.89
C GLN A 214 34.83 -22.36 -2.56
N SER A 215 34.13 -21.30 -2.14
CA SER A 215 34.30 -19.97 -2.72
C SER A 215 34.01 -18.87 -1.69
N ARG A 216 34.08 -19.21 -0.37
CA ARG A 216 33.78 -18.24 0.71
C ARG A 216 34.98 -17.96 1.59
N THR A 217 36.04 -18.76 1.47
CA THR A 217 37.32 -18.64 2.18
C THR A 217 38.28 -17.76 1.37
N LEU A 218 37.91 -17.52 0.09
CA LEU A 218 38.69 -16.79 -0.90
C LEU A 218 38.67 -15.24 -0.71
N PHE A 219 37.89 -14.70 0.25
CA PHE A 219 37.81 -13.26 0.52
C PHE A 219 37.39 -12.99 1.96
N GLN A 220 37.56 -11.75 2.44
CA GLN A 220 37.23 -11.34 3.81
C GLN A 220 35.91 -10.55 3.85
N ARG A 221 35.70 -9.60 2.89
CA ARG A 221 34.50 -8.76 2.86
C ARG A 221 33.81 -8.66 1.49
N ALA A 222 32.61 -8.01 1.46
CA ALA A 222 31.76 -7.93 0.27
C ALA A 222 31.01 -6.62 0.07
N ILE A 223 30.92 -6.19 -1.19
CA ILE A 223 30.12 -5.04 -1.61
C ILE A 223 29.24 -5.49 -2.77
N LEU A 224 27.91 -5.31 -2.62
CA LEU A 224 26.90 -5.63 -3.63
C LEU A 224 26.26 -4.29 -4.04
N GLN A 225 26.57 -3.84 -5.28
CA GLN A 225 26.09 -2.57 -5.81
C GLN A 225 25.00 -2.82 -6.84
N SER A 226 23.77 -2.32 -6.56
CA SER A 226 22.58 -2.47 -7.41
C SER A 226 22.32 -3.91 -7.88
N GLY A 227 22.47 -4.88 -6.97
CA GLY A 227 22.27 -6.30 -7.28
C GLY A 227 22.35 -7.21 -6.07
N GLY A 228 21.73 -8.39 -6.22
CA GLY A 228 21.67 -9.45 -5.22
C GLY A 228 21.54 -10.82 -5.87
N PRO A 229 22.07 -11.92 -5.25
CA PRO A 229 22.00 -13.25 -5.89
C PRO A 229 20.59 -13.85 -6.03
N ASN A 230 19.69 -13.38 -5.17
CA ASN A 230 18.28 -13.77 -5.05
C ASN A 230 17.37 -12.92 -5.98
N ALA A 231 17.97 -12.23 -6.97
CA ALA A 231 17.24 -11.42 -7.94
C ALA A 231 16.55 -12.33 -8.91
N PRO A 232 15.33 -11.98 -9.38
CA PRO A 232 14.58 -12.91 -10.24
C PRO A 232 15.25 -13.33 -11.54
N TRP A 233 16.08 -12.44 -12.13
CA TRP A 233 16.80 -12.63 -13.40
C TRP A 233 18.12 -13.36 -13.24
N ALA A 234 18.62 -13.48 -11.98
CA ALA A 234 19.94 -14.01 -11.59
C ALA A 234 20.12 -15.51 -11.63
N THR A 235 19.06 -16.29 -11.36
CA THR A 235 19.15 -17.74 -11.27
C THR A 235 18.12 -18.50 -12.17
N VAL A 236 18.41 -19.78 -12.50
CA VAL A 236 17.49 -20.60 -13.31
C VAL A 236 17.31 -22.03 -12.78
N THR A 237 16.12 -22.58 -13.02
CA THR A 237 15.75 -23.94 -12.69
C THR A 237 16.52 -24.85 -13.63
N PRO A 238 17.11 -25.96 -13.11
CA PRO A 238 17.86 -26.87 -13.98
C PRO A 238 17.06 -27.36 -15.18
N ALA A 239 15.74 -27.54 -15.01
CA ALA A 239 14.85 -27.94 -16.09
C ALA A 239 14.74 -26.83 -17.16
N GLU A 240 14.70 -25.52 -16.75
CA GLU A 240 14.65 -24.41 -17.71
C GLU A 240 15.97 -24.28 -18.47
N SER A 241 17.13 -24.23 -17.75
CA SER A 241 18.47 -24.13 -18.36
C SER A 241 18.73 -25.22 -19.42
N ARG A 242 18.11 -26.39 -19.21
CA ARG A 242 18.19 -27.52 -20.13
C ARG A 242 17.33 -27.22 -21.37
N GLY A 243 16.08 -26.79 -21.15
CA GLY A 243 15.16 -26.40 -22.23
C GLY A 243 15.75 -25.32 -23.11
N ARG A 244 16.51 -24.39 -22.46
CA ARG A 244 17.21 -23.27 -23.10
C ARG A 244 18.38 -23.76 -23.98
N ALA A 245 19.21 -24.65 -23.41
CA ALA A 245 20.34 -25.23 -24.13
C ALA A 245 19.87 -26.03 -25.37
N ALA A 246 18.79 -26.82 -25.26
CA ALA A 246 18.25 -27.63 -26.35
C ALA A 246 17.71 -26.78 -27.51
N LEU A 247 16.97 -25.70 -27.16
CA LEU A 247 16.40 -24.77 -28.13
C LEU A 247 17.51 -24.10 -28.92
N LEU A 248 18.66 -23.76 -28.26
CA LEU A 248 19.84 -23.19 -28.91
C LEU A 248 20.30 -24.13 -30.04
N GLY A 249 20.43 -25.42 -29.71
CA GLY A 249 20.78 -26.47 -30.65
C GLY A 249 19.83 -26.50 -31.84
N LYS A 250 18.49 -26.56 -31.56
CA LYS A 250 17.43 -26.58 -32.59
C LYS A 250 17.45 -25.32 -33.51
N GLN A 251 17.72 -24.13 -32.91
CA GLN A 251 17.80 -22.83 -33.61
C GLN A 251 19.01 -22.79 -34.55
N LEU A 252 20.08 -23.48 -34.12
CA LEU A 252 21.32 -23.60 -34.88
C LEU A 252 21.34 -24.83 -35.82
N GLY A 253 20.18 -25.48 -35.96
CA GLY A 253 19.99 -26.63 -36.85
C GLY A 253 20.69 -27.91 -36.44
N CYS A 254 20.92 -28.08 -35.12
CA CYS A 254 21.56 -29.27 -34.55
C CYS A 254 20.65 -30.49 -34.59
N HIS A 255 21.28 -31.67 -34.64
CA HIS A 255 20.65 -32.98 -34.61
C HIS A 255 21.36 -33.67 -33.44
N PHE A 256 20.61 -33.94 -32.35
CA PHE A 256 21.16 -34.55 -31.14
C PHE A 256 20.16 -35.47 -30.42
N ASN A 257 20.67 -36.61 -29.91
CA ASN A 257 19.93 -37.61 -29.16
C ASN A 257 20.41 -37.55 -27.70
N ASN A 258 21.73 -37.81 -27.46
CA ASN A 258 22.40 -37.76 -26.15
C ASN A 258 22.45 -36.32 -25.64
N ASP A 259 22.87 -36.14 -24.36
CA ASP A 259 23.03 -34.83 -23.76
C ASP A 259 24.36 -34.19 -24.21
N SER A 260 25.43 -35.01 -24.33
CA SER A 260 26.77 -34.59 -24.77
C SER A 260 26.84 -34.46 -26.30
N GLU A 261 25.86 -35.07 -27.03
CA GLU A 261 25.72 -35.01 -28.49
C GLU A 261 25.36 -33.57 -28.87
N LEU A 262 24.66 -32.86 -27.95
CA LEU A 262 24.26 -31.46 -28.05
C LEU A 262 25.50 -30.57 -27.99
N VAL A 263 26.26 -30.64 -26.88
CA VAL A 263 27.47 -29.84 -26.66
C VAL A 263 28.46 -29.96 -27.84
N SER A 264 28.66 -31.18 -28.40
CA SER A 264 29.55 -31.41 -29.54
C SER A 264 29.15 -30.53 -30.76
N CYS A 265 27.83 -30.50 -31.07
CA CYS A 265 27.27 -29.72 -32.19
C CYS A 265 27.49 -28.21 -31.97
N LEU A 266 27.30 -27.74 -30.73
CA LEU A 266 27.48 -26.32 -30.37
C LEU A 266 28.95 -25.90 -30.40
N ARG A 267 29.87 -26.77 -29.92
CA ARG A 267 31.32 -26.52 -29.89
C ARG A 267 31.90 -26.21 -31.27
N SER A 268 31.18 -26.61 -32.36
CA SER A 268 31.55 -26.43 -33.77
C SER A 268 31.08 -25.09 -34.35
N LYS A 269 29.85 -24.68 -34.00
CA LYS A 269 29.23 -23.43 -34.43
C LYS A 269 30.10 -22.21 -34.06
N ASN A 270 30.26 -21.26 -35.02
CA ASN A 270 31.05 -20.03 -34.85
C ASN A 270 30.54 -19.19 -33.68
N PRO A 271 31.41 -18.53 -32.88
CA PRO A 271 30.92 -17.78 -31.70
C PRO A 271 29.79 -16.76 -31.96
N GLN A 272 29.80 -16.06 -33.12
CA GLN A 272 28.75 -15.10 -33.49
C GLN A 272 27.45 -15.78 -33.89
N GLU A 273 27.52 -16.99 -34.50
CA GLU A 273 26.36 -17.80 -34.91
C GLU A 273 25.52 -18.11 -33.68
N LEU A 274 26.20 -18.51 -32.58
CA LEU A 274 25.58 -18.82 -31.29
C LEU A 274 24.97 -17.59 -30.63
N ILE A 275 25.72 -16.45 -30.55
CA ILE A 275 25.25 -15.19 -29.96
C ILE A 275 23.97 -14.71 -30.68
N ASP A 276 23.97 -14.74 -32.02
CA ASP A 276 22.83 -14.36 -32.88
C ASP A 276 21.51 -15.15 -32.62
N GLU A 277 21.59 -16.29 -31.92
CA GLU A 277 20.44 -17.14 -31.58
C GLU A 277 20.18 -17.20 -30.07
N GLU A 278 21.15 -16.78 -29.23
CA GLU A 278 21.11 -16.84 -27.77
C GLU A 278 19.86 -16.25 -27.11
N TRP A 279 19.27 -15.19 -27.66
CA TRP A 279 18.12 -14.54 -27.03
C TRP A 279 16.78 -15.15 -27.43
N SER A 280 16.75 -15.96 -28.51
CA SER A 280 15.53 -16.66 -28.95
C SER A 280 15.08 -17.78 -28.00
N VAL A 281 15.93 -18.15 -27.01
CA VAL A 281 15.65 -19.19 -26.03
C VAL A 281 14.71 -18.73 -24.94
N LEU A 282 14.72 -17.41 -24.59
CA LEU A 282 13.86 -16.82 -23.55
C LEU A 282 12.41 -17.20 -23.79
N PRO A 283 11.69 -17.61 -22.72
CA PRO A 283 10.32 -18.11 -22.91
C PRO A 283 9.21 -17.07 -23.09
N TYR A 284 9.47 -15.80 -22.71
CA TYR A 284 8.44 -14.76 -22.81
C TYR A 284 8.94 -13.45 -23.43
N LYS A 285 8.00 -12.54 -23.78
CA LYS A 285 8.29 -11.17 -24.24
C LYS A 285 8.56 -10.50 -22.91
N SER A 286 9.82 -10.13 -22.65
CA SER A 286 10.21 -9.61 -21.35
C SER A 286 11.31 -8.57 -21.38
N ILE A 287 11.60 -8.00 -20.21
CA ILE A 287 12.74 -7.12 -19.96
C ILE A 287 13.40 -7.62 -18.68
N PHE A 288 14.68 -7.27 -18.48
CA PHE A 288 15.49 -7.66 -17.32
C PHE A 288 15.52 -9.17 -17.11
N ARG A 289 15.40 -9.94 -18.20
CA ARG A 289 15.48 -11.40 -18.14
C ARG A 289 16.53 -11.80 -19.17
N PHE A 290 17.62 -12.45 -18.68
CA PHE A 290 18.79 -12.85 -19.47
C PHE A 290 18.78 -14.35 -19.83
N PRO A 291 19.21 -14.74 -21.06
CA PRO A 291 19.08 -16.15 -21.47
C PRO A 291 19.96 -17.15 -20.69
N PHE A 292 21.30 -17.04 -20.74
CA PHE A 292 22.18 -17.98 -20.03
C PHE A 292 22.74 -17.34 -18.78
N VAL A 293 22.23 -17.80 -17.66
CA VAL A 293 22.51 -17.28 -16.32
C VAL A 293 22.79 -18.44 -15.36
N PRO A 294 23.35 -18.17 -14.14
CA PRO A 294 23.62 -19.26 -13.18
C PRO A 294 22.47 -20.24 -12.92
N VAL A 295 22.77 -21.55 -12.95
CA VAL A 295 21.76 -22.59 -12.75
C VAL A 295 21.95 -23.31 -11.43
N ILE A 296 20.84 -23.59 -10.72
CA ILE A 296 20.86 -24.35 -9.46
C ILE A 296 20.98 -25.82 -9.84
N ASP A 297 22.26 -26.31 -9.82
CA ASP A 297 22.70 -27.65 -10.20
C ASP A 297 22.54 -28.73 -9.09
N GLY A 298 23.06 -28.44 -7.90
CA GLY A 298 23.03 -29.36 -6.76
C GLY A 298 24.33 -29.39 -6.00
N ASP A 299 25.42 -28.90 -6.64
CA ASP A 299 26.77 -28.82 -6.10
C ASP A 299 27.16 -27.36 -5.80
N PHE A 300 27.30 -26.51 -6.88
CA PHE A 300 27.61 -25.08 -6.74
C PHE A 300 26.45 -24.48 -5.98
N PHE A 301 25.21 -24.71 -6.47
CA PHE A 301 24.00 -24.31 -5.78
C PHE A 301 23.31 -25.55 -5.23
N PRO A 302 23.40 -25.79 -3.89
CA PRO A 302 22.71 -26.98 -3.31
C PRO A 302 21.18 -26.80 -3.21
N ASP A 303 20.72 -25.57 -3.40
CA ASP A 303 19.32 -25.11 -3.43
C ASP A 303 19.31 -23.68 -4.03
N THR A 304 18.19 -22.95 -3.92
CA THR A 304 18.10 -21.60 -4.45
C THR A 304 18.76 -20.60 -3.49
N PRO A 305 19.30 -19.47 -4.01
CA PRO A 305 19.85 -18.44 -3.12
C PRO A 305 18.83 -17.92 -2.12
N GLU A 306 17.54 -17.89 -2.49
CA GLU A 306 16.41 -17.49 -1.66
C GLU A 306 16.36 -18.42 -0.44
N ALA A 307 16.28 -19.75 -0.70
CA ALA A 307 16.28 -20.82 0.29
C ALA A 307 17.53 -20.76 1.16
N MET A 308 18.73 -20.53 0.54
CA MET A 308 20.02 -20.43 1.24
C MET A 308 20.11 -19.21 2.17
N LEU A 309 19.70 -18.03 1.70
CA LEU A 309 19.70 -16.80 2.49
C LEU A 309 18.73 -16.93 3.65
N SER A 310 17.57 -17.58 3.39
CA SER A 310 16.52 -17.79 4.38
C SER A 310 17.01 -18.73 5.50
N SER A 311 17.58 -19.89 5.13
CA SER A 311 18.11 -20.87 6.08
C SER A 311 19.42 -20.42 6.77
N GLY A 312 20.18 -19.55 6.12
CA GLY A 312 21.45 -19.04 6.61
C GLY A 312 22.69 -19.76 6.09
N ASN A 313 22.53 -20.59 5.03
CA ASN A 313 23.60 -21.36 4.42
C ASN A 313 24.44 -20.40 3.57
N PHE A 314 25.40 -19.72 4.24
CA PHE A 314 26.28 -18.72 3.63
C PHE A 314 27.48 -18.32 4.51
N LYS A 315 28.34 -17.45 4.00
CA LYS A 315 29.48 -16.91 4.75
C LYS A 315 29.02 -15.72 5.60
N GLU A 316 29.15 -15.80 6.92
CA GLU A 316 28.78 -14.68 7.78
C GLU A 316 29.96 -13.70 7.85
N THR A 317 29.81 -12.51 7.22
CA THR A 317 30.81 -11.42 7.19
C THR A 317 30.15 -10.03 6.93
N GLN A 318 30.92 -8.90 7.13
CA GLN A 318 30.47 -7.51 6.90
C GLN A 318 30.11 -7.29 5.44
N VAL A 319 28.98 -6.57 5.19
CA VAL A 319 28.47 -6.30 3.84
C VAL A 319 28.04 -4.85 3.69
N LEU A 320 28.50 -4.21 2.57
CA LEU A 320 28.08 -2.88 2.11
C LEU A 320 27.23 -3.14 0.88
N LEU A 321 26.00 -2.61 0.89
CA LEU A 321 24.98 -2.77 -0.14
C LEU A 321 24.42 -1.42 -0.49
N GLY A 322 23.67 -1.35 -1.58
CA GLY A 322 23.02 -0.11 -1.96
C GLY A 322 22.45 -0.13 -3.35
N VAL A 323 21.74 0.97 -3.69
CA VAL A 323 21.03 1.20 -4.95
C VAL A 323 21.21 2.66 -5.46
N VAL A 324 20.77 2.92 -6.72
CA VAL A 324 20.71 4.22 -7.39
C VAL A 324 19.25 4.65 -7.32
N LYS A 325 18.96 5.95 -7.49
CA LYS A 325 17.59 6.46 -7.44
C LYS A 325 16.67 5.83 -8.51
N ASP A 326 17.16 5.69 -9.77
CA ASP A 326 16.35 5.11 -10.87
C ASP A 326 16.99 3.83 -11.46
N GLU A 327 16.73 2.70 -10.83
CA GLU A 327 17.29 1.41 -11.21
C GLU A 327 16.73 0.89 -12.51
N GLY A 328 15.42 0.99 -12.63
CA GLY A 328 14.67 0.48 -13.77
C GLY A 328 14.78 1.20 -15.10
N SER A 329 14.86 2.54 -15.08
CA SER A 329 14.85 3.42 -16.26
C SER A 329 15.71 2.92 -17.46
N TYR A 330 16.89 2.40 -17.23
CA TYR A 330 17.75 1.90 -18.31
C TYR A 330 17.08 0.75 -19.07
N PHE A 331 16.40 -0.15 -18.35
CA PHE A 331 15.78 -1.36 -18.89
C PHE A 331 14.50 -1.12 -19.62
N LEU A 332 13.86 0.01 -19.38
CA LEU A 332 12.55 0.28 -19.97
C LEU A 332 12.60 0.49 -21.47
N ILE A 333 13.70 1.15 -21.96
CA ILE A 333 13.96 1.56 -23.33
C ILE A 333 14.47 0.43 -24.24
N TYR A 334 14.53 -0.78 -23.68
CA TYR A 334 14.94 -1.99 -24.38
C TYR A 334 13.77 -2.98 -24.46
N GLY A 335 12.61 -2.49 -24.88
CA GLY A 335 11.46 -3.37 -25.06
C GLY A 335 10.08 -2.81 -24.79
N LEU A 336 9.90 -2.15 -23.64
CA LEU A 336 8.60 -1.67 -23.20
C LEU A 336 7.99 -0.71 -24.17
N PRO A 337 6.70 -0.90 -24.50
CA PRO A 337 6.07 -0.04 -25.53
C PRO A 337 5.96 1.43 -25.15
N GLY A 338 6.37 2.28 -26.08
CA GLY A 338 6.32 3.73 -25.93
C GLY A 338 7.50 4.40 -25.27
N PHE A 339 8.51 3.60 -24.90
CA PHE A 339 9.70 4.08 -24.22
C PHE A 339 10.84 4.38 -25.15
N SER A 340 11.50 5.52 -24.92
CA SER A 340 12.70 5.97 -25.61
C SER A 340 13.47 6.96 -24.73
N LYS A 341 14.81 7.02 -24.94
CA LYS A 341 15.66 8.00 -24.30
C LYS A 341 15.55 9.28 -25.13
N ASP A 342 14.93 9.17 -26.31
CA ASP A 342 14.82 10.26 -27.24
C ASP A 342 13.48 10.96 -27.23
N ASN A 343 12.70 10.70 -26.17
CA ASN A 343 11.40 11.32 -25.94
C ASN A 343 11.07 11.22 -24.45
N GLU A 344 9.96 11.80 -24.02
CA GLU A 344 9.57 11.87 -22.62
C GLU A 344 9.00 10.57 -22.08
N SER A 345 8.74 9.56 -22.96
CA SER A 345 8.25 8.23 -22.63
C SER A 345 6.95 8.27 -21.80
N LEU A 346 6.04 9.23 -22.17
CA LEU A 346 4.71 9.47 -21.59
C LEU A 346 3.75 8.43 -22.15
N ILE A 347 3.88 7.22 -21.63
CA ILE A 347 3.15 6.02 -22.01
C ILE A 347 1.70 6.02 -21.52
N SER A 348 0.79 5.49 -22.37
CA SER A 348 -0.63 5.36 -22.11
C SER A 348 -0.93 4.30 -21.06
N ARG A 349 -2.18 4.22 -20.61
CA ARG A 349 -2.60 3.18 -19.69
C ARG A 349 -2.47 1.83 -20.40
N ALA A 350 -2.78 1.80 -21.72
CA ALA A 350 -2.67 0.58 -22.53
C ALA A 350 -1.25 0.04 -22.48
N ASP A 351 -0.27 0.94 -22.77
CA ASP A 351 1.18 0.68 -22.79
C ASP A 351 1.70 0.30 -21.43
N PHE A 352 1.20 0.93 -20.36
CA PHE A 352 1.58 0.67 -18.98
C PHE A 352 1.24 -0.77 -18.62
N LEU A 353 0.07 -1.23 -19.01
CA LEU A 353 -0.37 -2.58 -18.71
C LEU A 353 0.44 -3.64 -19.38
N GLU A 354 0.82 -3.45 -20.68
CA GLU A 354 1.65 -4.40 -21.41
C GLU A 354 3.06 -4.39 -20.84
N GLY A 355 3.50 -3.21 -20.36
CA GLY A 355 4.77 -3.02 -19.66
C GLY A 355 4.82 -3.77 -18.35
N VAL A 356 3.68 -3.91 -17.64
CA VAL A 356 3.63 -4.68 -16.39
C VAL A 356 3.78 -6.16 -16.73
N ARG A 357 3.03 -6.63 -17.75
CA ARG A 357 3.07 -8.03 -18.24
C ARG A 357 4.52 -8.41 -18.68
N MET A 358 5.29 -7.47 -19.29
CA MET A 358 6.68 -7.72 -19.69
C MET A 358 7.66 -7.69 -18.51
N SER A 359 7.28 -7.06 -17.38
CA SER A 359 8.14 -6.95 -16.19
C SER A 359 7.99 -8.14 -15.24
N VAL A 360 6.76 -8.68 -15.05
CA VAL A 360 6.47 -9.91 -14.29
C VAL A 360 6.02 -10.94 -15.37
N PRO A 361 6.96 -11.53 -16.16
CA PRO A 361 6.52 -12.38 -17.30
C PRO A 361 5.96 -13.74 -16.92
N HIS A 362 6.45 -14.32 -15.82
CA HIS A 362 6.01 -15.63 -15.34
C HIS A 362 4.69 -15.51 -14.55
N ALA A 363 4.20 -14.28 -14.38
CA ALA A 363 2.98 -14.02 -13.61
C ALA A 363 1.70 -14.33 -14.34
N ASN A 364 0.73 -14.92 -13.61
CA ASN A 364 -0.65 -15.19 -14.04
C ASN A 364 -1.43 -13.91 -13.91
N ASP A 365 -2.72 -13.91 -14.29
CA ASP A 365 -3.52 -12.70 -14.27
C ASP A 365 -3.72 -12.10 -12.87
N ILE A 366 -3.91 -12.97 -11.86
CA ILE A 366 -4.09 -12.49 -10.50
C ILE A 366 -2.82 -11.80 -9.95
N ALA A 367 -1.62 -12.33 -10.23
CA ALA A 367 -0.37 -11.70 -9.80
C ALA A 367 -0.14 -10.37 -10.51
N THR A 368 -0.52 -10.27 -11.81
CA THR A 368 -0.42 -9.04 -12.61
C THR A 368 -1.37 -7.99 -11.98
N ASP A 369 -2.58 -8.43 -11.59
CA ASP A 369 -3.55 -7.56 -10.93
C ASP A 369 -2.98 -6.96 -9.65
N ALA A 370 -2.24 -7.76 -8.87
CA ALA A 370 -1.60 -7.32 -7.63
C ALA A 370 -0.53 -6.24 -7.89
N VAL A 371 0.27 -6.43 -8.95
CA VAL A 371 1.32 -5.46 -9.30
C VAL A 371 0.64 -4.16 -9.75
N VAL A 372 -0.47 -4.27 -10.54
CA VAL A 372 -1.23 -3.13 -11.01
C VAL A 372 -1.88 -2.39 -9.79
N LEU A 373 -2.45 -3.11 -8.80
CA LEU A 373 -3.01 -2.50 -7.58
C LEU A 373 -2.02 -1.57 -6.82
N GLN A 374 -0.77 -2.05 -6.56
CA GLN A 374 0.23 -1.31 -5.78
C GLN A 374 0.75 -0.09 -6.48
N TYR A 375 0.95 -0.19 -7.81
CA TYR A 375 1.54 0.85 -8.64
C TYR A 375 0.53 1.71 -9.43
N THR A 376 -0.74 1.70 -9.05
CA THR A 376 -1.71 2.57 -9.68
C THR A 376 -2.18 3.59 -8.65
N ASP A 377 -2.34 4.83 -9.10
CA ASP A 377 -2.92 5.93 -8.34
C ASP A 377 -4.40 5.82 -8.74
N TRP A 378 -5.22 5.35 -7.81
CA TRP A 378 -6.63 5.09 -8.10
C TRP A 378 -7.51 6.38 -8.14
N GLN A 379 -6.87 7.53 -7.95
CA GLN A 379 -7.46 8.86 -8.00
C GLN A 379 -7.10 9.50 -9.38
N ASP A 380 -5.92 9.14 -9.93
CA ASP A 380 -5.39 9.64 -11.21
C ASP A 380 -4.79 8.53 -12.05
N GLN A 381 -5.61 7.60 -12.55
CA GLN A 381 -5.18 6.43 -13.32
C GLN A 381 -4.58 6.70 -14.69
N ASP A 382 -5.05 7.72 -15.41
CA ASP A 382 -4.59 7.95 -16.78
C ASP A 382 -3.45 9.00 -16.94
N ASN A 383 -2.68 9.26 -15.87
CA ASN A 383 -1.56 10.19 -15.91
C ASN A 383 -0.34 9.47 -16.55
N ARG A 384 0.10 9.95 -17.71
CA ARG A 384 1.20 9.36 -18.46
C ARG A 384 2.56 9.51 -17.76
N GLU A 385 2.75 10.57 -16.96
CA GLU A 385 3.95 10.77 -16.15
C GLU A 385 3.99 9.79 -14.96
N LYS A 386 2.82 9.51 -14.34
CA LYS A 386 2.75 8.55 -13.23
C LYS A 386 2.95 7.12 -13.72
N ASN A 387 2.38 6.75 -14.89
CA ASN A 387 2.55 5.45 -15.53
C ASN A 387 4.04 5.17 -15.83
N ARG A 388 4.76 6.17 -16.34
CA ARG A 388 6.18 6.08 -16.63
C ARG A 388 6.96 5.87 -15.31
N GLU A 389 6.68 6.74 -14.30
CA GLU A 389 7.31 6.62 -12.98
C GLU A 389 7.01 5.26 -12.33
N ALA A 390 5.76 4.78 -12.45
CA ALA A 390 5.31 3.49 -11.94
C ALA A 390 6.10 2.31 -12.53
N LEU A 391 6.34 2.29 -13.89
CA LEU A 391 7.09 1.20 -14.51
C LEU A 391 8.53 1.21 -14.05
N ASP A 392 9.15 2.40 -14.03
CA ASP A 392 10.51 2.62 -13.54
C ASP A 392 10.65 2.02 -12.13
N ASP A 393 9.59 2.16 -11.31
CA ASP A 393 9.51 1.60 -9.96
C ASP A 393 9.29 0.07 -9.98
N ILE A 394 8.36 -0.48 -10.80
CA ILE A 394 8.13 -1.94 -10.87
C ILE A 394 9.41 -2.67 -11.20
N VAL A 395 10.08 -2.23 -12.27
CA VAL A 395 11.31 -2.79 -12.82
C VAL A 395 12.48 -2.66 -11.83
N GLY A 396 12.62 -1.50 -11.21
CA GLY A 396 13.64 -1.23 -10.21
C GLY A 396 13.44 -2.06 -8.95
N ASP A 397 12.19 -2.07 -8.42
CA ASP A 397 11.83 -2.81 -7.22
C ASP A 397 11.92 -4.33 -7.42
N HIS A 398 11.20 -4.86 -8.42
CA HIS A 398 11.18 -6.31 -8.66
C HIS A 398 12.56 -6.94 -8.88
N ASN A 399 13.39 -6.32 -9.77
CA ASN A 399 14.67 -6.83 -10.20
C ASN A 399 15.86 -6.38 -9.42
N VAL A 400 15.81 -5.19 -8.79
CA VAL A 400 17.03 -4.69 -8.13
C VAL A 400 16.87 -4.44 -6.66
N ILE A 401 16.10 -3.39 -6.28
CA ILE A 401 15.93 -2.94 -4.88
C ILE A 401 15.33 -4.01 -3.96
N CYS A 402 14.32 -4.76 -4.42
CA CYS A 402 13.69 -5.69 -3.49
C CYS A 402 14.51 -6.93 -3.23
N PRO A 403 15.14 -7.59 -4.22
CA PRO A 403 16.08 -8.68 -3.88
C PRO A 403 17.17 -8.24 -2.87
N VAL A 404 17.74 -7.01 -3.06
CA VAL A 404 18.76 -6.37 -2.19
C VAL A 404 18.25 -6.24 -0.75
N VAL A 405 17.00 -5.78 -0.54
CA VAL A 405 16.39 -5.62 0.81
C VAL A 405 16.19 -7.01 1.47
N GLN A 406 15.80 -8.06 0.70
CA GLN A 406 15.64 -9.44 1.21
C GLN A 406 17.01 -9.98 1.63
N PHE A 407 18.06 -9.68 0.84
CA PHE A 407 19.44 -10.08 1.10
C PHE A 407 19.90 -9.42 2.41
N ALA A 408 19.71 -8.10 2.51
CA ALA A 408 20.07 -7.25 3.63
C ALA A 408 19.32 -7.58 4.91
N ASN A 409 18.08 -8.08 4.79
CA ASN A 409 17.26 -8.48 5.93
C ASN A 409 17.75 -9.85 6.40
N ASP A 410 17.92 -10.83 5.46
CA ASP A 410 18.41 -12.19 5.74
C ASP A 410 19.87 -12.17 6.28
N TYR A 411 20.69 -11.17 5.90
CA TYR A 411 22.07 -11.02 6.39
C TYR A 411 22.11 -10.51 7.83
N ALA A 412 21.26 -9.53 8.18
CA ALA A 412 21.17 -9.01 9.56
C ALA A 412 20.43 -10.02 10.48
N LYS A 413 19.75 -11.05 9.86
CA LYS A 413 19.08 -12.17 10.56
C LYS A 413 20.17 -13.14 11.07
N ARG A 414 21.36 -12.58 11.33
CA ARG A 414 22.56 -13.21 11.85
C ARG A 414 23.48 -12.25 12.65
N ASN A 415 22.97 -11.04 13.04
CA ASN A 415 23.73 -9.95 13.72
C ASN A 415 24.95 -9.40 12.91
N SER A 416 25.00 -9.64 11.56
CA SER A 416 26.07 -9.16 10.68
C SER A 416 25.91 -7.66 10.49
N LYS A 417 27.01 -6.89 10.58
CA LYS A 417 27.00 -5.44 10.33
C LYS A 417 26.82 -5.24 8.83
N VAL A 418 25.63 -4.79 8.42
CA VAL A 418 25.25 -4.52 7.04
C VAL A 418 25.14 -3.00 6.92
N TYR A 419 25.76 -2.42 5.87
CA TYR A 419 25.75 -0.97 5.63
C TYR A 419 25.09 -0.67 4.26
N ALA A 420 24.03 0.17 4.27
CA ALA A 420 23.25 0.46 3.07
C ALA A 420 23.31 1.91 2.61
N TYR A 421 23.43 2.10 1.28
CA TYR A 421 23.44 3.44 0.68
C TYR A 421 22.34 3.63 -0.40
N LEU A 422 22.14 4.89 -0.85
CA LEU A 422 21.32 5.28 -2.00
C LEU A 422 22.10 6.34 -2.77
N PHE A 423 22.58 5.99 -3.99
CA PHE A 423 23.25 6.97 -4.82
C PHE A 423 22.16 7.77 -5.55
N ASP A 424 21.98 9.03 -5.17
CA ASP A 424 20.90 9.80 -5.75
C ASP A 424 21.32 11.15 -6.26
N HIS A 425 22.63 11.38 -6.48
CA HIS A 425 23.10 12.62 -7.07
C HIS A 425 23.07 12.37 -8.56
N ARG A 426 22.37 13.19 -9.34
CA ARG A 426 22.46 12.96 -10.78
C ARG A 426 23.47 13.91 -11.38
N ALA A 427 24.33 13.38 -12.25
CA ALA A 427 25.39 14.12 -12.93
C ALA A 427 24.97 15.38 -13.58
N SER A 428 25.87 16.36 -13.48
CA SER A 428 25.80 17.68 -14.09
C SER A 428 26.01 17.52 -15.60
N ASN A 429 26.72 16.43 -16.01
CA ASN A 429 27.09 16.06 -17.37
C ASN A 429 26.58 14.65 -17.77
N LEU A 430 25.44 14.16 -17.21
CA LEU A 430 24.88 12.84 -17.59
C LEU A 430 24.29 12.89 -19.04
N LEU A 431 24.58 11.86 -19.82
CA LEU A 431 24.22 11.75 -21.23
C LEU A 431 22.78 11.32 -21.53
N TRP A 432 22.06 10.86 -20.50
CA TRP A 432 20.69 10.37 -20.56
C TRP A 432 19.62 11.50 -20.40
N PRO A 433 18.34 11.33 -20.85
CA PRO A 433 17.37 12.42 -20.69
C PRO A 433 16.92 12.58 -19.24
N PRO A 434 16.36 13.75 -18.86
CA PRO A 434 15.99 13.95 -17.46
C PRO A 434 15.11 12.87 -16.88
N TRP A 435 14.08 12.41 -17.62
CA TRP A 435 13.12 11.42 -17.10
C TRP A 435 13.77 10.16 -16.48
N MET A 436 14.92 9.73 -17.01
CA MET A 436 15.66 8.54 -16.58
C MET A 436 16.36 8.67 -15.23
N GLY A 437 16.35 9.89 -14.66
CA GLY A 437 16.92 10.20 -13.35
C GLY A 437 18.37 9.82 -13.20
N VAL A 438 18.69 9.15 -12.11
CA VAL A 438 20.04 8.66 -11.78
C VAL A 438 19.96 7.21 -12.17
N PRO A 439 20.45 6.82 -13.35
CA PRO A 439 20.18 5.45 -13.81
C PRO A 439 21.16 4.39 -13.37
N HIS A 440 20.74 3.12 -13.54
CA HIS A 440 21.49 1.90 -13.26
C HIS A 440 22.91 1.96 -13.79
N GLY A 441 23.89 1.77 -12.89
CA GLY A 441 25.33 1.73 -13.14
C GLY A 441 26.08 3.05 -13.06
N TYR A 442 25.37 4.16 -12.82
CA TYR A 442 26.08 5.44 -12.84
CA TYR A 442 25.96 5.50 -12.79
C TYR A 442 26.68 5.84 -11.46
N GLU A 443 26.75 4.91 -10.51
CA GLU A 443 27.46 5.21 -9.26
C GLU A 443 28.94 4.83 -9.42
N ILE A 444 29.20 3.80 -10.28
CA ILE A 444 30.50 3.19 -10.58
C ILE A 444 31.58 4.26 -10.86
N GLU A 445 31.32 5.18 -11.78
CA GLU A 445 32.26 6.26 -12.12
C GLU A 445 32.70 7.10 -10.90
N PHE A 446 31.86 7.16 -9.86
CA PHE A 446 32.16 7.88 -8.62
C PHE A 446 32.97 7.00 -7.71
N VAL A 447 32.62 5.70 -7.65
CA VAL A 447 33.35 4.70 -6.88
C VAL A 447 34.81 4.60 -7.41
N PHE A 448 35.00 4.68 -8.75
CA PHE A 448 36.32 4.51 -9.39
C PHE A 448 37.11 5.82 -9.61
N GLY A 449 36.59 6.94 -9.15
CA GLY A 449 37.32 8.21 -9.13
C GLY A 449 37.38 9.05 -10.38
N LEU A 450 36.61 8.67 -11.42
CA LEU A 450 36.52 9.36 -12.70
C LEU A 450 36.27 10.87 -12.56
N PRO A 451 35.47 11.40 -11.57
CA PRO A 451 35.29 12.86 -11.47
C PRO A 451 36.56 13.67 -11.23
N LEU A 452 37.64 13.02 -10.76
CA LEU A 452 38.94 13.63 -10.45
C LEU A 452 39.77 13.94 -11.68
N ASN A 453 39.34 13.41 -12.82
CA ASN A 453 40.01 13.56 -14.11
C ASN A 453 39.53 14.82 -14.80
N ASP A 454 40.46 15.76 -14.98
CA ASP A 454 40.15 17.05 -15.56
C ASP A 454 39.75 16.94 -17.04
N SER A 455 40.12 15.84 -17.72
CA SER A 455 39.71 15.61 -19.11
C SER A 455 38.23 15.17 -19.18
N LEU A 456 37.57 14.89 -18.01
CA LEU A 456 36.20 14.36 -17.98
C LEU A 456 35.06 15.35 -17.64
N ASN A 457 35.35 16.63 -17.34
CA ASN A 457 34.34 17.68 -17.12
C ASN A 457 33.22 17.32 -16.07
N TYR A 458 33.61 17.37 -14.80
CA TYR A 458 32.75 17.15 -13.65
C TYR A 458 32.90 18.37 -12.79
N THR A 459 31.93 18.60 -11.93
CA THR A 459 31.94 19.75 -11.03
C THR A 459 32.91 19.55 -9.86
N PRO A 460 33.46 20.63 -9.25
CA PRO A 460 34.27 20.43 -8.03
C PRO A 460 33.46 19.74 -6.90
N GLN A 461 32.12 19.94 -6.90
CA GLN A 461 31.21 19.29 -5.96
C GLN A 461 31.18 17.76 -6.23
N GLU A 462 31.29 17.35 -7.54
CA GLU A 462 31.34 15.92 -7.94
C GLU A 462 32.67 15.27 -7.56
N LYS A 463 33.78 16.06 -7.57
CA LYS A 463 35.10 15.57 -7.16
C LYS A 463 35.03 15.20 -5.69
N GLU A 464 34.49 16.09 -4.83
CA GLU A 464 34.29 15.86 -3.40
C GLU A 464 33.58 14.50 -3.12
N LEU A 465 32.39 14.27 -3.73
CA LEU A 465 31.61 13.03 -3.55
C LEU A 465 32.36 11.79 -3.97
N SER A 466 33.09 11.86 -5.10
CA SER A 466 33.89 10.71 -5.56
C SER A 466 34.95 10.37 -4.52
N ARG A 467 35.74 11.40 -4.10
CA ARG A 467 36.77 11.29 -3.05
C ARG A 467 36.18 10.61 -1.81
N ARG A 468 34.96 11.04 -1.41
CA ARG A 468 34.23 10.50 -0.26
C ARG A 468 33.79 9.06 -0.44
N MET A 469 33.24 8.71 -1.60
CA MET A 469 32.79 7.36 -1.89
C MET A 469 33.97 6.40 -1.94
N MET A 470 35.11 6.88 -2.49
CA MET A 470 36.34 6.10 -2.59
C MET A 470 36.82 5.77 -1.17
N ARG A 471 36.80 6.78 -0.26
CA ARG A 471 37.16 6.62 1.16
C ARG A 471 36.23 5.58 1.81
N TYR A 472 34.87 5.77 1.71
CA TYR A 472 33.87 4.85 2.27
C TYR A 472 34.14 3.41 1.84
N TRP A 473 34.31 3.19 0.54
CA TRP A 473 34.59 1.88 -0.05
C TRP A 473 35.90 1.27 0.50
N ALA A 474 36.93 2.12 0.65
CA ALA A 474 38.25 1.75 1.13
C ALA A 474 38.24 1.44 2.65
N ASN A 475 37.63 2.35 3.45
CA ASN A 475 37.45 2.30 4.90
C ASN A 475 36.66 1.07 5.28
N PHE A 476 35.69 0.66 4.45
CA PHE A 476 34.88 -0.54 4.69
C PHE A 476 35.75 -1.78 4.42
N ALA A 477 36.56 -1.72 3.36
CA ALA A 477 37.46 -2.77 2.95
C ALA A 477 38.56 -2.96 4.00
N ARG A 478 38.87 -1.87 4.76
CA ARG A 478 39.89 -1.80 5.82
C ARG A 478 39.31 -2.18 7.20
N THR A 479 38.32 -1.39 7.68
CA THR A 479 37.64 -1.49 8.97
C THR A 479 36.49 -2.48 8.98
N GLY A 480 35.59 -2.34 8.01
CA GLY A 480 34.33 -3.09 8.00
C GLY A 480 33.24 -2.14 8.43
N ASN A 481 33.64 -0.89 8.71
CA ASN A 481 32.84 0.28 9.03
C ASN A 481 33.32 1.42 8.10
N PRO A 482 32.52 1.76 7.05
CA PRO A 482 32.89 2.83 6.11
C PRO A 482 33.15 4.24 6.66
N THR A 483 33.21 4.42 7.99
CA THR A 483 33.48 5.74 8.56
C THR A 483 34.68 5.66 9.55
N ASP A 484 35.13 6.83 10.07
CA ASP A 484 36.22 6.97 11.03
C ASP A 484 35.74 7.80 12.22
N PRO A 485 35.78 7.22 13.46
CA PRO A 485 35.21 7.92 14.63
C PRO A 485 35.95 9.18 15.13
N ALA A 486 35.17 10.23 15.42
CA ALA A 486 35.59 11.53 15.92
C ALA A 486 34.43 12.19 16.68
N ALA A 491 29.90 8.66 10.54
CA ALA A 491 28.59 8.48 11.15
C ALA A 491 27.55 7.91 10.14
N TRP A 492 27.74 6.63 9.77
CA TRP A 492 26.91 5.87 8.84
C TRP A 492 26.40 4.65 9.64
N PRO A 493 25.07 4.48 9.88
CA PRO A 493 24.61 3.33 10.68
C PRO A 493 24.37 2.02 9.95
N THR A 494 24.29 0.95 10.73
CA THR A 494 24.02 -0.41 10.30
C THR A 494 22.52 -0.55 9.88
N TYR A 495 22.24 -1.59 9.10
CA TYR A 495 20.93 -1.94 8.59
C TYR A 495 20.51 -3.33 9.18
N THR A 496 19.25 -3.43 9.68
CA THR A 496 18.60 -4.66 10.19
C THR A 496 17.20 -4.73 9.60
N ALA A 497 16.57 -5.93 9.57
CA ALA A 497 15.18 -6.09 9.10
C ALA A 497 14.21 -5.22 9.92
N SER A 498 14.60 -4.92 11.18
CA SER A 498 13.92 -4.11 12.20
C SER A 498 14.09 -2.60 11.97
N GLN A 499 15.34 -2.15 11.76
CA GLN A 499 15.72 -0.76 11.47
C GLN A 499 16.41 -0.75 10.11
N PRO A 500 15.59 -0.56 9.05
CA PRO A 500 16.12 -0.64 7.69
C PRO A 500 16.73 0.68 7.16
N GLN A 501 17.52 1.32 8.01
CA GLN A 501 18.21 2.57 7.73
C GLN A 501 19.22 2.39 6.60
N TYR A 502 19.42 3.49 5.86
CA TYR A 502 20.32 3.65 4.71
C TYR A 502 20.76 5.12 4.65
N VAL A 503 21.81 5.40 3.86
CA VAL A 503 22.39 6.74 3.75
C VAL A 503 22.27 7.33 2.34
N GLN A 504 22.21 8.66 2.25
CA GLN A 504 22.19 9.31 0.94
C GLN A 504 23.61 9.72 0.50
N LEU A 505 24.08 9.15 -0.63
CA LEU A 505 25.38 9.48 -1.24
C LEU A 505 25.07 10.52 -2.33
N ASN A 506 25.50 11.78 -2.12
CA ASN A 506 25.26 12.93 -3.01
C ASN A 506 26.19 14.11 -2.72
N THR A 507 25.94 15.29 -3.33
CA THR A 507 26.74 16.51 -3.11
C THR A 507 26.27 17.26 -1.85
N GLN A 508 25.88 16.50 -0.82
CA GLN A 508 25.42 16.99 0.48
C GLN A 508 25.95 16.07 1.58
N PRO A 509 26.18 16.63 2.81
CA PRO A 509 26.73 15.80 3.89
C PRO A 509 25.91 14.54 4.14
N LEU A 510 26.59 13.40 4.38
CA LEU A 510 25.97 12.09 4.60
C LEU A 510 24.75 12.47 5.47
N ALA A 511 23.54 12.23 4.91
CA ALA A 511 22.26 12.26 5.61
C ALA A 511 21.71 10.83 5.74
N THR A 512 20.90 10.60 6.78
CA THR A 512 20.36 9.27 7.06
C THR A 512 18.87 9.17 6.82
N GLN A 513 18.44 8.00 6.29
CA GLN A 513 17.05 7.72 5.97
C GLN A 513 16.59 6.38 6.63
N PRO A 514 15.34 6.33 7.16
CA PRO A 514 14.95 5.19 8.00
C PRO A 514 14.52 3.88 7.34
N SER A 515 13.88 3.93 6.18
CA SER A 515 13.37 2.72 5.54
C SER A 515 13.78 2.64 4.11
N LEU A 516 14.42 1.53 3.73
CA LEU A 516 14.83 1.31 2.36
C LEU A 516 13.78 0.42 1.68
N ARG A 517 12.63 1.05 1.30
CA ARG A 517 11.47 0.42 0.60
C ARG A 517 10.90 -0.83 1.30
N ALA A 518 10.75 -0.78 2.63
CA ALA A 518 10.29 -1.96 3.39
C ALA A 518 8.87 -2.38 3.07
N GLN A 519 7.96 -1.41 2.94
CA GLN A 519 6.55 -1.69 2.70
C GLN A 519 6.32 -2.35 1.36
N ILE A 520 6.90 -1.76 0.31
CA ILE A 520 6.71 -2.28 -1.03
C ILE A 520 7.43 -3.63 -1.22
N CYS A 521 8.62 -3.78 -0.62
CA CYS A 521 9.38 -5.00 -0.81
C CYS A 521 8.78 -6.14 -0.06
N ALA A 522 7.85 -5.84 0.85
CA ALA A 522 7.10 -6.87 1.58
C ALA A 522 6.12 -7.48 0.60
N PHE A 523 5.69 -6.70 -0.44
CA PHE A 523 4.77 -7.15 -1.49
C PHE A 523 5.48 -8.15 -2.35
N TRP A 524 6.60 -7.72 -2.95
CA TRP A 524 7.50 -8.52 -3.79
C TRP A 524 8.11 -9.76 -3.11
N ASN A 525 8.64 -9.61 -1.88
CA ASN A 525 9.33 -10.70 -1.17
C ASN A 525 8.43 -11.61 -0.35
N HIS A 526 7.37 -11.08 0.31
CA HIS A 526 6.53 -11.94 1.12
C HIS A 526 5.29 -12.40 0.43
N PHE A 527 4.49 -11.46 -0.12
CA PHE A 527 3.18 -11.76 -0.70
C PHE A 527 3.18 -12.33 -2.13
N LEU A 528 3.86 -11.69 -3.08
CA LEU A 528 3.86 -12.14 -4.46
C LEU A 528 4.26 -13.61 -4.65
N PRO A 529 5.33 -14.15 -4.01
CA PRO A 529 5.60 -15.60 -4.14
C PRO A 529 4.44 -16.42 -3.60
N LYS A 530 3.98 -16.13 -2.34
CA LYS A 530 2.81 -16.78 -1.66
C LYS A 530 1.61 -16.90 -2.58
N LEU A 531 1.33 -15.84 -3.36
CA LEU A 531 0.22 -15.80 -4.31
C LEU A 531 0.35 -16.91 -5.35
N LEU A 532 1.55 -17.04 -5.92
CA LEU A 532 1.82 -18.04 -6.94
C LEU A 532 1.80 -19.49 -6.36
N ASN A 533 2.20 -19.68 -5.08
CA ASN A 533 2.14 -20.99 -4.40
C ASN A 533 0.68 -21.46 -4.15
N ALA A 534 -0.30 -20.54 -4.28
CA ALA A 534 -1.73 -20.78 -4.07
C ALA A 534 -2.56 -20.92 -5.36
N THR A 535 -2.00 -20.50 -6.52
CA THR A 535 -2.67 -20.55 -7.83
C THR A 535 -1.97 -21.51 -8.81
N ALA B 3 -55.40 23.29 18.52
CA ALA B 3 -55.21 21.90 18.95
C ALA B 3 -56.46 20.95 18.76
N GLY B 4 -57.17 20.95 17.61
CA GLY B 4 -56.96 21.74 16.39
C GLY B 4 -55.79 21.23 15.58
N GLU B 5 -54.61 21.82 15.84
CA GLU B 5 -53.33 21.50 15.25
C GLU B 5 -52.93 20.05 15.62
N LEU B 6 -53.17 19.65 16.88
CA LEU B 6 -52.86 18.29 17.37
C LEU B 6 -53.83 17.19 16.86
N LYS B 7 -54.81 17.57 16.02
CA LYS B 7 -55.78 16.66 15.40
C LYS B 7 -55.49 16.53 13.89
N VAL B 8 -55.33 15.27 13.39
CA VAL B 8 -55.07 14.98 11.95
C VAL B 8 -55.97 13.81 11.45
N SER B 9 -56.65 13.99 10.31
CA SER B 9 -57.47 12.93 9.74
C SER B 9 -56.82 12.42 8.46
N THR B 10 -56.52 11.11 8.40
CA THR B 10 -55.89 10.50 7.23
C THR B 10 -56.74 9.39 6.58
N GLN B 11 -56.32 8.93 5.38
CA GLN B 11 -56.92 7.85 4.57
C GLN B 11 -57.22 6.54 5.36
N THR B 12 -56.52 6.34 6.50
CA THR B 12 -56.61 5.15 7.35
C THR B 12 -57.31 5.44 8.69
N GLY B 13 -57.49 6.71 9.02
CA GLY B 13 -58.14 7.08 10.28
C GLY B 13 -57.67 8.41 10.86
N SER B 14 -58.28 8.80 11.97
CA SER B 14 -57.97 10.06 12.67
C SER B 14 -56.90 9.84 13.74
N VAL B 15 -56.18 10.91 14.16
CA VAL B 15 -55.01 10.79 15.04
C VAL B 15 -54.89 11.93 16.11
N ARG B 16 -54.53 11.56 17.39
CA ARG B 16 -54.33 12.48 18.54
C ARG B 16 -52.84 12.84 18.70
N GLY B 17 -52.54 14.13 18.79
CA GLY B 17 -51.17 14.64 18.86
C GLY B 17 -50.68 15.08 20.21
N LEU B 18 -49.60 15.85 20.21
CA LEU B 18 -48.93 16.36 21.40
C LEU B 18 -48.16 17.61 21.04
N SER B 19 -48.34 18.67 21.80
CA SER B 19 -47.53 19.85 21.56
C SER B 19 -46.22 19.71 22.36
N LEU B 20 -45.05 19.92 21.71
CA LEU B 20 -43.75 19.79 22.41
C LEU B 20 -42.90 21.08 22.35
N PRO B 21 -42.51 21.67 23.50
CA PRO B 21 -41.68 22.87 23.44
C PRO B 21 -40.21 22.55 23.09
N VAL B 22 -39.64 23.39 22.23
CA VAL B 22 -38.24 23.31 21.76
C VAL B 22 -37.73 24.75 21.78
N LEU B 23 -36.65 25.02 22.53
CA LEU B 23 -36.00 26.33 22.66
C LEU B 23 -37.01 27.46 22.93
N ASP B 24 -37.05 28.48 22.04
CA ASP B 24 -37.96 29.63 22.11
C ASP B 24 -39.35 29.40 21.50
N GLY B 25 -39.64 28.18 21.06
CA GLY B 25 -40.92 27.83 20.45
C GLY B 25 -41.46 26.45 20.75
N HIS B 26 -42.27 25.92 19.83
CA HIS B 26 -42.99 24.65 19.94
C HIS B 26 -42.96 23.88 18.64
N VAL B 27 -43.38 22.62 18.71
CA VAL B 27 -43.54 21.66 17.60
C VAL B 27 -44.74 20.74 17.97
N SER B 28 -45.16 19.87 17.05
CA SER B 28 -46.24 18.92 17.29
C SER B 28 -45.73 17.52 16.97
N ALA B 29 -46.06 16.55 17.79
CA ALA B 29 -45.63 15.16 17.62
C ALA B 29 -46.80 14.20 17.68
N PHE B 30 -46.74 13.18 16.83
CA PHE B 30 -47.77 12.16 16.72
C PHE B 30 -47.01 10.83 16.74
N LEU B 31 -47.03 10.15 17.88
CA LEU B 31 -46.27 8.92 18.08
C LEU B 31 -47.13 7.66 18.15
N GLY B 32 -46.68 6.59 17.54
CA GLY B 32 -47.38 5.31 17.58
C GLY B 32 -48.47 5.13 16.53
N ILE B 33 -48.25 5.66 15.32
CA ILE B 33 -49.26 5.53 14.27
C ILE B 33 -49.02 4.19 13.57
N PRO B 34 -49.94 3.21 13.63
CA PRO B 34 -49.70 1.95 12.91
C PRO B 34 -49.83 2.16 11.42
N PHE B 35 -49.08 1.39 10.65
CA PHE B 35 -49.06 1.42 9.19
C PHE B 35 -49.26 -0.01 8.70
N ALA B 36 -49.50 -0.95 9.66
CA ALA B 36 -49.69 -2.37 9.40
C ALA B 36 -50.41 -3.09 10.53
N GLU B 37 -50.83 -4.32 10.23
CA GLU B 37 -51.48 -5.24 11.14
C GLU B 37 -50.36 -5.94 11.94
N PRO B 38 -50.61 -6.37 13.20
CA PRO B 38 -49.53 -7.03 13.98
C PRO B 38 -49.13 -8.41 13.43
N PRO B 39 -47.83 -8.66 13.16
CA PRO B 39 -47.45 -9.98 12.66
C PRO B 39 -47.40 -11.01 13.78
N LEU B 40 -48.58 -11.47 14.21
CA LEU B 40 -48.69 -12.42 15.31
C LEU B 40 -49.24 -13.77 14.92
N GLY B 41 -48.93 -14.79 15.73
CA GLY B 41 -49.38 -16.17 15.55
C GLY B 41 -49.00 -16.75 14.21
N ARG B 42 -50.00 -16.92 13.33
CA ARG B 42 -49.81 -17.42 11.97
C ARG B 42 -49.39 -16.31 11.00
N MET B 43 -49.46 -15.01 11.41
CA MET B 43 -49.03 -13.84 10.61
C MET B 43 -47.54 -13.48 10.83
N ARG B 44 -46.86 -14.17 11.79
CA ARG B 44 -45.43 -14.02 12.09
C ARG B 44 -44.66 -14.62 10.91
N PHE B 45 -43.55 -13.96 10.50
CA PHE B 45 -42.66 -14.31 9.37
C PHE B 45 -43.28 -14.04 7.98
N LEU B 46 -44.51 -13.51 7.93
CA LEU B 46 -45.18 -13.24 6.67
C LEU B 46 -44.92 -11.81 6.18
N ARG B 47 -45.42 -11.49 4.98
CA ARG B 47 -45.33 -10.15 4.40
C ARG B 47 -46.19 -9.24 5.29
N PRO B 48 -45.90 -7.92 5.37
CA PRO B 48 -46.73 -7.06 6.22
C PRO B 48 -48.10 -6.74 5.61
N GLU B 49 -49.19 -7.02 6.36
CA GLU B 49 -50.58 -6.77 5.94
C GLU B 49 -50.86 -5.27 6.21
N PRO B 50 -51.31 -4.47 5.19
CA PRO B 50 -51.56 -3.04 5.46
C PRO B 50 -52.69 -2.83 6.49
N VAL B 51 -52.49 -1.82 7.38
CA VAL B 51 -53.40 -1.46 8.47
C VAL B 51 -54.80 -1.22 7.96
N LYS B 52 -55.75 -1.86 8.66
CA LYS B 52 -57.17 -1.75 8.41
C LYS B 52 -57.59 -0.41 9.02
N PRO B 53 -58.18 0.51 8.21
CA PRO B 53 -58.63 1.80 8.75
C PRO B 53 -59.44 1.74 10.05
N TRP B 54 -59.21 2.72 10.94
CA TRP B 54 -59.85 2.77 12.26
C TRP B 54 -60.86 3.91 12.48
N GLN B 55 -61.71 3.71 13.49
CA GLN B 55 -62.72 4.67 13.92
C GLN B 55 -62.75 4.76 15.47
N HIS B 56 -62.64 5.98 16.05
CA HIS B 56 -62.51 7.23 15.30
C HIS B 56 -61.10 7.77 15.44
N VAL B 57 -60.78 8.36 16.62
CA VAL B 57 -59.47 8.94 16.87
C VAL B 57 -58.61 7.95 17.64
N LEU B 58 -57.36 7.82 17.20
CA LEU B 58 -56.35 6.92 17.74
C LEU B 58 -55.37 7.73 18.58
N ASP B 59 -55.07 7.24 19.78
CA ASP B 59 -54.11 7.91 20.65
C ASP B 59 -52.70 7.77 20.07
N ALA B 60 -52.16 8.87 19.52
CA ALA B 60 -50.81 8.93 18.98
C ALA B 60 -50.01 9.94 19.84
N THR B 61 -50.05 9.73 21.16
CA THR B 61 -49.41 10.59 22.14
C THR B 61 -48.21 9.89 22.82
N SER B 62 -48.09 8.57 22.65
CA SER B 62 -46.96 7.81 23.24
C SER B 62 -46.24 6.96 22.20
N TYR B 63 -44.90 6.82 22.32
CA TYR B 63 -44.15 5.92 21.41
C TYR B 63 -44.69 4.50 21.71
N LYS B 64 -44.61 3.58 20.72
CA LYS B 64 -45.04 2.19 20.93
C LYS B 64 -43.80 1.31 21.16
N PRO B 65 -43.88 0.01 21.56
CA PRO B 65 -42.66 -0.74 21.81
C PRO B 65 -41.87 -1.10 20.55
N ALA B 66 -40.56 -1.33 20.70
CA ALA B 66 -39.68 -1.72 19.61
C ALA B 66 -39.94 -3.18 19.26
N CYS B 67 -39.44 -3.63 18.11
CA CYS B 67 -39.58 -5.03 17.69
C CYS B 67 -38.68 -5.92 18.51
N TYR B 68 -39.16 -7.13 18.87
CA TYR B 68 -38.36 -8.08 19.63
C TYR B 68 -36.95 -8.20 19.06
N GLN B 69 -35.94 -8.08 19.94
CA GLN B 69 -34.53 -8.09 19.54
C GLN B 69 -33.60 -8.61 20.64
N MET B 70 -32.31 -8.87 20.27
CA MET B 70 -31.25 -9.22 21.20
C MET B 70 -30.85 -7.87 21.75
N VAL B 71 -30.88 -7.74 23.07
CA VAL B 71 -30.56 -6.48 23.72
C VAL B 71 -29.10 -6.55 24.20
N ASP B 72 -28.33 -5.43 24.06
CA ASP B 72 -26.94 -5.37 24.53
C ASP B 72 -26.86 -5.08 26.05
N THR B 73 -26.61 -6.15 26.81
CA THR B 73 -26.53 -6.11 28.27
C THR B 73 -25.08 -6.17 28.78
N SER B 74 -24.08 -5.86 27.90
CA SER B 74 -22.66 -5.88 28.24
C SER B 74 -22.29 -4.93 29.40
N TYR B 75 -22.93 -3.73 29.41
CA TYR B 75 -22.76 -2.69 30.44
C TYR B 75 -24.10 -2.02 30.81
N PRO B 76 -24.90 -2.64 31.69
CA PRO B 76 -26.21 -2.06 32.02
C PRO B 76 -26.24 -0.66 32.60
N GLY B 77 -25.11 -0.15 33.08
CA GLY B 77 -25.08 1.18 33.68
C GLY B 77 -24.25 2.17 32.93
N PHE B 78 -24.15 2.01 31.59
CA PHE B 78 -23.36 2.78 30.64
C PHE B 78 -24.20 3.26 29.41
N GLN B 79 -24.33 4.61 29.19
CA GLN B 79 -25.07 5.19 28.05
C GLN B 79 -24.49 4.78 26.74
N GLY B 80 -23.19 4.60 26.66
CA GLY B 80 -22.54 4.22 25.42
C GLY B 80 -23.16 3.04 24.71
N THR B 81 -23.60 2.05 25.48
CA THR B 81 -24.25 0.85 24.97
C THR B 81 -25.76 0.96 25.14
N GLU B 82 -26.20 1.48 26.28
CA GLU B 82 -27.61 1.61 26.61
C GLU B 82 -28.40 2.56 25.70
N MET B 83 -27.74 3.58 25.12
CA MET B 83 -28.38 4.55 24.22
C MET B 83 -28.93 3.91 22.95
N TRP B 84 -28.44 2.71 22.61
CA TRP B 84 -28.79 1.93 21.42
C TRP B 84 -29.85 0.83 21.69
N ASN B 85 -30.14 0.58 23.00
CA ASN B 85 -31.10 -0.45 23.44
C ASN B 85 -32.54 0.07 23.44
N PRO B 86 -33.56 -0.85 23.32
CA PRO B 86 -34.98 -0.40 23.35
C PRO B 86 -35.37 0.31 24.64
N ASN B 87 -35.83 1.56 24.52
CA ASN B 87 -36.18 2.39 25.68
C ASN B 87 -37.67 2.35 26.09
N ARG B 88 -38.55 1.81 25.23
CA ARG B 88 -39.98 1.75 25.54
C ARG B 88 -40.57 0.34 25.43
N GLY B 89 -39.75 -0.68 25.71
CA GLY B 89 -40.15 -2.08 25.66
C GLY B 89 -40.08 -2.69 24.27
N MET B 90 -40.35 -4.03 24.20
CA MET B 90 -40.37 -4.86 22.98
C MET B 90 -41.65 -5.70 22.82
N SER B 91 -42.14 -5.83 21.59
CA SER B 91 -43.32 -6.64 21.24
C SER B 91 -43.29 -7.00 19.74
N GLU B 92 -44.07 -8.04 19.34
CA GLU B 92 -44.19 -8.40 17.92
C GLU B 92 -45.04 -7.32 17.23
N ASP B 93 -46.00 -6.73 17.98
CA ASP B 93 -46.83 -5.60 17.58
C ASP B 93 -45.91 -4.37 17.74
N CYS B 94 -45.21 -4.04 16.66
CA CYS B 94 -44.19 -3.00 16.70
C CYS B 94 -44.14 -2.12 15.45
N LEU B 95 -45.07 -2.35 14.52
CA LEU B 95 -45.14 -1.65 13.22
C LEU B 95 -45.87 -0.33 13.32
N TYR B 96 -45.12 0.68 13.77
CA TYR B 96 -45.59 2.04 14.02
C TYR B 96 -44.59 3.07 13.53
N LEU B 97 -45.07 4.25 13.17
CA LEU B 97 -44.22 5.34 12.74
C LEU B 97 -44.47 6.58 13.60
N ASN B 98 -43.47 7.47 13.69
CA ASN B 98 -43.54 8.69 14.52
C ASN B 98 -43.36 9.90 13.64
N ILE B 99 -44.06 11.00 13.98
CA ILE B 99 -44.04 12.23 13.19
C ILE B 99 -43.84 13.49 14.05
N TRP B 100 -42.93 14.38 13.62
CA TRP B 100 -42.66 15.68 14.25
C TRP B 100 -42.89 16.77 13.22
N VAL B 101 -43.77 17.73 13.56
CA VAL B 101 -44.23 18.83 12.69
C VAL B 101 -43.96 20.22 13.32
N PRO B 102 -43.44 21.23 12.56
CA PRO B 102 -43.22 22.54 13.19
C PRO B 102 -44.54 23.24 13.36
N SER B 103 -44.52 24.26 14.22
CA SER B 103 -45.66 25.07 14.58
C SER B 103 -45.42 26.52 14.11
N PRO B 104 -46.34 27.10 13.32
CA PRO B 104 -47.62 26.53 12.85
C PRO B 104 -47.50 25.49 11.74
N ARG B 105 -48.41 24.49 11.71
CA ARG B 105 -48.46 23.40 10.73
C ARG B 105 -48.23 23.92 9.30
N PRO B 106 -47.21 23.41 8.59
CA PRO B 106 -46.95 23.92 7.23
C PRO B 106 -47.90 23.36 6.16
N LYS B 107 -47.67 23.72 4.88
CA LYS B 107 -48.53 23.30 3.76
C LYS B 107 -47.92 22.15 2.95
N ASP B 108 -46.75 22.37 2.35
CA ASP B 108 -46.05 21.38 1.54
C ASP B 108 -44.55 21.37 1.95
N ALA B 109 -44.30 21.14 3.24
CA ALA B 109 -42.95 21.14 3.81
C ALA B 109 -42.13 19.88 3.46
N PRO B 110 -40.77 19.94 3.50
CA PRO B 110 -39.97 18.71 3.25
C PRO B 110 -40.21 17.60 4.30
N VAL B 111 -40.18 16.32 3.88
CA VAL B 111 -40.39 15.13 4.74
C VAL B 111 -39.16 14.20 4.73
N LEU B 112 -38.47 14.08 5.88
CA LEU B 112 -37.28 13.22 6.12
C LEU B 112 -37.65 11.92 6.82
N VAL B 113 -37.50 10.78 6.13
CA VAL B 113 -37.87 9.49 6.73
C VAL B 113 -36.61 8.71 7.24
N TRP B 114 -36.54 8.50 8.56
CA TRP B 114 -35.44 7.82 9.22
C TRP B 114 -35.59 6.28 9.27
N ILE B 115 -34.59 5.56 8.70
CA ILE B 115 -34.54 4.10 8.77
C ILE B 115 -33.35 3.80 9.68
N TYR B 116 -33.64 3.29 10.87
CA TYR B 116 -32.66 3.02 11.90
C TYR B 116 -31.78 1.82 11.57
N GLY B 117 -30.56 1.84 12.13
CA GLY B 117 -29.58 0.78 12.02
C GLY B 117 -29.76 -0.25 13.11
N GLY B 118 -28.73 -1.04 13.32
CA GLY B 118 -28.71 -2.12 14.29
C GLY B 118 -28.47 -3.47 13.63
N GLY B 119 -27.80 -3.47 12.47
CA GLY B 119 -27.46 -4.66 11.69
C GLY B 119 -28.55 -5.67 11.42
N PHE B 120 -29.82 -5.19 11.23
CA PHE B 120 -31.04 -5.97 10.94
C PHE B 120 -31.44 -6.94 12.07
N TYR B 121 -30.80 -6.84 13.27
CA TYR B 121 -31.14 -7.70 14.43
C TYR B 121 -31.64 -6.84 15.62
N SER B 122 -31.52 -5.49 15.47
CA SER B 122 -31.83 -4.50 16.51
C SER B 122 -32.15 -3.09 15.96
N GLY B 123 -32.58 -2.22 16.87
CA GLY B 123 -32.94 -0.84 16.60
C GLY B 123 -34.35 -0.46 17.10
N ALA B 124 -34.61 0.85 17.19
CA ALA B 124 -35.89 1.42 17.60
C ALA B 124 -35.97 2.86 17.14
N ALA B 125 -37.14 3.27 16.61
CA ALA B 125 -37.38 4.64 16.16
C ALA B 125 -37.52 5.61 17.37
N SER B 126 -37.84 5.02 18.56
CA SER B 126 -38.06 5.72 19.83
C SER B 126 -36.79 6.11 20.59
N LEU B 127 -35.57 5.80 20.03
CA LEU B 127 -34.33 6.17 20.70
C LEU B 127 -34.17 7.66 20.80
N ASP B 128 -33.62 8.14 21.91
CA ASP B 128 -33.41 9.56 22.21
C ASP B 128 -32.54 10.24 21.18
N VAL B 129 -31.63 9.48 20.58
CA VAL B 129 -30.69 9.95 19.58
C VAL B 129 -31.39 10.22 18.22
N TYR B 130 -32.60 9.61 18.01
CA TYR B 130 -33.40 9.78 16.79
C TYR B 130 -34.68 10.68 17.03
N ASP B 131 -34.74 11.40 18.17
CA ASP B 131 -35.84 12.31 18.47
C ASP B 131 -35.74 13.51 17.47
N GLY B 132 -36.83 13.74 16.74
CA GLY B 132 -36.92 14.74 15.68
C GLY B 132 -37.17 16.19 16.06
N ARG B 133 -37.28 16.47 17.36
CA ARG B 133 -37.58 17.77 17.95
C ARG B 133 -36.70 18.94 17.47
N PHE B 134 -35.39 18.76 17.41
CA PHE B 134 -34.51 19.85 17.02
C PHE B 134 -34.45 20.02 15.50
N LEU B 135 -34.56 18.92 14.74
CA LEU B 135 -34.54 19.01 13.28
C LEU B 135 -35.77 19.70 12.74
N THR B 136 -36.94 19.36 13.32
CA THR B 136 -38.24 19.89 12.93
C THR B 136 -38.39 21.39 13.37
N TYR B 137 -37.78 21.84 14.50
CA TYR B 137 -37.89 23.24 14.95
C TYR B 137 -36.86 24.18 14.30
N THR B 138 -35.58 23.80 14.26
CA THR B 138 -34.51 24.65 13.68
C THR B 138 -34.49 24.66 12.13
N GLN B 139 -34.94 23.53 11.49
CA GLN B 139 -34.94 23.43 10.02
C GLN B 139 -36.35 23.45 9.39
N ASN B 140 -37.41 23.52 10.19
CA ASN B 140 -38.80 23.57 9.71
C ASN B 140 -39.09 22.48 8.63
N VAL B 141 -38.71 21.26 8.98
CA VAL B 141 -38.91 20.08 8.14
C VAL B 141 -39.92 19.20 8.91
N ILE B 142 -40.38 18.11 8.30
CA ILE B 142 -41.23 17.11 8.92
C ILE B 142 -40.38 15.86 9.07
N LEU B 143 -40.15 15.48 10.31
CA LEU B 143 -39.40 14.29 10.58
C LEU B 143 -40.32 13.12 10.89
N VAL B 144 -40.16 12.03 10.11
CA VAL B 144 -40.86 10.76 10.30
C VAL B 144 -39.80 9.68 10.65
N SER B 145 -40.13 8.78 11.55
CA SER B 145 -39.27 7.65 11.86
C SER B 145 -40.10 6.38 11.77
N LEU B 146 -39.68 5.44 10.95
CA LEU B 146 -40.42 4.18 10.84
C LEU B 146 -39.79 3.09 11.69
N SER B 147 -40.53 1.99 11.88
CA SER B 147 -40.03 0.78 12.53
C SER B 147 -40.22 -0.42 11.61
N TYR B 148 -39.29 -1.35 11.68
CA TYR B 148 -39.31 -2.51 10.83
C TYR B 148 -38.85 -3.74 11.59
N ARG B 149 -39.41 -4.93 11.26
CA ARG B 149 -39.08 -6.20 11.91
C ARG B 149 -37.62 -6.55 11.71
N VAL B 150 -36.99 -6.97 12.77
CA VAL B 150 -35.59 -7.32 12.77
C VAL B 150 -35.47 -8.78 13.23
N GLY B 151 -34.29 -9.36 13.03
CA GLY B 151 -34.00 -10.74 13.40
C GLY B 151 -34.69 -11.72 12.49
N ALA B 152 -34.86 -12.96 12.98
CA ALA B 152 -35.55 -14.01 12.23
C ALA B 152 -36.94 -13.52 11.87
N PHE B 153 -37.58 -12.76 12.80
CA PHE B 153 -38.91 -12.16 12.64
C PHE B 153 -39.02 -11.29 11.40
N GLY B 154 -38.00 -10.50 11.12
CA GLY B 154 -37.99 -9.65 9.95
C GLY B 154 -37.31 -10.24 8.74
N PHE B 155 -36.39 -11.23 8.93
CA PHE B 155 -35.61 -11.71 7.77
C PHE B 155 -35.41 -13.23 7.64
N LEU B 156 -36.34 -14.05 8.21
CA LEU B 156 -36.30 -15.50 8.02
C LEU B 156 -36.47 -15.69 6.54
N GLY B 157 -35.43 -16.22 5.92
CA GLY B 157 -35.37 -16.34 4.47
C GLY B 157 -35.45 -17.73 3.90
N LEU B 158 -36.60 -18.02 3.29
CA LEU B 158 -36.84 -19.24 2.55
C LEU B 158 -37.46 -18.74 1.24
N PRO B 159 -36.60 -18.27 0.28
CA PRO B 159 -37.13 -17.71 -0.99
C PRO B 159 -38.03 -18.69 -1.73
N GLY B 160 -39.10 -18.17 -2.30
CA GLY B 160 -40.10 -18.97 -3.00
C GLY B 160 -41.30 -19.26 -2.14
N SER B 161 -41.04 -19.59 -0.86
CA SER B 161 -42.06 -19.90 0.16
C SER B 161 -42.80 -18.64 0.60
N PRO B 162 -44.15 -18.66 0.69
CA PRO B 162 -44.87 -17.46 1.12
C PRO B 162 -44.84 -17.26 2.65
N GLU B 163 -44.57 -18.37 3.39
CA GLU B 163 -44.51 -18.47 4.84
C GLU B 163 -43.32 -17.69 5.47
N ALA B 164 -42.29 -17.38 4.65
CA ALA B 164 -41.08 -16.63 4.98
C ALA B 164 -40.44 -16.10 3.68
N PRO B 165 -41.04 -15.04 3.03
CA PRO B 165 -40.46 -14.51 1.77
C PRO B 165 -38.96 -14.27 1.84
N GLY B 166 -38.52 -13.59 2.90
CA GLY B 166 -37.11 -13.37 3.14
C GLY B 166 -36.68 -11.97 3.49
N ASN B 167 -37.45 -10.98 3.02
CA ASN B 167 -37.07 -9.60 3.27
C ASN B 167 -38.17 -8.83 3.96
N MET B 168 -38.90 -9.50 4.86
CA MET B 168 -40.04 -8.95 5.60
C MET B 168 -39.78 -7.59 6.24
N GLY B 169 -38.60 -7.40 6.83
CA GLY B 169 -38.17 -6.14 7.42
C GLY B 169 -38.15 -5.00 6.42
N LEU B 170 -37.69 -5.28 5.17
CA LEU B 170 -37.64 -4.32 4.05
C LEU B 170 -39.04 -4.05 3.52
N LEU B 171 -39.92 -5.07 3.64
CA LEU B 171 -41.32 -5.00 3.21
C LEU B 171 -42.12 -4.19 4.23
N ASP B 172 -41.69 -4.18 5.52
CA ASP B 172 -42.28 -3.35 6.59
C ASP B 172 -41.87 -1.90 6.32
N GLN B 173 -40.59 -1.68 6.02
CA GLN B 173 -40.04 -0.39 5.68
C GLN B 173 -40.83 0.17 4.49
N ARG B 174 -41.02 -0.66 3.42
CA ARG B 174 -41.73 -0.30 2.22
C ARG B 174 -43.17 0.11 2.50
N LEU B 175 -43.90 -0.72 3.29
CA LEU B 175 -45.29 -0.47 3.67
C LEU B 175 -45.46 0.88 4.38
N ALA B 176 -44.47 1.30 5.18
CA ALA B 176 -44.45 2.60 5.86
C ALA B 176 -44.25 3.72 4.82
N LEU B 177 -43.33 3.52 3.87
CA LEU B 177 -43.05 4.47 2.78
C LEU B 177 -44.31 4.69 1.93
N GLN B 178 -45.07 3.59 1.67
CA GLN B 178 -46.34 3.59 0.92
C GLN B 178 -47.39 4.40 1.68
N TRP B 179 -47.45 4.22 3.01
CA TRP B 179 -48.32 4.92 3.96
C TRP B 179 -48.01 6.42 3.99
N ILE B 180 -46.71 6.81 4.08
CA ILE B 180 -46.28 8.23 4.10
C ILE B 180 -46.81 8.95 2.85
N GLN B 181 -46.72 8.33 1.66
CA GLN B 181 -47.22 8.86 0.40
C GLN B 181 -48.75 9.20 0.44
N ASN B 182 -49.56 8.22 0.93
CA ASN B 182 -51.01 8.30 1.02
C ASN B 182 -51.51 9.13 2.19
N ASN B 183 -50.64 9.59 3.12
CA ASN B 183 -51.14 10.28 4.30
C ASN B 183 -50.29 11.42 4.88
N ILE B 184 -49.22 11.89 4.23
CA ILE B 184 -48.38 12.93 4.88
C ILE B 184 -48.88 14.38 4.64
N HIS B 185 -49.67 14.63 3.58
CA HIS B 185 -50.16 15.99 3.32
C HIS B 185 -51.08 16.49 4.46
N PRO B 186 -51.99 15.65 5.08
CA PRO B 186 -52.78 16.13 6.23
C PRO B 186 -51.93 16.59 7.42
N PHE B 187 -50.60 16.32 7.40
CA PHE B 187 -49.65 16.74 8.43
C PHE B 187 -48.88 18.02 8.08
N GLY B 188 -49.06 18.47 6.84
CA GLY B 188 -48.39 19.64 6.28
C GLY B 188 -47.07 19.33 5.61
N GLY B 189 -47.03 18.22 4.86
CA GLY B 189 -45.86 17.79 4.12
C GLY B 189 -46.22 17.34 2.72
N ASN B 190 -45.24 17.29 1.76
CA ASN B 190 -45.64 16.80 0.43
C ASN B 190 -45.02 15.44 0.13
N PRO B 191 -45.89 14.45 -0.24
CA PRO B 191 -45.39 13.08 -0.53
C PRO B 191 -44.40 13.00 -1.67
N ARG B 192 -44.42 13.99 -2.57
CA ARG B 192 -43.50 14.00 -3.70
C ARG B 192 -42.10 14.45 -3.25
N ALA B 193 -41.99 15.21 -2.11
CA ALA B 193 -40.69 15.67 -1.55
C ALA B 193 -40.22 14.86 -0.29
N VAL B 194 -39.96 13.55 -0.49
CA VAL B 194 -39.55 12.65 0.61
C VAL B 194 -38.07 12.23 0.49
N THR B 195 -37.22 12.57 1.49
CA THR B 195 -35.80 12.17 1.55
C THR B 195 -35.67 11.04 2.57
N VAL B 196 -35.25 9.85 2.15
CA VAL B 196 -35.07 8.72 3.06
C VAL B 196 -33.64 8.68 3.59
N PHE B 197 -33.42 8.68 4.92
CA PHE B 197 -32.06 8.65 5.48
C PHE B 197 -31.88 7.60 6.58
N GLY B 198 -30.68 7.05 6.66
CA GLY B 198 -30.37 6.02 7.62
C GLY B 198 -28.89 5.80 7.89
N GLU B 199 -28.60 5.13 9.03
CA GLU B 199 -27.24 4.82 9.47
C GLU B 199 -27.03 3.29 9.59
N SER B 200 -25.83 2.79 9.25
CA SER B 200 -25.45 1.38 9.27
C SER B 200 -26.42 0.54 8.41
N ALA B 201 -27.18 -0.39 9.00
CA ALA B 201 -28.19 -1.23 8.34
C ALA B 201 -29.29 -0.37 7.82
N GLY B 202 -29.45 0.81 8.41
CA GLY B 202 -30.45 1.79 8.02
C GLY B 202 -30.12 2.34 6.66
N ALA B 203 -28.80 2.65 6.43
CA ALA B 203 -28.27 3.16 5.17
C ALA B 203 -28.23 2.05 4.14
N ALA B 204 -27.98 0.79 4.57
CA ALA B 204 -28.02 -0.39 3.69
C ALA B 204 -29.48 -0.51 3.15
N SER B 205 -30.46 -0.32 4.06
CA SER B 205 -31.89 -0.39 3.83
C SER B 205 -32.32 0.70 2.87
N VAL B 206 -31.74 1.94 3.00
CA VAL B 206 -31.96 3.09 2.11
C VAL B 206 -31.48 2.68 0.69
N GLY B 207 -30.30 2.08 0.63
CA GLY B 207 -29.71 1.63 -0.63
C GLY B 207 -30.52 0.55 -1.27
N MET B 208 -31.11 -0.35 -0.44
CA MET B 208 -31.99 -1.45 -0.88
C MET B 208 -33.34 -0.91 -1.47
N HIS B 209 -33.68 0.36 -1.14
CA HIS B 209 -34.87 1.05 -1.67
C HIS B 209 -34.55 1.86 -2.95
N LEU B 210 -33.25 2.12 -3.22
CA LEU B 210 -32.83 2.74 -4.47
C LEU B 210 -32.62 1.63 -5.53
N LEU B 211 -32.52 0.37 -5.11
CA LEU B 211 -32.28 -0.77 -5.99
C LEU B 211 -33.56 -1.50 -6.42
N SER B 212 -34.37 -1.98 -5.46
CA SER B 212 -35.61 -2.70 -5.76
C SER B 212 -36.62 -1.74 -6.36
N THR B 213 -37.16 -2.09 -7.56
CA THR B 213 -38.08 -1.28 -8.37
C THR B 213 -39.31 -0.73 -7.65
N GLN B 214 -40.07 -1.61 -6.97
CA GLN B 214 -41.34 -1.33 -6.28
C GLN B 214 -41.21 -0.29 -5.13
N SER B 215 -40.00 -0.15 -4.56
CA SER B 215 -39.69 0.79 -3.50
C SER B 215 -39.23 2.14 -4.08
N ARG B 216 -38.71 2.13 -5.33
CA ARG B 216 -38.14 3.30 -6.03
C ARG B 216 -39.09 4.50 -6.09
N THR B 217 -40.34 4.24 -6.47
CA THR B 217 -41.42 5.23 -6.66
C THR B 217 -41.93 5.90 -5.36
N LEU B 218 -41.42 5.47 -4.20
CA LEU B 218 -41.89 5.93 -2.89
C LEU B 218 -41.10 7.10 -2.23
N PHE B 219 -40.09 7.70 -2.91
CA PHE B 219 -39.30 8.79 -2.31
C PHE B 219 -38.56 9.57 -3.39
N GLN B 220 -38.06 10.78 -3.04
CA GLN B 220 -37.32 11.67 -3.93
C GLN B 220 -35.81 11.49 -3.90
N ARG B 221 -35.18 11.70 -2.71
CA ARG B 221 -33.73 11.62 -2.49
C ARG B 221 -33.41 10.60 -1.43
N ALA B 222 -32.11 10.54 -1.03
CA ALA B 222 -31.56 9.58 -0.08
C ALA B 222 -30.25 10.04 0.53
N ILE B 223 -30.06 9.71 1.81
CA ILE B 223 -28.83 9.88 2.59
C ILE B 223 -28.46 8.49 3.11
N LEU B 224 -27.17 8.14 3.03
CA LEU B 224 -26.60 6.86 3.51
C LEU B 224 -25.45 7.21 4.48
N GLN B 225 -25.69 7.07 5.78
CA GLN B 225 -24.73 7.43 6.83
C GLN B 225 -24.05 6.18 7.37
N SER B 226 -22.71 6.09 7.21
CA SER B 226 -21.88 4.97 7.64
C SER B 226 -22.42 3.59 7.20
N GLY B 227 -22.88 3.48 5.97
CA GLY B 227 -23.43 2.23 5.42
C GLY B 227 -23.75 2.30 3.94
N GLY B 228 -23.81 1.12 3.31
CA GLY B 228 -24.13 0.91 1.90
C GLY B 228 -24.76 -0.45 1.68
N PRO B 229 -25.67 -0.61 0.66
CA PRO B 229 -26.36 -1.92 0.47
C PRO B 229 -25.47 -3.08 0.03
N ASN B 230 -24.31 -2.73 -0.57
CA ASN B 230 -23.26 -3.60 -1.11
C ASN B 230 -22.21 -3.96 -0.03
N ALA B 231 -22.54 -3.72 1.26
CA ALA B 231 -21.67 -4.03 2.39
C ALA B 231 -21.64 -5.52 2.59
N PRO B 232 -20.49 -6.09 2.98
CA PRO B 232 -20.40 -7.57 3.08
C PRO B 232 -21.40 -8.25 4.04
N TRP B 233 -21.78 -7.56 5.12
CA TRP B 233 -22.66 -8.04 6.20
C TRP B 233 -24.13 -7.84 5.88
N ALA B 234 -24.44 -6.99 4.84
CA ALA B 234 -25.78 -6.52 4.45
C ALA B 234 -26.67 -7.51 3.72
N THR B 235 -26.10 -8.39 2.91
CA THR B 235 -26.87 -9.31 2.06
C THR B 235 -26.48 -10.80 2.22
N VAL B 236 -27.39 -11.72 1.85
CA VAL B 236 -27.11 -13.17 1.93
C VAL B 236 -27.56 -13.96 0.69
N THR B 237 -26.83 -15.05 0.41
CA THR B 237 -27.12 -15.98 -0.66
C THR B 237 -28.37 -16.76 -0.25
N PRO B 238 -29.32 -16.96 -1.18
CA PRO B 238 -30.55 -17.71 -0.84
C PRO B 238 -30.27 -19.09 -0.24
N ALA B 239 -29.18 -19.76 -0.69
CA ALA B 239 -28.75 -21.04 -0.14
C ALA B 239 -28.29 -20.90 1.31
N GLU B 240 -27.58 -19.79 1.67
CA GLU B 240 -27.13 -19.57 3.05
C GLU B 240 -28.33 -19.27 3.96
N SER B 241 -29.20 -18.29 3.58
CA SER B 241 -30.40 -17.91 4.36
C SER B 241 -31.30 -19.11 4.69
N ARG B 242 -31.31 -20.10 3.79
CA ARG B 242 -32.04 -21.34 3.95
C ARG B 242 -31.34 -22.22 4.99
N GLY B 243 -30.02 -22.40 4.85
CA GLY B 243 -29.18 -23.15 5.78
C GLY B 243 -29.29 -22.59 7.19
N ARG B 244 -29.42 -21.24 7.29
CA ARG B 244 -29.57 -20.48 8.53
C ARG B 244 -30.94 -20.74 9.18
N ALA B 245 -32.02 -20.66 8.37
CA ALA B 245 -33.37 -20.92 8.83
C ALA B 245 -33.52 -22.36 9.35
N ALA B 246 -32.95 -23.37 8.65
CA ALA B 246 -33.03 -24.78 9.04
C ALA B 246 -32.32 -25.07 10.35
N LEU B 247 -31.10 -24.49 10.52
CA LEU B 247 -30.30 -24.63 11.74
C LEU B 247 -31.07 -24.06 12.94
N LEU B 248 -31.79 -22.93 12.76
CA LEU B 248 -32.63 -22.33 13.80
C LEU B 248 -33.64 -23.38 14.30
N GLY B 249 -34.34 -24.03 13.36
CA GLY B 249 -35.29 -25.10 13.62
C GLY B 249 -34.64 -26.22 14.42
N LYS B 250 -33.48 -26.75 13.94
CA LYS B 250 -32.71 -27.83 14.61
C LYS B 250 -32.26 -27.44 16.04
N GLN B 251 -31.83 -26.17 16.24
CA GLN B 251 -31.38 -25.63 17.54
C GLN B 251 -32.54 -25.54 18.52
N LEU B 252 -33.73 -25.27 17.98
CA LEU B 252 -34.97 -25.17 18.73
C LEU B 252 -35.72 -26.53 18.85
N GLY B 253 -35.05 -27.61 18.43
CA GLY B 253 -35.56 -28.98 18.50
C GLY B 253 -36.73 -29.29 17.59
N CYS B 254 -36.81 -28.60 16.45
CA CYS B 254 -37.86 -28.80 15.44
C CYS B 254 -37.65 -30.09 14.66
N HIS B 255 -38.78 -30.64 14.18
CA HIS B 255 -38.87 -31.83 13.35
C HIS B 255 -39.65 -31.37 12.13
N PHE B 256 -39.03 -31.42 10.95
CA PHE B 256 -39.62 -30.91 9.71
C PHE B 256 -39.12 -31.64 8.46
N ASN B 257 -40.00 -31.76 7.47
CA ASN B 257 -39.74 -32.40 6.18
C ASN B 257 -39.93 -31.34 5.08
N ASN B 258 -41.15 -30.75 4.99
CA ASN B 258 -41.51 -29.69 4.04
C ASN B 258 -40.78 -28.37 4.41
N ASP B 259 -40.87 -27.36 3.53
CA ASP B 259 -40.28 -26.05 3.77
C ASP B 259 -41.18 -25.22 4.72
N SER B 260 -42.52 -25.33 4.55
CA SER B 260 -43.53 -24.66 5.37
C SER B 260 -43.75 -25.37 6.71
N GLU B 261 -43.31 -26.65 6.81
CA GLU B 261 -43.36 -27.47 8.03
C GLU B 261 -42.39 -26.87 9.07
N LEU B 262 -41.25 -26.32 8.59
CA LEU B 262 -40.22 -25.66 9.39
C LEU B 262 -40.75 -24.34 9.99
N VAL B 263 -41.42 -23.49 9.18
CA VAL B 263 -42.00 -22.20 9.61
C VAL B 263 -43.10 -22.39 10.71
N SER B 264 -44.00 -23.39 10.53
CA SER B 264 -45.06 -23.73 11.49
C SER B 264 -44.48 -23.99 12.90
N CYS B 265 -43.37 -24.78 12.97
CA CYS B 265 -42.68 -25.10 14.21
C CYS B 265 -42.12 -23.84 14.89
N LEU B 266 -41.52 -22.92 14.08
CA LEU B 266 -40.95 -21.69 14.59
C LEU B 266 -42.01 -20.69 15.07
N ARG B 267 -43.16 -20.59 14.36
CA ARG B 267 -44.28 -19.71 14.71
C ARG B 267 -44.83 -19.96 16.10
N SER B 268 -44.56 -21.17 16.67
CA SER B 268 -45.00 -21.63 18.00
C SER B 268 -44.03 -21.25 19.12
N LYS B 269 -42.72 -21.35 18.84
CA LYS B 269 -41.64 -21.04 19.77
C LYS B 269 -41.75 -19.58 20.27
N ASN B 270 -41.59 -19.35 21.60
CA ASN B 270 -41.66 -18.03 22.26
C ASN B 270 -40.62 -17.07 21.66
N PRO B 271 -40.95 -15.76 21.49
CA PRO B 271 -39.98 -14.83 20.85
C PRO B 271 -38.56 -14.82 21.44
N GLN B 272 -38.39 -14.97 22.77
CA GLN B 272 -37.08 -15.00 23.42
C GLN B 272 -36.35 -16.31 23.17
N GLU B 273 -37.09 -17.44 23.03
CA GLU B 273 -36.55 -18.79 22.75
C GLU B 273 -35.79 -18.73 21.42
N LEU B 274 -36.39 -18.03 20.43
CA LEU B 274 -35.84 -17.85 19.11
C LEU B 274 -34.60 -16.98 19.16
N ILE B 275 -34.69 -15.77 19.78
CA ILE B 275 -33.59 -14.81 19.91
C ILE B 275 -32.35 -15.50 20.54
N ASP B 276 -32.57 -16.26 21.63
CA ASP B 276 -31.54 -17.01 22.36
C ASP B 276 -30.75 -18.05 21.50
N GLU B 277 -31.26 -18.41 20.30
CA GLU B 277 -30.61 -19.34 19.38
C GLU B 277 -30.19 -18.68 18.07
N GLU B 278 -30.71 -17.47 17.78
CA GLU B 278 -30.49 -16.73 16.52
C GLU B 278 -29.04 -16.55 16.08
N TRP B 279 -28.10 -16.41 17.01
CA TRP B 279 -26.71 -16.16 16.63
C TRP B 279 -25.89 -17.44 16.41
N SER B 280 -26.41 -18.60 16.84
CA SER B 280 -25.76 -19.90 16.64
C SER B 280 -25.76 -20.37 15.16
N VAL B 281 -26.54 -19.67 14.31
CA VAL B 281 -26.66 -20.00 12.88
C VAL B 281 -25.46 -19.52 12.06
N LEU B 282 -24.81 -18.41 12.49
CA LEU B 282 -23.63 -17.85 11.82
C LEU B 282 -22.58 -18.93 11.55
N PRO B 283 -22.01 -18.95 10.32
CA PRO B 283 -21.08 -20.02 9.97
C PRO B 283 -19.65 -19.91 10.50
N TYR B 284 -19.21 -18.70 10.92
CA TYR B 284 -17.84 -18.51 11.40
C TYR B 284 -17.75 -17.71 12.71
N LYS B 285 -16.55 -17.73 13.36
CA LYS B 285 -16.21 -16.89 14.51
C LYS B 285 -15.92 -15.56 13.81
N SER B 286 -16.79 -14.58 14.00
CA SER B 286 -16.68 -13.32 13.26
C SER B 286 -17.14 -12.10 14.05
N ILE B 287 -16.92 -10.92 13.46
CA ILE B 287 -17.44 -9.64 13.94
C ILE B 287 -18.06 -8.98 12.73
N PHE B 288 -18.98 -8.03 12.96
CA PHE B 288 -19.70 -7.30 11.92
C PHE B 288 -20.42 -8.24 10.94
N ARG B 289 -20.88 -9.39 11.44
CA ARG B 289 -21.65 -10.36 10.67
C ARG B 289 -22.92 -10.66 11.42
N PHE B 290 -24.07 -10.38 10.78
CA PHE B 290 -25.37 -10.54 11.42
C PHE B 290 -26.14 -11.78 10.91
N PRO B 291 -26.88 -12.51 11.80
CA PRO B 291 -27.51 -13.78 11.35
C PRO B 291 -28.64 -13.64 10.31
N PHE B 292 -29.75 -12.94 10.61
CA PHE B 292 -30.86 -12.79 9.68
C PHE B 292 -30.84 -11.40 9.09
N VAL B 293 -30.48 -11.34 7.82
CA VAL B 293 -30.29 -10.13 7.04
C VAL B 293 -30.98 -10.27 5.67
N PRO B 294 -31.14 -9.16 4.88
CA PRO B 294 -31.75 -9.27 3.55
C PRO B 294 -31.18 -10.35 2.62
N VAL B 295 -32.07 -11.12 1.96
CA VAL B 295 -31.67 -12.22 1.08
C VAL B 295 -31.98 -11.91 -0.37
N ILE B 296 -31.05 -12.25 -1.29
CA ILE B 296 -31.24 -12.08 -2.73
C ILE B 296 -32.11 -13.25 -3.20
N ASP B 297 -33.44 -12.97 -3.28
CA ASP B 297 -34.52 -13.90 -3.62
C ASP B 297 -34.74 -14.11 -5.14
N GLY B 298 -34.87 -13.01 -5.89
CA GLY B 298 -35.12 -13.04 -7.33
C GLY B 298 -36.17 -12.03 -7.76
N ASP B 299 -36.95 -11.51 -6.79
CA ASP B 299 -38.02 -10.52 -6.97
C ASP B 299 -37.59 -9.17 -6.35
N PHE B 300 -37.48 -9.11 -4.99
CA PHE B 300 -37.04 -7.91 -4.27
C PHE B 300 -35.63 -7.62 -4.76
N PHE B 301 -34.74 -8.64 -4.70
CA PHE B 301 -33.40 -8.55 -5.25
C PHE B 301 -33.32 -9.43 -6.49
N PRO B 302 -33.33 -8.83 -7.71
CA PRO B 302 -33.23 -9.65 -8.94
C PRO B 302 -31.80 -10.21 -9.20
N ASP B 303 -30.82 -9.70 -8.43
CA ASP B 303 -29.40 -10.07 -8.39
C ASP B 303 -28.80 -9.39 -7.13
N THR B 304 -27.47 -9.37 -7.03
CA THR B 304 -26.81 -8.77 -5.86
C THR B 304 -26.74 -7.26 -6.02
N PRO B 305 -26.77 -6.49 -4.88
CA PRO B 305 -26.61 -5.04 -4.96
C PRO B 305 -25.33 -4.62 -5.69
N GLU B 306 -24.25 -5.43 -5.57
CA GLU B 306 -22.96 -5.24 -6.21
C GLU B 306 -23.17 -5.24 -7.72
N ALA B 307 -23.78 -6.33 -8.23
CA ALA B 307 -24.14 -6.53 -9.64
C ALA B 307 -25.07 -5.41 -10.13
N MET B 308 -26.09 -5.03 -9.32
CA MET B 308 -27.05 -3.97 -9.64
C MET B 308 -26.41 -2.57 -9.73
N LEU B 309 -25.56 -2.21 -8.76
CA LEU B 309 -24.85 -0.93 -8.75
C LEU B 309 -23.89 -0.84 -9.91
N SER B 310 -23.24 -1.98 -10.24
CA SER B 310 -22.29 -2.09 -11.33
C SER B 310 -22.98 -1.87 -12.69
N SER B 311 -24.08 -2.62 -12.94
CA SER B 311 -24.87 -2.53 -14.17
C SER B 311 -25.65 -1.22 -14.28
N GLY B 312 -25.83 -0.56 -13.13
CA GLY B 312 -26.47 0.73 -12.97
C GLY B 312 -27.99 0.73 -12.90
N ASN B 313 -28.62 -0.38 -12.41
CA ASN B 313 -30.09 -0.37 -12.33
C ASN B 313 -30.49 -0.08 -10.94
N PHE B 314 -30.57 1.22 -10.72
CA PHE B 314 -30.93 1.83 -9.47
C PHE B 314 -31.70 3.10 -9.79
N LYS B 315 -32.42 3.63 -8.82
CA LYS B 315 -33.17 4.87 -8.96
C LYS B 315 -32.13 5.99 -9.13
N GLU B 316 -32.06 6.58 -10.32
CA GLU B 316 -31.13 7.66 -10.60
C GLU B 316 -31.69 8.92 -9.94
N THR B 317 -31.06 9.31 -8.84
CA THR B 317 -31.35 10.49 -8.04
C THR B 317 -30.02 10.89 -7.38
N GLN B 318 -29.98 12.03 -6.65
CA GLN B 318 -28.78 12.53 -5.94
C GLN B 318 -28.74 11.97 -4.51
N VAL B 319 -27.50 11.65 -4.04
CA VAL B 319 -27.21 11.02 -2.75
C VAL B 319 -26.18 11.74 -1.90
N LEU B 320 -26.49 11.87 -0.59
CA LEU B 320 -25.56 12.34 0.43
C LEU B 320 -25.09 11.11 1.18
N LEU B 321 -23.77 10.92 1.23
CA LEU B 321 -23.10 9.77 1.85
C LEU B 321 -22.04 10.32 2.79
N GLY B 322 -21.48 9.43 3.61
CA GLY B 322 -20.37 9.77 4.48
C GLY B 322 -20.06 8.73 5.52
N VAL B 323 -18.95 8.96 6.27
CA VAL B 323 -18.41 8.11 7.33
C VAL B 323 -17.93 8.92 8.56
N VAL B 324 -17.59 8.21 9.67
CA VAL B 324 -17.00 8.72 10.92
C VAL B 324 -15.51 8.37 10.85
N LYS B 325 -14.67 9.05 11.65
CA LYS B 325 -13.23 8.82 11.68
C LYS B 325 -12.89 7.37 12.10
N ASP B 326 -13.57 6.83 13.15
CA ASP B 326 -13.31 5.46 13.61
C ASP B 326 -14.55 4.58 13.52
N GLU B 327 -14.81 4.12 12.31
CA GLU B 327 -15.95 3.26 12.00
C GLU B 327 -15.84 1.91 12.75
N GLY B 328 -14.69 1.30 12.67
CA GLY B 328 -14.49 0.02 13.32
C GLY B 328 -14.37 -0.13 14.81
N SER B 329 -13.79 0.80 15.51
CA SER B 329 -13.59 0.66 16.94
C SER B 329 -14.73 0.06 17.78
N TYR B 330 -15.96 0.44 17.57
CA TYR B 330 -17.05 -0.08 18.34
C TYR B 330 -17.21 -1.57 18.23
N PHE B 331 -16.93 -2.10 17.07
CA PHE B 331 -17.15 -3.52 16.81
C PHE B 331 -16.07 -4.41 17.34
N LEU B 332 -14.89 -3.86 17.47
CA LEU B 332 -13.72 -4.63 17.91
C LEU B 332 -13.90 -5.28 19.28
N ILE B 333 -14.57 -4.56 20.21
CA ILE B 333 -14.80 -4.90 21.62
C ILE B 333 -15.93 -5.93 21.85
N TYR B 334 -16.49 -6.44 20.75
CA TYR B 334 -17.54 -7.44 20.73
C TYR B 334 -17.01 -8.73 20.06
N GLY B 335 -15.84 -9.20 20.50
CA GLY B 335 -15.30 -10.44 19.99
C GLY B 335 -13.81 -10.57 19.83
N LEU B 336 -13.16 -9.57 19.19
CA LEU B 336 -11.74 -9.61 18.88
C LEU B 336 -10.90 -9.77 20.12
N PRO B 337 -9.92 -10.71 20.08
CA PRO B 337 -9.11 -10.98 21.29
C PRO B 337 -8.26 -9.81 21.74
N GLY B 338 -8.33 -9.53 23.04
CA GLY B 338 -7.56 -8.49 23.70
C GLY B 338 -8.16 -7.09 23.71
N PHE B 339 -9.35 -6.94 23.15
CA PHE B 339 -10.04 -5.67 23.04
C PHE B 339 -11.03 -5.44 24.14
N SER B 340 -11.01 -4.22 24.67
CA SER B 340 -11.93 -3.70 25.68
C SER B 340 -11.99 -2.17 25.62
N LYS B 341 -13.15 -1.61 26.03
CA LYS B 341 -13.31 -0.17 26.17
C LYS B 341 -12.72 0.20 27.54
N ASP B 342 -12.42 -0.83 28.35
CA ASP B 342 -11.93 -0.64 29.71
C ASP B 342 -10.44 -0.79 29.85
N ASN B 343 -9.73 -0.80 28.73
CA ASN B 343 -8.28 -0.84 28.66
C ASN B 343 -7.83 -0.24 27.33
N GLU B 344 -6.52 -0.14 27.12
CA GLU B 344 -5.93 0.48 25.95
C GLU B 344 -6.01 -0.39 24.70
N SER B 345 -6.41 -1.67 24.82
CA SER B 345 -6.57 -2.65 23.74
C SER B 345 -5.32 -2.79 22.87
N LEU B 346 -4.13 -2.78 23.57
CA LEU B 346 -2.79 -2.93 23.00
C LEU B 346 -2.55 -4.42 22.76
N ILE B 347 -3.15 -4.90 21.68
CA ILE B 347 -3.15 -6.28 21.22
C ILE B 347 -1.83 -6.71 20.61
N SER B 348 -1.43 -7.97 20.85
CA SER B 348 -0.21 -8.58 20.34
C SER B 348 -0.32 -8.87 18.85
N ARG B 349 0.81 -9.28 18.23
CA ARG B 349 0.81 -9.67 16.83
C ARG B 349 -0.06 -10.93 16.70
N ALA B 350 0.00 -11.83 17.71
CA ALA B 350 -0.80 -13.07 17.73
C ALA B 350 -2.28 -12.73 17.64
N ASP B 351 -2.74 -11.79 18.52
CA ASP B 351 -4.12 -11.30 18.62
C ASP B 351 -4.56 -10.57 17.39
N PHE B 352 -3.67 -9.78 16.78
CA PHE B 352 -3.92 -9.03 15.56
C PHE B 352 -4.26 -9.98 14.42
N LEU B 353 -3.52 -11.07 14.30
CA LEU B 353 -3.73 -12.05 13.25
C LEU B 353 -5.05 -12.78 13.37
N GLU B 354 -5.49 -13.13 14.59
CA GLU B 354 -6.77 -13.81 14.81
C GLU B 354 -7.91 -12.82 14.57
N GLY B 355 -7.64 -11.54 14.88
CA GLY B 355 -8.55 -10.43 14.62
C GLY B 355 -8.76 -10.20 13.12
N VAL B 356 -7.73 -10.46 12.29
CA VAL B 356 -7.87 -10.34 10.83
C VAL B 356 -8.77 -11.48 10.34
N ARG B 357 -8.49 -12.72 10.80
CA ARG B 357 -9.26 -13.92 10.46
C ARG B 357 -10.77 -13.74 10.84
N MET B 358 -11.08 -13.05 11.97
CA MET B 358 -12.46 -12.79 12.38
C MET B 358 -13.12 -11.65 11.57
N SER B 359 -12.32 -10.78 10.93
CA SER B 359 -12.83 -9.65 10.15
C SER B 359 -13.15 -10.04 8.69
N VAL B 360 -12.31 -10.88 8.05
CA VAL B 360 -12.54 -11.46 6.72
C VAL B 360 -12.79 -12.98 6.97
N PRO B 361 -14.00 -13.38 7.46
CA PRO B 361 -14.17 -14.79 7.86
C PRO B 361 -14.29 -15.81 6.72
N HIS B 362 -14.82 -15.38 5.56
CA HIS B 362 -14.97 -16.25 4.41
C HIS B 362 -13.64 -16.38 3.64
N ALA B 363 -12.62 -15.63 4.07
CA ALA B 363 -11.33 -15.60 3.41
C ALA B 363 -10.46 -16.82 3.64
N ASN B 364 -9.77 -17.26 2.55
CA ASN B 364 -8.78 -18.34 2.56
C ASN B 364 -7.46 -17.74 3.02
N ASP B 365 -6.41 -18.55 3.15
CA ASP B 365 -5.14 -18.06 3.66
C ASP B 365 -4.48 -17.00 2.78
N ILE B 366 -4.57 -17.13 1.46
CA ILE B 366 -3.99 -16.15 0.55
C ILE B 366 -4.69 -14.77 0.68
N ALA B 367 -6.03 -14.73 0.80
CA ALA B 367 -6.74 -13.46 0.98
C ALA B 367 -6.41 -12.81 2.33
N THR B 368 -6.25 -13.63 3.39
CA THR B 368 -5.86 -13.16 4.73
C THR B 368 -4.45 -12.55 4.63
N ASP B 369 -3.53 -13.20 3.89
CA ASP B 369 -2.17 -12.70 3.65
C ASP B 369 -2.19 -11.31 3.01
N ALA B 370 -3.10 -11.10 2.06
CA ALA B 370 -3.28 -9.81 1.37
C ALA B 370 -3.74 -8.72 2.34
N VAL B 371 -4.68 -9.05 3.25
CA VAL B 371 -5.17 -8.07 4.24
C VAL B 371 -4.02 -7.73 5.20
N VAL B 372 -3.24 -8.76 5.61
CA VAL B 372 -2.10 -8.58 6.50
C VAL B 372 -1.00 -7.70 5.80
N LEU B 373 -0.71 -7.93 4.51
CA LEU B 373 0.26 -7.12 3.75
C LEU B 373 -0.05 -5.59 3.78
N GLN B 374 -1.32 -5.19 3.49
CA GLN B 374 -1.71 -3.79 3.39
C GLN B 374 -1.68 -3.06 4.72
N TYR B 375 -2.10 -3.78 5.79
CA TYR B 375 -2.26 -3.22 7.14
C TYR B 375 -1.10 -3.52 8.10
N THR B 376 0.06 -3.92 7.57
CA THR B 376 1.22 -4.12 8.44
C THR B 376 2.26 -3.07 8.10
N ASP B 377 2.91 -2.54 9.14
CA ASP B 377 4.05 -1.65 9.03
C ASP B 377 5.22 -2.64 9.07
N TRP B 378 5.87 -2.84 7.93
CA TRP B 378 6.92 -3.84 7.79
C TRP B 378 8.29 -3.40 8.40
N GLN B 379 8.30 -2.21 9.00
CA GLN B 379 9.43 -1.60 9.68
C GLN B 379 9.20 -1.72 11.21
N ASP B 380 7.93 -1.82 11.66
CA ASP B 380 7.54 -1.89 13.07
C ASP B 380 6.40 -2.87 13.30
N GLN B 381 6.58 -4.14 12.95
CA GLN B 381 5.53 -5.17 13.01
C GLN B 381 4.93 -5.46 14.36
N ASP B 382 5.74 -5.38 15.44
CA ASP B 382 5.24 -5.77 16.75
C ASP B 382 4.70 -4.61 17.63
N ASN B 383 4.36 -3.45 17.03
CA ASN B 383 3.81 -2.29 17.73
C ASN B 383 2.33 -2.56 18.06
N ARG B 384 2.00 -2.67 19.36
CA ARG B 384 0.64 -2.96 19.82
C ARG B 384 -0.34 -1.83 19.54
N GLU B 385 0.12 -0.56 19.50
CA GLU B 385 -0.70 0.60 19.14
C GLU B 385 -1.02 0.60 17.64
N LYS B 386 -0.06 0.18 16.79
CA LYS B 386 -0.30 0.12 15.34
C LYS B 386 -1.23 -1.03 14.99
N ASN B 387 -1.09 -2.20 15.65
CA ASN B 387 -1.95 -3.38 15.49
C ASN B 387 -3.41 -3.02 15.83
N ARG B 388 -3.62 -2.26 16.93
CA ARG B 388 -4.92 -1.77 17.36
C ARG B 388 -5.48 -0.91 16.24
N GLU B 389 -4.74 0.14 15.85
CA GLU B 389 -5.15 1.06 14.78
C GLU B 389 -5.43 0.36 13.44
N ALA B 390 -4.59 -0.63 13.08
CA ALA B 390 -4.75 -1.45 11.87
C ALA B 390 -6.08 -2.22 11.84
N LEU B 391 -6.50 -2.88 12.99
CA LEU B 391 -7.77 -3.62 13.03
C LEU B 391 -8.93 -2.67 12.87
N ASP B 392 -8.91 -1.55 13.61
CA ASP B 392 -9.91 -0.48 13.53
C ASP B 392 -10.10 -0.05 12.08
N ASP B 393 -8.99 -0.01 11.31
CA ASP B 393 -9.00 0.30 9.87
C ASP B 393 -9.55 -0.88 9.03
N ILE B 394 -9.11 -2.15 9.25
CA ILE B 394 -9.62 -3.30 8.49
C ILE B 394 -11.14 -3.39 8.57
N VAL B 395 -11.66 -3.32 9.80
CA VAL B 395 -13.07 -3.45 10.14
C VAL B 395 -13.89 -2.28 9.57
N GLY B 396 -13.36 -1.07 9.71
CA GLY B 396 -13.97 0.15 9.17
C GLY B 396 -14.00 0.15 7.65
N ASP B 397 -12.86 -0.15 7.02
CA ASP B 397 -12.74 -0.19 5.57
C ASP B 397 -13.56 -1.30 4.94
N HIS B 398 -13.35 -2.56 5.36
CA HIS B 398 -14.06 -3.72 4.79
C HIS B 398 -15.59 -3.62 4.83
N ASN B 399 -16.13 -3.29 6.03
CA ASN B 399 -17.55 -3.27 6.32
C ASN B 399 -18.26 -1.96 6.11
N VAL B 400 -17.54 -0.81 6.23
CA VAL B 400 -18.26 0.46 6.14
C VAL B 400 -17.80 1.35 5.01
N ILE B 401 -16.58 1.93 5.14
CA ILE B 401 -16.00 2.92 4.19
C ILE B 401 -15.87 2.39 2.77
N CYS B 402 -15.42 1.14 2.60
CA CYS B 402 -15.18 0.69 1.21
C CYS B 402 -16.44 0.37 0.47
N PRO B 403 -17.45 -0.34 1.03
CA PRO B 403 -18.74 -0.47 0.31
C PRO B 403 -19.32 0.89 -0.12
N VAL B 404 -19.26 1.92 0.78
CA VAL B 404 -19.71 3.31 0.58
C VAL B 404 -19.00 3.93 -0.64
N VAL B 405 -17.71 3.76 -0.75
CA VAL B 405 -16.88 4.27 -1.87
C VAL B 405 -17.29 3.65 -3.21
N GLN B 406 -17.55 2.31 -3.21
CA GLN B 406 -18.01 1.54 -4.38
C GLN B 406 -19.40 2.03 -4.80
N PHE B 407 -20.27 2.30 -3.82
CA PHE B 407 -21.62 2.84 -4.02
C PHE B 407 -21.53 4.21 -4.70
N ALA B 408 -20.74 5.14 -4.10
CA ALA B 408 -20.51 6.48 -4.61
C ALA B 408 -19.91 6.47 -6.01
N ASN B 409 -18.96 5.54 -6.26
CA ASN B 409 -18.31 5.48 -7.57
C ASN B 409 -19.31 5.01 -8.58
N ASP B 410 -20.07 3.93 -8.29
CA ASP B 410 -21.09 3.35 -9.17
C ASP B 410 -22.26 4.33 -9.42
N TYR B 411 -22.60 5.18 -8.41
CA TYR B 411 -23.65 6.19 -8.53
C TYR B 411 -23.24 7.32 -9.46
N ALA B 412 -21.99 7.84 -9.32
CA ALA B 412 -21.49 8.90 -10.19
C ALA B 412 -21.17 8.39 -11.61
N LYS B 413 -20.93 7.05 -11.76
CA LYS B 413 -20.64 6.39 -13.06
C LYS B 413 -21.88 6.51 -13.99
N ARG B 414 -23.02 6.77 -13.36
CA ARG B 414 -24.31 6.91 -14.01
C ARG B 414 -24.77 8.39 -13.97
N ASN B 415 -23.78 9.34 -13.90
CA ASN B 415 -23.93 10.80 -13.90
C ASN B 415 -24.90 11.34 -12.82
N SER B 416 -24.91 10.71 -11.64
CA SER B 416 -25.74 11.17 -10.52
C SER B 416 -24.89 12.00 -9.57
N LYS B 417 -25.45 13.14 -9.08
CA LYS B 417 -24.78 14.00 -8.10
C LYS B 417 -24.64 13.20 -6.77
N VAL B 418 -23.43 13.20 -6.21
CA VAL B 418 -23.07 12.46 -5.00
C VAL B 418 -22.31 13.45 -4.09
N TYR B 419 -22.71 13.54 -2.82
CA TYR B 419 -22.06 14.43 -1.84
C TYR B 419 -21.48 13.57 -0.70
N ALA B 420 -20.18 13.73 -0.40
CA ALA B 420 -19.46 12.93 0.60
C ALA B 420 -18.89 13.70 1.80
N TYR B 421 -19.20 13.24 3.04
CA TYR B 421 -18.62 13.84 4.25
C TYR B 421 -17.73 12.87 5.06
N LEU B 422 -17.00 13.40 6.08
CA LEU B 422 -16.27 12.66 7.09
C LEU B 422 -16.53 13.34 8.44
N PHE B 423 -17.27 12.67 9.34
CA PHE B 423 -17.49 13.23 10.67
C PHE B 423 -16.26 12.87 11.53
N ASP B 424 -15.41 13.87 11.86
CA ASP B 424 -14.19 13.57 12.61
C ASP B 424 -13.96 14.45 13.83
N HIS B 425 -15.05 14.91 14.44
CA HIS B 425 -15.00 15.65 15.69
C HIS B 425 -15.33 14.65 16.80
N ARG B 426 -14.47 14.52 17.83
CA ARG B 426 -14.77 13.64 18.95
C ARG B 426 -15.39 14.52 20.03
N ALA B 427 -16.51 14.06 20.63
CA ALA B 427 -17.19 14.82 21.69
C ALA B 427 -16.31 15.08 22.85
N SER B 428 -16.45 16.29 23.37
CA SER B 428 -15.83 16.85 24.56
C SER B 428 -16.30 16.06 25.79
N ASN B 429 -17.50 15.41 25.68
CA ASN B 429 -18.19 14.62 26.68
C ASN B 429 -18.49 13.17 26.23
N LEU B 430 -17.66 12.60 25.34
CA LEU B 430 -17.86 11.22 24.88
C LEU B 430 -17.52 10.20 25.97
N LEU B 431 -18.42 9.21 26.14
CA LEU B 431 -18.41 8.16 27.15
C LEU B 431 -17.44 7.01 26.88
N TRP B 432 -16.89 6.92 25.66
CA TRP B 432 -15.95 5.89 25.22
C TRP B 432 -14.48 6.26 25.49
N PRO B 433 -13.51 5.28 25.58
CA PRO B 433 -12.11 5.67 25.86
C PRO B 433 -11.44 6.36 24.67
N PRO B 434 -10.34 7.11 24.90
CA PRO B 434 -9.73 7.82 23.79
C PRO B 434 -9.38 6.97 22.58
N TRP B 435 -8.81 5.77 22.79
CA TRP B 435 -8.39 4.89 21.67
C TRP B 435 -9.48 4.66 20.59
N MET B 436 -10.76 4.63 20.99
CA MET B 436 -11.91 4.40 20.11
C MET B 436 -12.25 5.56 19.18
N GLY B 437 -11.57 6.70 19.34
CA GLY B 437 -11.73 7.89 18.52
C GLY B 437 -13.13 8.41 18.40
N VAL B 438 -13.57 8.67 17.18
CA VAL B 438 -14.92 9.15 16.86
C VAL B 438 -15.61 7.89 16.39
N PRO B 439 -16.38 7.19 17.24
CA PRO B 439 -16.88 5.87 16.85
C PRO B 439 -18.18 5.85 16.06
N HIS B 440 -18.45 4.69 15.44
CA HIS B 440 -19.64 4.34 14.65
C HIS B 440 -20.92 4.78 15.36
N GLY B 441 -21.73 5.58 14.66
CA GLY B 441 -23.03 6.10 15.10
C GLY B 441 -23.02 7.41 15.85
N TYR B 442 -21.81 7.98 16.09
CA TYR B 442 -21.79 9.16 16.94
CA TYR B 442 -21.63 9.18 16.91
C TYR B 442 -21.89 10.48 16.14
N GLU B 443 -22.31 10.40 14.87
CA GLU B 443 -22.59 11.60 14.09
C GLU B 443 -24.09 11.96 14.28
N ILE B 444 -24.94 10.92 14.50
CA ILE B 444 -26.39 10.96 14.64
C ILE B 444 -26.84 12.06 15.61
N GLU B 445 -26.29 12.08 16.82
CA GLU B 445 -26.62 13.09 17.83
C GLU B 445 -26.43 14.54 17.35
N PHE B 446 -25.54 14.74 16.38
CA PHE B 446 -25.28 16.04 15.78
C PHE B 446 -26.27 16.32 14.69
N VAL B 447 -26.60 15.28 13.90
CA VAL B 447 -27.60 15.35 12.82
C VAL B 447 -28.98 15.68 13.44
N PHE B 448 -29.31 15.10 14.63
CA PHE B 448 -30.61 15.28 15.28
C PHE B 448 -30.69 16.44 16.29
N GLY B 449 -29.63 17.22 16.43
CA GLY B 449 -29.64 18.45 17.21
C GLY B 449 -29.46 18.39 18.70
N LEU B 450 -29.14 17.19 19.25
CA LEU B 450 -28.90 16.95 20.67
C LEU B 450 -27.92 17.96 21.31
N PRO B 451 -26.83 18.46 20.65
CA PRO B 451 -25.96 19.44 21.33
C PRO B 451 -26.61 20.75 21.76
N LEU B 452 -27.77 21.06 21.16
CA LEU B 452 -28.54 22.27 21.40
C LEU B 452 -29.26 22.28 22.74
N ASN B 453 -29.36 21.09 23.39
CA ASN B 453 -30.02 20.83 24.67
C ASN B 453 -29.07 21.10 25.83
N ASP B 454 -29.41 22.10 26.64
CA ASP B 454 -28.59 22.51 27.77
C ASP B 454 -28.54 21.46 28.89
N SER B 455 -29.50 20.52 28.93
CA SER B 455 -29.48 19.42 29.89
C SER B 455 -28.43 18.35 29.48
N LEU B 456 -27.86 18.44 28.25
CA LEU B 456 -26.93 17.44 27.72
C LEU B 456 -25.40 17.75 27.77
N ASN B 457 -24.99 18.94 28.26
CA ASN B 457 -23.57 19.32 28.46
C ASN B 457 -22.65 19.11 27.21
N TYR B 458 -22.78 20.01 26.23
CA TYR B 458 -21.99 20.05 25.02
C TYR B 458 -21.40 21.44 24.98
N THR B 459 -20.33 21.59 24.21
CA THR B 459 -19.66 22.88 24.08
C THR B 459 -20.43 23.84 23.15
N PRO B 460 -20.28 25.18 23.30
CA PRO B 460 -20.91 26.09 22.32
C PRO B 460 -20.40 25.82 20.89
N GLN B 461 -19.13 25.32 20.76
CA GLN B 461 -18.54 24.93 19.48
C GLN B 461 -19.30 23.72 18.90
N GLU B 462 -19.78 22.78 19.79
CA GLU B 462 -20.57 21.61 19.37
C GLU B 462 -21.99 22.00 18.93
N LYS B 463 -22.55 23.07 19.53
CA LYS B 463 -23.86 23.58 19.14
C LYS B 463 -23.79 24.07 17.69
N GLU B 464 -22.77 24.90 17.38
CA GLU B 464 -22.50 25.42 16.03
C GLU B 464 -22.51 24.29 14.97
N LEU B 465 -21.70 23.23 15.16
CA LEU B 465 -21.59 22.11 14.22
C LEU B 465 -22.91 21.37 14.03
N SER B 466 -23.66 21.15 15.13
CA SER B 466 -24.97 20.49 15.04
C SER B 466 -25.91 21.33 14.16
N ARG B 467 -26.03 22.64 14.48
CA ARG B 467 -26.83 23.62 13.73
C ARG B 467 -26.47 23.54 12.23
N ARG B 468 -25.16 23.46 11.92
CA ARG B 468 -24.63 23.35 10.56
C ARG B 468 -24.98 22.05 9.88
N MET B 469 -24.83 20.93 10.56
CA MET B 469 -25.14 19.61 10.01
C MET B 469 -26.62 19.47 9.74
N MET B 470 -27.46 20.05 10.63
CA MET B 470 -28.92 20.05 10.50
C MET B 470 -29.29 20.80 9.23
N ARG B 471 -28.65 22.00 8.98
CA ARG B 471 -28.86 22.82 7.79
C ARG B 471 -28.47 22.01 6.55
N TYR B 472 -27.21 21.43 6.51
CA TYR B 472 -26.73 20.62 5.38
C TYR B 472 -27.72 19.52 5.01
N TRP B 473 -28.15 18.74 6.02
CA TRP B 473 -29.11 17.65 5.87
C TRP B 473 -30.46 18.14 5.33
N ALA B 474 -30.94 19.29 5.82
CA ALA B 474 -32.20 19.87 5.38
C ALA B 474 -32.11 20.53 3.98
N ASN B 475 -30.97 21.23 3.69
CA ASN B 475 -30.74 21.87 2.39
C ASN B 475 -30.76 20.79 1.30
N PHE B 476 -30.05 19.67 1.52
CA PHE B 476 -29.99 18.49 0.66
C PHE B 476 -31.36 17.84 0.44
N ALA B 477 -32.15 17.74 1.53
CA ALA B 477 -33.47 17.13 1.49
C ALA B 477 -34.44 17.93 0.62
N ARG B 478 -34.23 19.27 0.53
CA ARG B 478 -35.05 20.21 -0.25
C ARG B 478 -34.49 20.47 -1.64
N THR B 479 -33.16 20.74 -1.75
CA THR B 479 -32.42 21.11 -2.95
C THR B 479 -31.89 19.88 -3.71
N GLY B 480 -31.23 18.98 -2.99
CA GLY B 480 -30.55 17.84 -3.59
C GLY B 480 -29.11 18.23 -3.72
N ASN B 481 -28.78 19.36 -3.05
CA ASN B 481 -27.48 19.99 -2.87
C ASN B 481 -27.48 20.49 -1.40
N PRO B 482 -26.64 19.92 -0.50
CA PRO B 482 -26.63 20.36 0.91
C PRO B 482 -26.09 21.77 1.22
N THR B 483 -25.39 22.43 0.26
CA THR B 483 -24.86 23.79 0.49
C THR B 483 -25.84 24.84 -0.01
N ASP B 484 -25.68 26.09 0.46
CA ASP B 484 -26.57 27.21 0.09
C ASP B 484 -25.84 28.57 -0.24
N PRO B 485 -24.97 29.18 0.64
CA PRO B 485 -24.35 30.48 0.28
C PRO B 485 -23.50 30.45 -1.00
N ALA B 486 -23.65 31.50 -1.84
CA ALA B 486 -22.93 31.63 -3.10
C ALA B 486 -22.55 33.08 -3.40
N ALA B 491 -19.90 25.43 -1.35
CA ALA B 491 -18.79 25.19 -0.43
C ALA B 491 -18.40 23.72 -0.38
N TRP B 492 -19.38 22.80 -0.64
CA TRP B 492 -19.27 21.32 -0.62
C TRP B 492 -19.39 20.78 -2.05
N PRO B 493 -18.29 20.18 -2.60
CA PRO B 493 -18.33 19.65 -3.97
C PRO B 493 -18.84 18.21 -4.12
N THR B 494 -19.14 17.86 -5.38
CA THR B 494 -19.59 16.54 -5.80
C THR B 494 -18.41 15.53 -5.75
N TYR B 495 -18.80 14.25 -5.62
CA TYR B 495 -17.97 13.05 -5.59
C TYR B 495 -18.09 12.32 -6.97
N THR B 496 -16.93 11.96 -7.55
CA THR B 496 -16.71 11.23 -8.81
C THR B 496 -15.66 10.14 -8.46
N ALA B 497 -15.50 9.09 -9.28
CA ALA B 497 -14.45 8.08 -9.06
C ALA B 497 -13.11 8.80 -9.39
N SER B 498 -13.11 9.62 -10.47
CA SER B 498 -11.98 10.44 -10.93
C SER B 498 -11.53 11.48 -9.90
N GLN B 499 -12.50 12.23 -9.32
CA GLN B 499 -12.29 13.21 -8.25
C GLN B 499 -13.11 12.74 -7.03
N PRO B 500 -12.54 11.84 -6.17
CA PRO B 500 -13.31 11.32 -5.03
C PRO B 500 -13.33 12.20 -3.78
N GLN B 501 -13.46 13.53 -3.99
CA GLN B 501 -13.51 14.58 -2.96
C GLN B 501 -14.62 14.33 -1.95
N TYR B 502 -14.39 14.81 -0.71
CA TYR B 502 -15.24 14.70 0.46
C TYR B 502 -14.94 15.89 1.39
N VAL B 503 -15.84 16.14 2.38
CA VAL B 503 -15.71 17.28 3.29
C VAL B 503 -15.50 16.87 4.75
N GLN B 504 -14.81 17.72 5.51
CA GLN B 504 -14.66 17.45 6.94
C GLN B 504 -15.76 18.17 7.78
N LEU B 505 -16.58 17.39 8.49
CA LEU B 505 -17.62 17.91 9.39
C LEU B 505 -17.01 17.89 10.77
N ASN B 506 -16.72 19.07 11.35
CA ASN B 506 -16.09 19.27 12.67
C ASN B 506 -16.29 20.69 13.22
N THR B 507 -15.58 21.06 14.31
CA THR B 507 -15.64 22.41 14.90
C THR B 507 -14.71 23.37 14.18
N GLN B 508 -14.60 23.22 12.84
CA GLN B 508 -13.77 24.04 11.96
C GLN B 508 -14.53 24.26 10.65
N PRO B 509 -14.28 25.41 9.97
CA PRO B 509 -15.00 25.69 8.70
C PRO B 509 -14.87 24.55 7.70
N LEU B 510 -15.99 24.22 7.01
CA LEU B 510 -16.07 23.14 6.03
C LEU B 510 -14.72 23.24 5.29
N ALA B 511 -13.89 22.17 5.43
CA ALA B 511 -12.65 21.92 4.71
C ALA B 511 -12.82 20.77 3.73
N THR B 512 -12.16 20.88 2.58
CA THR B 512 -12.29 19.87 1.55
C THR B 512 -11.07 18.98 1.46
N GLN B 513 -11.33 17.69 1.22
CA GLN B 513 -10.29 16.67 1.10
C GLN B 513 -10.43 15.89 -0.25
N PRO B 514 -9.31 15.56 -0.92
CA PRO B 514 -9.39 15.04 -2.30
C PRO B 514 -9.74 13.58 -2.52
N SER B 515 -9.33 12.66 -1.64
CA SER B 515 -9.55 11.23 -1.83
C SER B 515 -10.18 10.62 -0.62
N LEU B 516 -11.32 9.95 -0.82
CA LEU B 516 -11.98 9.24 0.28
C LEU B 516 -11.57 7.77 0.23
N ARG B 517 -10.32 7.47 0.71
CA ARG B 517 -9.71 6.12 0.77
C ARG B 517 -9.69 5.36 -0.57
N ALA B 518 -9.37 6.03 -1.67
CA ALA B 518 -9.39 5.41 -3.01
C ALA B 518 -8.39 4.28 -3.18
N GLN B 519 -7.18 4.44 -2.66
CA GLN B 519 -6.12 3.45 -2.83
C GLN B 519 -6.44 2.15 -2.12
N ILE B 520 -6.82 2.27 -0.86
CA ILE B 520 -7.13 1.10 -0.06
C ILE B 520 -8.42 0.43 -0.52
N CYS B 521 -9.42 1.20 -0.91
CA CYS B 521 -10.69 0.61 -1.30
C CYS B 521 -10.61 -0.06 -2.64
N ALA B 522 -9.51 0.19 -3.36
CA ALA B 522 -9.22 -0.48 -4.64
C ALA B 522 -8.83 -1.89 -4.32
N PHE B 523 -8.26 -2.12 -3.10
CA PHE B 523 -7.82 -3.43 -2.61
C PHE B 523 -9.04 -4.25 -2.33
N TRP B 524 -9.90 -3.75 -1.43
CA TRP B 524 -11.19 -4.33 -1.03
C TRP B 524 -12.21 -4.53 -2.18
N ASN B 525 -12.40 -3.51 -3.03
CA ASN B 525 -13.41 -3.55 -4.09
C ASN B 525 -12.94 -4.18 -5.41
N HIS B 526 -11.68 -3.96 -5.82
CA HIS B 526 -11.23 -4.52 -7.10
C HIS B 526 -10.48 -5.80 -6.96
N PHE B 527 -9.43 -5.82 -6.11
CA PHE B 527 -8.51 -6.95 -6.00
C PHE B 527 -9.00 -8.12 -5.14
N LEU B 528 -9.43 -7.87 -3.89
CA LEU B 528 -9.83 -8.93 -2.98
C LEU B 528 -10.91 -9.87 -3.56
N PRO B 529 -12.01 -9.37 -4.21
CA PRO B 529 -12.95 -10.33 -4.83
C PRO B 529 -12.27 -11.16 -5.91
N LYS B 530 -11.55 -10.50 -6.88
CA LYS B 530 -10.76 -11.12 -7.97
C LYS B 530 -9.91 -12.28 -7.47
N LEU B 531 -9.27 -12.10 -6.29
CA LEU B 531 -8.42 -13.10 -5.67
C LEU B 531 -9.20 -14.38 -5.38
N LEU B 532 -10.40 -14.21 -4.79
CA LEU B 532 -11.25 -15.34 -4.43
C LEU B 532 -11.85 -16.04 -5.69
N ASN B 533 -12.10 -15.30 -6.79
CA ASN B 533 -12.58 -15.87 -8.07
C ASN B 533 -11.50 -16.75 -8.75
N ALA B 534 -10.22 -16.63 -8.30
CA ALA B 534 -9.06 -17.36 -8.85
C ALA B 534 -8.59 -18.55 -7.98
N THR B 535 -9.04 -18.62 -6.70
CA THR B 535 -8.67 -19.68 -5.76
C THR B 535 -9.87 -20.55 -5.34
N GLN C 1 -10.45 0.72 37.34
CA GLN C 1 -10.75 1.03 38.72
C GLN C 1 -11.32 2.45 38.89
N ILE C 2 -12.70 2.60 38.76
CA ILE C 2 -13.46 3.83 39.03
C ILE C 2 -13.69 3.80 40.55
N VAL C 3 -13.15 4.78 41.29
CA VAL C 3 -13.23 4.83 42.75
C VAL C 3 -14.44 5.66 43.15
N LEU C 4 -15.32 5.06 43.98
CA LEU C 4 -16.56 5.67 44.50
C LEU C 4 -16.34 6.01 45.98
N THR C 5 -16.51 7.29 46.30
CA THR C 5 -16.27 7.84 47.63
C THR C 5 -17.56 8.26 48.29
N GLN C 6 -17.91 7.50 49.34
CA GLN C 6 -19.10 7.79 50.12
C GLN C 6 -18.76 8.62 51.29
N SER C 7 -19.58 9.65 51.52
CA SER C 7 -19.41 10.59 52.62
C SER C 7 -20.77 11.12 53.10
N PRO C 8 -20.99 11.22 54.45
CA PRO C 8 -20.09 10.83 55.55
C PRO C 8 -19.96 9.32 55.67
N ALA C 9 -18.90 8.85 56.33
CA ALA C 9 -18.71 7.40 56.53
C ALA C 9 -19.77 6.92 57.55
N ILE C 10 -20.01 7.73 58.59
CA ILE C 10 -21.01 7.55 59.62
C ILE C 10 -21.86 8.83 59.64
N MET C 11 -23.18 8.64 59.63
CA MET C 11 -24.22 9.65 59.66
C MET C 11 -25.15 9.40 60.86
N SER C 12 -25.48 10.47 61.60
CA SER C 12 -26.38 10.39 62.74
C SER C 12 -27.52 11.42 62.57
N ALA C 13 -28.77 10.95 62.59
CA ALA C 13 -29.95 11.79 62.45
C ALA C 13 -31.06 11.39 63.40
N SER C 14 -31.81 12.39 63.88
CA SER C 14 -32.91 12.18 64.80
C SER C 14 -34.12 11.69 64.00
N PRO C 15 -35.07 10.93 64.58
CA PRO C 15 -36.25 10.54 63.80
C PRO C 15 -37.06 11.75 63.29
N GLY C 16 -37.36 11.72 61.99
CA GLY C 16 -38.12 12.76 61.31
C GLY C 16 -37.30 13.75 60.51
N GLU C 17 -35.97 13.67 60.63
CA GLU C 17 -35.01 14.54 59.98
C GLU C 17 -34.75 14.17 58.53
N LYS C 18 -34.56 15.18 57.65
CA LYS C 18 -34.19 14.92 56.27
C LYS C 18 -32.70 14.66 56.23
N VAL C 19 -32.30 13.63 55.49
CA VAL C 19 -30.89 13.27 55.41
C VAL C 19 -30.50 12.89 53.94
N THR C 20 -29.28 13.32 53.54
CA THR C 20 -28.70 13.12 52.22
C THR C 20 -27.27 12.57 52.38
N MET C 21 -27.01 11.47 51.69
CA MET C 21 -25.75 10.71 51.62
C MET C 21 -25.22 11.00 50.24
N THR C 22 -23.92 11.14 50.10
CA THR C 22 -23.37 11.39 48.77
C THR C 22 -22.45 10.28 48.38
N CYS C 23 -22.27 10.15 47.07
CA CYS C 23 -21.38 9.22 46.43
C CYS C 23 -20.68 10.06 45.30
N SER C 24 -19.33 10.17 45.37
CA SER C 24 -18.50 10.91 44.42
C SER C 24 -17.67 9.90 43.63
N ALA C 25 -17.78 9.94 42.29
CA ALA C 25 -17.07 9.05 41.40
C ALA C 25 -15.79 9.68 40.86
N SER C 26 -14.67 8.93 40.88
CA SER C 26 -13.35 9.40 40.39
C SER C 26 -13.44 9.88 38.92
N SER C 27 -14.32 9.23 38.11
CA SER C 27 -14.64 9.50 36.72
C SER C 27 -16.16 9.46 36.59
N SER C 28 -16.70 10.24 35.62
CA SER C 28 -18.13 10.33 35.31
C SER C 28 -18.71 8.94 34.94
N VAL C 29 -19.90 8.61 35.48
CA VAL C 29 -20.63 7.33 35.31
C VAL C 29 -22.08 7.63 34.83
N SER C 30 -22.71 6.71 34.05
CA SER C 30 -24.03 6.97 33.46
C SER C 30 -25.20 6.89 34.41
N TYR C 31 -25.10 5.99 35.42
CA TYR C 31 -26.07 5.68 36.47
C TYR C 31 -25.30 5.20 37.72
N MET C 32 -26.00 5.21 38.86
CA MET C 32 -25.62 4.75 40.17
C MET C 32 -26.72 3.80 40.73
N TYR C 33 -26.31 2.67 41.30
CA TYR C 33 -27.23 1.74 41.93
C TYR C 33 -26.87 1.80 43.40
N TRP C 34 -27.86 1.65 44.27
CA TRP C 34 -27.66 1.68 45.71
C TRP C 34 -28.25 0.46 46.36
N TYR C 35 -27.55 -0.01 47.39
CA TYR C 35 -27.93 -1.19 48.19
C TYR C 35 -27.87 -0.80 49.62
N HIS C 36 -28.64 -1.50 50.43
CA HIS C 36 -28.57 -1.35 51.87
C HIS C 36 -28.07 -2.68 52.44
N GLN C 37 -27.41 -2.65 53.61
CA GLN C 37 -26.94 -3.83 54.34
C GLN C 37 -27.19 -3.69 55.83
N LYS C 38 -27.85 -4.69 56.38
CA LYS C 38 -28.18 -4.79 57.78
C LYS C 38 -27.29 -5.85 58.45
N PRO C 39 -27.03 -5.76 59.76
CA PRO C 39 -26.18 -6.79 60.40
C PRO C 39 -26.68 -8.23 60.23
N GLY C 40 -25.72 -9.13 59.95
CA GLY C 40 -25.93 -10.55 59.75
C GLY C 40 -26.67 -10.94 58.49
N SER C 41 -26.88 -9.96 57.59
CA SER C 41 -27.59 -10.13 56.32
C SER C 41 -26.73 -9.67 55.15
N SER C 42 -26.92 -10.29 53.99
CA SER C 42 -26.24 -9.96 52.76
C SER C 42 -26.88 -8.66 52.23
N PRO C 43 -26.23 -7.86 51.33
CA PRO C 43 -26.90 -6.63 50.83
C PRO C 43 -28.25 -6.89 50.14
N LYS C 44 -29.06 -5.84 49.98
CA LYS C 44 -30.37 -5.93 49.32
C LYS C 44 -30.45 -4.76 48.36
N PRO C 45 -31.04 -4.93 47.14
CA PRO C 45 -31.14 -3.78 46.21
C PRO C 45 -32.03 -2.67 46.77
N TRP C 46 -31.58 -1.44 46.63
CA TRP C 46 -32.33 -0.31 47.18
C TRP C 46 -32.79 0.67 46.10
N ILE C 47 -31.88 1.17 45.27
CA ILE C 47 -32.21 2.09 44.19
C ILE C 47 -31.64 1.56 42.89
N TYR C 48 -32.48 1.46 41.84
CA TYR C 48 -32.15 1.02 40.47
C TYR C 48 -31.94 2.24 39.61
N ARG C 49 -30.90 2.20 38.77
CA ARG C 49 -30.57 3.23 37.78
C ARG C 49 -30.81 4.69 38.23
N THR C 50 -30.07 5.11 39.27
CA THR C 50 -30.03 6.45 39.90
C THR C 50 -31.23 6.75 40.81
N SER C 51 -32.48 6.61 40.32
CA SER C 51 -33.61 7.13 41.08
C SER C 51 -34.85 6.20 41.19
N ASN C 52 -34.77 5.01 40.62
CA ASN C 52 -35.89 4.09 40.70
C ASN C 52 -35.80 3.22 41.90
N LEU C 53 -36.71 3.40 42.87
CA LEU C 53 -36.74 2.62 44.11
C LEU C 53 -37.01 1.16 43.80
N ALA C 54 -36.38 0.26 44.57
CA ALA C 54 -36.52 -1.18 44.47
C ALA C 54 -37.84 -1.62 45.13
N SER C 55 -38.42 -2.73 44.66
CA SER C 55 -39.68 -3.24 45.20
C SER C 55 -39.58 -3.40 46.71
N GLY C 56 -40.51 -2.76 47.41
CA GLY C 56 -40.58 -2.76 48.87
C GLY C 56 -39.90 -1.61 49.59
N VAL C 57 -39.11 -0.76 48.87
CA VAL C 57 -38.40 0.36 49.49
C VAL C 57 -39.40 1.51 49.78
N PRO C 58 -39.46 2.04 51.04
CA PRO C 58 -40.41 3.13 51.35
C PRO C 58 -40.23 4.41 50.52
N ALA C 59 -41.34 5.10 50.23
CA ALA C 59 -41.40 6.33 49.42
C ALA C 59 -40.57 7.48 49.94
N ARG C 60 -40.25 7.48 51.23
CA ARG C 60 -39.42 8.50 51.88
C ARG C 60 -37.98 8.47 51.35
N PHE C 61 -37.62 7.36 50.67
CA PHE C 61 -36.34 7.23 50.04
C PHE C 61 -36.38 7.77 48.63
N SER C 62 -35.29 8.43 48.24
CA SER C 62 -35.11 8.92 46.89
C SER C 62 -33.63 8.90 46.54
N GLY C 63 -33.40 8.72 45.24
CA GLY C 63 -32.10 8.70 44.58
C GLY C 63 -32.05 9.80 43.56
N SER C 64 -30.85 10.32 43.31
CA SER C 64 -30.58 11.41 42.37
C SER C 64 -29.06 11.57 42.14
N GLY C 65 -28.71 12.16 41.03
CA GLY C 65 -27.33 12.40 40.70
C GLY C 65 -27.06 12.44 39.23
N SER C 66 -25.84 12.87 38.87
CA SER C 66 -25.35 13.07 37.51
C SER C 66 -23.81 13.05 37.46
N GLY C 67 -23.23 12.62 36.33
CA GLY C 67 -21.79 12.58 36.09
C GLY C 67 -20.97 11.90 37.16
N THR C 68 -20.33 12.71 38.01
CA THR C 68 -19.50 12.19 39.11
C THR C 68 -20.20 12.32 40.45
N SER C 69 -21.30 13.06 40.54
CA SER C 69 -21.94 13.27 41.83
C SER C 69 -23.35 12.69 41.92
N TYR C 70 -23.54 11.74 42.86
CA TYR C 70 -24.78 11.02 43.12
C TYR C 70 -25.06 11.03 44.60
N SER C 71 -26.34 10.92 44.96
CA SER C 71 -26.83 11.00 46.32
C SER C 71 -28.09 10.14 46.54
N LEU C 72 -28.32 9.78 47.83
CA LEU C 72 -29.46 9.04 48.32
C LEU C 72 -30.02 9.90 49.44
N SER C 73 -31.35 10.16 49.40
CA SER C 73 -31.99 10.95 50.44
C SER C 73 -33.13 10.22 51.11
N VAL C 74 -33.41 10.62 52.38
CA VAL C 74 -34.53 10.16 53.20
C VAL C 74 -35.20 11.44 53.71
N SER C 75 -36.47 11.65 53.31
CA SER C 75 -37.23 12.86 53.66
C SER C 75 -37.47 12.99 55.15
N SER C 76 -37.88 11.88 55.78
CA SER C 76 -38.19 11.79 57.21
C SER C 76 -37.70 10.45 57.70
N VAL C 77 -36.55 10.47 58.35
CA VAL C 77 -35.87 9.28 58.79
C VAL C 77 -36.58 8.57 59.95
N GLU C 78 -36.63 7.22 59.88
CA GLU C 78 -37.21 6.37 60.91
C GLU C 78 -36.13 5.41 61.42
N ALA C 79 -36.39 4.71 62.56
CA ALA C 79 -35.48 3.75 63.17
C ALA C 79 -35.13 2.60 62.22
N GLU C 80 -36.11 2.11 61.42
CA GLU C 80 -35.86 1.01 60.48
C GLU C 80 -34.83 1.35 59.41
N ASP C 81 -34.52 2.64 59.21
CA ASP C 81 -33.53 3.06 58.22
C ASP C 81 -32.08 2.87 58.69
N ALA C 82 -31.87 2.34 59.91
CA ALA C 82 -30.53 2.08 60.42
C ALA C 82 -29.93 0.88 59.63
N ALA C 83 -28.93 1.18 58.79
CA ALA C 83 -28.22 0.25 57.90
C ALA C 83 -27.02 0.94 57.29
N THR C 84 -26.29 0.19 56.47
CA THR C 84 -25.18 0.72 55.72
C THR C 84 -25.66 0.77 54.29
N TYR C 85 -25.45 1.90 53.64
CA TYR C 85 -25.87 2.11 52.26
C TYR C 85 -24.64 2.24 51.41
N TYR C 86 -24.53 1.37 50.38
CA TYR C 86 -23.41 1.38 49.41
C TYR C 86 -23.92 1.83 48.05
N CYS C 87 -23.10 2.58 47.32
CA CYS C 87 -23.40 2.95 45.92
C CYS C 87 -22.58 2.01 45.05
N GLN C 88 -23.02 1.74 43.82
CA GLN C 88 -22.36 0.87 42.86
C GLN C 88 -22.48 1.48 41.46
N GLN C 89 -21.40 1.42 40.67
CA GLN C 89 -21.44 1.82 39.27
C GLN C 89 -21.31 0.56 38.38
N TYR C 90 -22.02 0.53 37.23
CA TYR C 90 -21.89 -0.57 36.26
C TYR C 90 -21.64 0.06 34.89
N ASN C 91 -20.79 1.11 34.87
CA ASN C 91 -20.41 1.88 33.69
C ASN C 91 -19.17 1.24 33.07
N SER C 92 -18.16 0.89 33.91
CA SER C 92 -16.90 0.33 33.44
C SER C 92 -16.48 -0.84 34.26
N HIS C 93 -15.65 -1.74 33.69
CA HIS C 93 -15.12 -2.90 34.41
C HIS C 93 -13.82 -2.51 35.12
N PRO C 94 -13.64 -2.89 36.40
CA PRO C 94 -14.57 -3.69 37.23
C PRO C 94 -15.67 -2.84 37.82
N MET C 95 -16.85 -3.47 37.96
CA MET C 95 -17.94 -2.78 38.61
C MET C 95 -17.44 -2.57 40.04
N THR C 96 -17.61 -1.37 40.57
CA THR C 96 -17.12 -0.99 41.88
C THR C 96 -18.23 -0.53 42.78
N PHE C 97 -17.96 -0.54 44.09
CA PHE C 97 -18.85 -0.13 45.15
C PHE C 97 -18.14 0.91 46.02
N GLY C 98 -18.90 1.81 46.62
CA GLY C 98 -18.37 2.81 47.54
C GLY C 98 -18.07 2.14 48.86
N GLY C 99 -17.45 2.89 49.76
CA GLY C 99 -17.10 2.40 51.10
C GLY C 99 -18.28 2.19 52.02
N GLY C 100 -19.37 2.87 51.71
CA GLY C 100 -20.63 2.79 52.45
C GLY C 100 -20.81 3.97 53.38
N THR C 101 -22.08 4.15 53.85
CA THR C 101 -22.50 5.11 54.87
C THR C 101 -23.32 4.39 55.94
N LYS C 102 -22.82 4.39 57.20
CA LYS C 102 -23.54 3.84 58.35
C LYS C 102 -24.55 4.89 58.78
N LEU C 103 -25.86 4.63 58.56
CA LEU C 103 -26.89 5.54 59.01
C LEU C 103 -27.31 5.08 60.39
N GLU C 104 -27.16 5.99 61.36
CA GLU C 104 -27.50 5.76 62.76
C GLU C 104 -28.66 6.71 63.10
N ILE C 105 -29.68 6.17 63.77
CA ILE C 105 -30.84 6.96 64.18
C ILE C 105 -30.74 7.31 65.65
N LYS C 106 -30.85 8.61 65.93
CA LYS C 106 -30.77 9.07 67.29
C LYS C 106 -32.00 8.61 68.06
N ARG C 107 -31.89 8.64 69.38
CA ARG C 107 -32.94 8.28 70.31
C ARG C 107 -32.59 8.83 71.70
N ALA C 108 -33.59 8.80 72.61
CA ALA C 108 -33.38 9.22 74.01
C ALA C 108 -32.22 8.41 74.59
N ASP C 109 -31.33 9.06 75.35
CA ASP C 109 -30.19 8.37 75.95
C ASP C 109 -30.71 7.24 76.85
N ALA C 110 -30.10 6.05 76.71
CA ALA C 110 -30.46 4.83 77.45
C ALA C 110 -29.23 4.21 78.12
N ALA C 111 -29.32 4.03 79.45
CA ALA C 111 -28.27 3.44 80.28
C ALA C 111 -28.15 1.93 79.99
N PRO C 112 -26.90 1.35 80.05
CA PRO C 112 -26.76 -0.08 79.76
C PRO C 112 -27.22 -1.00 80.88
N THR C 113 -27.80 -2.15 80.53
CA THR C 113 -28.19 -3.20 81.49
C THR C 113 -27.00 -4.21 81.64
N VAL C 114 -26.14 -3.94 82.64
CA VAL C 114 -24.93 -4.68 82.95
C VAL C 114 -25.23 -5.95 83.76
N SER C 115 -24.68 -7.10 83.31
CA SER C 115 -24.78 -8.40 83.97
C SER C 115 -23.39 -9.06 83.92
N ILE C 116 -22.90 -9.49 85.09
CA ILE C 116 -21.63 -10.19 85.27
C ILE C 116 -21.91 -11.71 85.49
N PHE C 117 -21.00 -12.57 85.01
CA PHE C 117 -21.15 -14.02 85.11
C PHE C 117 -19.84 -14.66 85.47
N PRO C 118 -19.78 -15.37 86.61
CA PRO C 118 -18.55 -16.07 86.98
C PRO C 118 -18.25 -17.22 86.02
N PRO C 119 -17.03 -17.79 86.01
CA PRO C 119 -16.78 -18.93 85.14
C PRO C 119 -17.69 -20.11 85.49
N SER C 120 -18.25 -20.77 84.46
CA SER C 120 -19.11 -21.94 84.60
C SER C 120 -18.29 -23.09 85.20
N SER C 121 -18.97 -24.08 85.84
CA SER C 121 -18.30 -25.24 86.42
C SER C 121 -17.50 -25.96 85.34
N GLU C 122 -18.13 -26.20 84.16
CA GLU C 122 -17.57 -26.91 83.01
C GLU C 122 -16.29 -26.27 82.49
N GLN C 123 -16.21 -24.94 82.51
CA GLN C 123 -14.97 -24.29 82.10
C GLN C 123 -13.86 -24.53 83.12
N LEU C 124 -14.17 -24.32 84.41
CA LEU C 124 -13.23 -24.50 85.50
C LEU C 124 -12.70 -25.94 85.51
N THR C 125 -13.59 -26.96 85.42
CA THR C 125 -13.20 -28.37 85.37
C THR C 125 -12.27 -28.66 84.17
N SER C 126 -12.37 -27.88 83.07
CA SER C 126 -11.48 -28.00 81.91
C SER C 126 -10.13 -27.21 82.08
N GLY C 127 -9.92 -26.56 83.23
CA GLY C 127 -8.69 -25.85 83.57
C GLY C 127 -8.63 -24.35 83.37
N GLY C 128 -9.63 -23.80 82.69
CA GLY C 128 -9.67 -22.36 82.43
C GLY C 128 -10.73 -21.61 83.19
N ALA C 129 -10.68 -20.26 83.11
CA ALA C 129 -11.65 -19.42 83.79
C ALA C 129 -11.85 -18.12 83.04
N SER C 130 -13.08 -17.90 82.54
CA SER C 130 -13.49 -16.69 81.84
C SER C 130 -14.65 -16.02 82.61
N VAL C 131 -14.57 -14.69 82.81
CA VAL C 131 -15.63 -13.92 83.45
C VAL C 131 -16.26 -13.11 82.35
N VAL C 132 -17.58 -13.20 82.23
CA VAL C 132 -18.31 -12.50 81.16
C VAL C 132 -19.09 -11.34 81.71
N CYS C 133 -19.12 -10.29 80.91
CA CYS C 133 -19.89 -9.11 81.19
C CYS C 133 -20.61 -8.58 79.98
N PHE C 134 -21.92 -8.40 80.10
CA PHE C 134 -22.78 -7.84 79.05
C PHE C 134 -23.28 -6.52 79.53
N LEU C 135 -23.22 -5.53 78.65
CA LEU C 135 -23.67 -4.16 78.86
C LEU C 135 -24.59 -3.93 77.68
N ASN C 136 -25.88 -4.25 77.88
CA ASN C 136 -26.86 -4.24 76.82
C ASN C 136 -27.80 -3.05 76.76
N ASN C 137 -28.28 -2.78 75.53
CA ASN C 137 -29.28 -1.81 75.13
C ASN C 137 -29.01 -0.39 75.63
N PHE C 138 -27.89 0.20 75.18
CA PHE C 138 -27.49 1.56 75.52
C PHE C 138 -27.39 2.51 74.30
N TYR C 139 -27.52 3.81 74.56
CA TYR C 139 -27.42 4.90 73.59
C TYR C 139 -26.91 6.15 74.34
N PRO C 140 -25.89 6.90 73.82
CA PRO C 140 -25.15 6.71 72.55
C PRO C 140 -24.23 5.48 72.53
N LYS C 141 -23.55 5.20 71.40
CA LYS C 141 -22.67 4.05 71.25
C LYS C 141 -21.40 4.15 72.07
N ASP C 142 -21.02 5.36 72.45
CA ASP C 142 -19.76 5.62 73.14
C ASP C 142 -19.81 5.09 74.58
N ILE C 143 -19.04 4.03 74.83
CA ILE C 143 -18.91 3.32 76.09
C ILE C 143 -17.48 2.81 76.29
N ASN C 144 -17.02 2.83 77.55
CA ASN C 144 -15.70 2.30 77.94
C ASN C 144 -15.88 1.38 79.12
N VAL C 145 -15.17 0.23 79.10
CA VAL C 145 -15.25 -0.82 80.11
C VAL C 145 -13.89 -1.20 80.67
N LYS C 146 -13.81 -1.30 82.01
CA LYS C 146 -12.61 -1.64 82.78
C LYS C 146 -12.91 -2.78 83.72
N TRP C 147 -11.92 -3.63 83.96
CA TRP C 147 -12.00 -4.77 84.89
C TRP C 147 -11.07 -4.57 86.02
N LYS C 148 -11.48 -5.01 87.21
CA LYS C 148 -10.70 -4.94 88.44
C LYS C 148 -10.75 -6.30 89.09
N ILE C 149 -9.57 -6.86 89.48
CA ILE C 149 -9.48 -8.12 90.20
C ILE C 149 -8.94 -7.77 91.55
N ASP C 150 -9.80 -7.88 92.57
CA ASP C 150 -9.44 -7.57 93.96
C ASP C 150 -8.92 -6.13 94.04
N GLY C 151 -9.65 -5.24 93.39
CA GLY C 151 -9.33 -3.82 93.41
C GLY C 151 -8.31 -3.33 92.40
N SER C 152 -7.42 -4.21 91.90
CA SER C 152 -6.39 -3.82 90.93
C SER C 152 -6.92 -3.98 89.53
N GLU C 153 -6.68 -3.00 88.65
CA GLU C 153 -7.15 -3.07 87.26
C GLU C 153 -6.51 -4.19 86.45
N ARG C 154 -7.26 -4.76 85.54
CA ARG C 154 -6.80 -5.86 84.68
C ARG C 154 -7.07 -5.55 83.23
N GLN C 155 -6.00 -5.57 82.39
CA GLN C 155 -6.12 -5.32 80.95
C GLN C 155 -5.81 -6.57 80.09
N ASN C 156 -4.84 -7.38 80.51
CA ASN C 156 -4.45 -8.60 79.82
C ASN C 156 -5.54 -9.69 79.93
N GLY C 157 -5.85 -10.30 78.79
CA GLY C 157 -6.85 -11.36 78.69
C GLY C 157 -8.27 -10.88 78.49
N VAL C 158 -8.43 -9.60 78.12
CA VAL C 158 -9.76 -9.03 77.93
C VAL C 158 -10.11 -8.94 76.46
N LEU C 159 -11.25 -9.52 76.07
CA LEU C 159 -11.76 -9.48 74.69
C LEU C 159 -13.09 -8.75 74.64
N ASN C 160 -13.08 -7.59 73.99
CA ASN C 160 -14.27 -6.75 73.87
C ASN C 160 -14.93 -6.94 72.52
N SER C 161 -16.26 -6.86 72.50
CA SER C 161 -17.08 -7.01 71.29
C SER C 161 -18.30 -6.09 71.38
N TRP C 162 -18.71 -5.47 70.27
CA TRP C 162 -19.81 -4.50 70.14
C TRP C 162 -20.70 -4.83 68.96
N THR C 163 -22.01 -4.62 69.12
CA THR C 163 -22.98 -4.88 68.05
C THR C 163 -23.19 -3.59 67.29
N ASP C 164 -23.77 -3.71 66.10
CA ASP C 164 -24.14 -2.53 65.35
C ASP C 164 -25.49 -2.07 65.96
N GLN C 165 -25.95 -0.84 65.64
CA GLN C 165 -27.21 -0.32 66.18
C GLN C 165 -28.37 -1.22 65.79
N ASP C 166 -29.32 -1.41 66.73
CA ASP C 166 -30.50 -2.22 66.49
C ASP C 166 -31.55 -1.37 65.74
N SER C 167 -32.08 -1.89 64.62
CA SER C 167 -33.11 -1.25 63.79
C SER C 167 -34.40 -1.06 64.55
N LYS C 168 -34.71 -1.97 65.50
CA LYS C 168 -35.96 -1.89 66.24
C LYS C 168 -35.92 -0.92 67.42
N ASP C 169 -34.88 -0.92 68.28
CA ASP C 169 -34.92 0.00 69.42
C ASP C 169 -33.83 1.09 69.41
N SER C 170 -33.08 1.26 68.28
CA SER C 170 -32.02 2.26 68.12
C SER C 170 -30.86 2.14 69.18
N THR C 171 -30.75 0.98 69.86
CA THR C 171 -29.73 0.76 70.88
C THR C 171 -28.53 -0.02 70.37
N TYR C 172 -27.48 0.01 71.18
CA TYR C 172 -26.21 -0.67 70.99
C TYR C 172 -26.00 -1.58 72.18
N SER C 173 -25.25 -2.68 72.00
CA SER C 173 -24.91 -3.60 73.09
C SER C 173 -23.43 -3.98 73.00
N MET C 174 -22.85 -4.34 74.13
CA MET C 174 -21.43 -4.70 74.25
C MET C 174 -21.23 -5.95 75.13
N SER C 175 -20.14 -6.65 74.86
CA SER C 175 -19.68 -7.83 75.58
C SER C 175 -18.20 -7.63 75.85
N SER C 176 -17.75 -8.09 77.01
CA SER C 176 -16.39 -8.02 77.50
C SER C 176 -16.13 -9.32 78.32
N THR C 177 -15.03 -10.05 77.98
CA THR C 177 -14.66 -11.33 78.58
C THR C 177 -13.25 -11.28 79.13
N LEU C 178 -13.12 -11.49 80.44
CA LEU C 178 -11.82 -11.54 81.11
C LEU C 178 -11.41 -13.01 81.22
N THR C 179 -10.27 -13.37 80.59
CA THR C 179 -9.77 -14.74 80.63
C THR C 179 -8.49 -14.77 81.47
N LEU C 180 -8.50 -15.70 82.42
CA LEU C 180 -7.52 -15.97 83.46
C LEU C 180 -7.32 -17.46 83.53
N THR C 181 -6.30 -17.90 84.27
CA THR C 181 -6.08 -19.33 84.50
C THR C 181 -6.96 -19.74 85.67
N LYS C 182 -7.37 -21.04 85.76
CA LYS C 182 -8.18 -21.51 86.88
C LYS C 182 -7.38 -21.20 88.15
N ASP C 183 -6.07 -21.48 88.09
CA ASP C 183 -5.13 -21.23 89.20
C ASP C 183 -5.17 -19.77 89.63
N GLU C 184 -5.06 -18.82 88.68
CA GLU C 184 -5.09 -17.39 89.02
C GLU C 184 -6.46 -16.96 89.55
N TYR C 185 -7.56 -17.44 88.89
CA TYR C 185 -8.92 -17.13 89.30
C TYR C 185 -9.17 -17.61 90.73
N GLU C 186 -8.64 -18.79 91.09
CA GLU C 186 -8.85 -19.32 92.42
C GLU C 186 -7.92 -18.67 93.49
N ARG C 187 -7.10 -17.66 93.11
CA ARG C 187 -6.23 -16.87 94.02
C ARG C 187 -6.86 -15.51 94.37
N HIS C 188 -8.06 -15.22 93.84
CA HIS C 188 -8.71 -13.93 94.08
C HIS C 188 -10.20 -14.05 94.45
N ASN C 189 -10.78 -12.96 94.98
CA ASN C 189 -12.17 -12.96 95.41
C ASN C 189 -13.02 -12.03 94.57
N SER C 190 -12.76 -10.71 94.61
CA SER C 190 -13.51 -9.69 93.87
C SER C 190 -13.20 -9.67 92.37
N TYR C 191 -14.25 -9.77 91.53
CA TYR C 191 -14.18 -9.66 90.06
C TYR C 191 -15.17 -8.59 89.69
N THR C 192 -14.66 -7.51 89.10
CA THR C 192 -15.46 -6.31 88.86
C THR C 192 -15.49 -5.88 87.40
N CYS C 193 -16.70 -5.61 86.95
CA CYS C 193 -17.00 -5.17 85.60
C CYS C 193 -17.48 -3.73 85.69
N GLU C 194 -16.66 -2.77 85.25
CA GLU C 194 -16.99 -1.36 85.44
C GLU C 194 -17.07 -0.58 84.13
N ALA C 195 -18.20 0.11 83.90
CA ALA C 195 -18.46 0.87 82.67
C ALA C 195 -18.61 2.38 82.85
N THR C 196 -18.24 3.14 81.83
CA THR C 196 -18.35 4.59 81.73
C THR C 196 -19.22 4.86 80.51
N HIS C 197 -20.34 5.61 80.70
CA HIS C 197 -21.32 5.98 79.68
C HIS C 197 -21.99 7.31 80.03
N LYS C 198 -22.39 8.10 79.02
CA LYS C 198 -23.08 9.40 79.09
C LYS C 198 -24.18 9.47 80.17
N THR C 199 -25.00 8.40 80.25
CA THR C 199 -26.16 8.26 81.11
C THR C 199 -25.85 8.35 82.62
N SER C 200 -24.59 8.13 83.04
CA SER C 200 -24.19 8.26 84.45
C SER C 200 -22.93 9.10 84.65
N THR C 201 -22.91 9.87 85.76
CA THR C 201 -21.76 10.71 86.15
C THR C 201 -20.74 9.96 87.01
N SER C 202 -21.08 8.72 87.39
CA SER C 202 -20.26 7.82 88.18
C SER C 202 -20.14 6.49 87.42
N PRO C 203 -19.03 5.71 87.59
CA PRO C 203 -18.96 4.38 86.93
C PRO C 203 -20.18 3.52 87.22
N ILE C 204 -20.60 2.75 86.22
CA ILE C 204 -21.71 1.79 86.32
C ILE C 204 -20.99 0.47 86.54
N VAL C 205 -21.13 -0.10 87.74
CA VAL C 205 -20.41 -1.28 88.12
C VAL C 205 -21.27 -2.49 88.49
N LYS C 206 -20.80 -3.68 88.12
CA LYS C 206 -21.35 -4.96 88.56
C LYS C 206 -20.20 -5.80 89.09
N SER C 207 -20.44 -6.59 90.15
CA SER C 207 -19.40 -7.41 90.73
C SER C 207 -19.93 -8.65 91.37
N PHE C 208 -19.06 -9.65 91.57
CA PHE C 208 -19.32 -10.89 92.30
C PHE C 208 -18.07 -11.23 93.12
N ASN C 209 -18.23 -12.17 94.07
CA ASN C 209 -17.15 -12.65 94.95
C ASN C 209 -17.15 -14.16 94.90
N ARG C 210 -15.97 -14.76 94.67
CA ARG C 210 -15.79 -16.22 94.65
C ARG C 210 -16.32 -16.84 95.95
N ASN C 211 -16.26 -16.10 97.06
CA ASN C 211 -16.75 -16.51 98.37
C ASN C 211 -18.15 -15.89 98.61
N GLU C 212 -19.12 -16.22 97.70
CA GLU C 212 -20.54 -15.79 97.69
C GLU C 212 -21.38 -16.47 96.57
N GLU D 1 -40.55 -18.43 44.49
CA GLU D 1 -39.63 -17.59 45.26
C GLU D 1 -38.15 -17.79 44.89
N VAL D 2 -37.43 -16.67 44.66
CA VAL D 2 -36.02 -16.67 44.27
C VAL D 2 -35.11 -17.04 45.45
N GLN D 3 -34.21 -17.99 45.23
CA GLN D 3 -33.27 -18.45 46.26
C GLN D 3 -31.87 -18.70 45.68
N LEU D 4 -30.86 -18.35 46.45
CA LEU D 4 -29.48 -18.56 46.07
C LEU D 4 -28.78 -19.18 47.26
N VAL D 5 -28.25 -20.42 47.10
CA VAL D 5 -27.62 -21.11 48.23
C VAL D 5 -26.17 -21.49 47.93
N GLU D 6 -25.24 -20.75 48.56
CA GLU D 6 -23.82 -21.00 48.42
C GLU D 6 -23.38 -22.15 49.31
N SER D 7 -22.31 -22.83 48.88
CA SER D 7 -21.68 -23.94 49.60
C SER D 7 -20.24 -24.07 49.08
N GLY D 8 -19.44 -24.88 49.76
CA GLY D 8 -18.07 -25.15 49.35
C GLY D 8 -17.01 -24.39 50.10
N GLY D 9 -17.43 -23.39 50.89
CA GLY D 9 -16.54 -22.55 51.66
C GLY D 9 -15.92 -23.22 52.89
N GLY D 10 -14.89 -22.58 53.42
CA GLY D 10 -14.19 -23.05 54.60
C GLY D 10 -12.73 -22.67 54.68
N LEU D 11 -11.98 -23.46 55.47
CA LEU D 11 -10.57 -23.25 55.70
C LEU D 11 -9.72 -23.97 54.69
N VAL D 12 -8.88 -23.17 54.00
CA VAL D 12 -7.89 -23.61 53.01
C VAL D 12 -6.56 -22.97 53.39
N GLN D 13 -5.48 -23.74 53.29
CA GLN D 13 -4.10 -23.30 53.52
C GLN D 13 -3.67 -22.31 52.40
N PRO D 14 -2.77 -21.33 52.64
CA PRO D 14 -2.35 -20.43 51.54
C PRO D 14 -1.65 -21.19 50.41
N LYS D 15 -1.91 -20.78 49.16
CA LYS D 15 -1.45 -21.37 47.88
C LYS D 15 -2.37 -22.56 47.49
N GLY D 16 -3.35 -22.81 48.38
CA GLY D 16 -4.35 -23.86 48.23
C GLY D 16 -5.47 -23.53 47.27
N SER D 17 -6.37 -24.52 47.09
CA SER D 17 -7.52 -24.44 46.19
C SER D 17 -8.84 -24.72 46.89
N LEU D 18 -9.91 -24.13 46.35
CA LEU D 18 -11.27 -24.33 46.84
C LEU D 18 -12.24 -24.07 45.70
N LYS D 19 -13.39 -24.77 45.69
CA LYS D 19 -14.43 -24.60 44.68
C LYS D 19 -15.76 -24.34 45.36
N LEU D 20 -16.30 -23.15 45.14
CA LEU D 20 -17.59 -22.77 45.69
C LEU D 20 -18.68 -23.20 44.71
N SER D 21 -19.85 -23.55 45.24
CA SER D 21 -21.05 -23.97 44.53
C SER D 21 -22.16 -22.97 44.86
N CYS D 22 -23.20 -22.89 44.01
CA CYS D 22 -24.39 -22.07 44.27
C CYS D 22 -25.60 -22.70 43.62
N ALA D 23 -26.54 -23.11 44.46
CA ALA D 23 -27.80 -23.70 44.09
C ALA D 23 -28.82 -22.54 43.86
N ALA D 24 -29.23 -22.35 42.58
CA ALA D 24 -30.19 -21.30 42.21
C ALA D 24 -31.58 -21.89 41.91
N SER D 25 -32.64 -21.18 42.35
CA SER D 25 -34.04 -21.60 42.14
C SER D 25 -34.99 -20.39 42.09
N GLY D 26 -36.17 -20.60 41.50
CA GLY D 26 -37.22 -19.59 41.42
C GLY D 26 -37.18 -18.64 40.25
N PHE D 27 -36.30 -18.92 39.29
CA PHE D 27 -36.14 -18.07 38.10
C PHE D 27 -35.51 -18.86 36.96
N THR D 28 -35.66 -18.35 35.73
CA THR D 28 -35.12 -18.96 34.52
C THR D 28 -33.60 -18.72 34.43
N PHE D 29 -32.84 -19.40 35.33
CA PHE D 29 -31.38 -19.30 35.48
C PHE D 29 -30.62 -19.03 34.21
N ASN D 30 -30.81 -19.86 33.18
CA ASN D 30 -30.12 -19.81 31.87
C ASN D 30 -30.20 -18.44 31.14
N THR D 31 -31.26 -17.64 31.42
CA THR D 31 -31.51 -16.31 30.82
C THR D 31 -30.87 -15.15 31.59
N TYR D 32 -30.32 -15.45 32.79
CA TYR D 32 -29.70 -14.53 33.72
C TYR D 32 -28.17 -14.53 33.71
N ALA D 33 -27.59 -13.32 33.95
CA ALA D 33 -26.17 -13.13 34.13
C ALA D 33 -25.94 -13.31 35.63
N MET D 34 -25.00 -14.17 36.02
CA MET D 34 -24.74 -14.40 37.44
C MET D 34 -23.39 -13.82 37.81
N HIS D 35 -23.19 -13.56 39.11
CA HIS D 35 -21.98 -12.93 39.63
C HIS D 35 -21.55 -13.56 40.94
N TRP D 36 -20.28 -13.32 41.32
CA TRP D 36 -19.76 -13.68 42.64
C TRP D 36 -19.24 -12.37 43.22
N VAL D 37 -19.70 -11.99 44.42
CA VAL D 37 -19.24 -10.74 45.09
C VAL D 37 -18.69 -11.10 46.48
N ARG D 38 -17.57 -10.53 46.92
CA ARG D 38 -17.04 -10.88 48.23
C ARG D 38 -17.00 -9.71 49.26
N GLN D 39 -17.03 -10.04 50.55
CA GLN D 39 -16.98 -9.05 51.62
C GLN D 39 -16.08 -9.54 52.77
N ALA D 40 -14.86 -8.98 52.86
CA ALA D 40 -13.87 -9.27 53.93
C ALA D 40 -14.47 -8.80 55.24
N PRO D 41 -14.16 -9.40 56.40
CA PRO D 41 -14.80 -8.97 57.65
C PRO D 41 -14.56 -7.50 57.99
N GLY D 42 -15.67 -6.80 58.28
CA GLY D 42 -15.66 -5.39 58.63
C GLY D 42 -15.45 -4.43 57.47
N LYS D 43 -15.26 -4.99 56.24
CA LYS D 43 -14.99 -4.26 55.00
C LYS D 43 -16.24 -4.19 54.09
N GLY D 44 -16.06 -3.54 52.94
CA GLY D 44 -17.10 -3.36 51.94
C GLY D 44 -17.19 -4.50 50.94
N LEU D 45 -17.82 -4.20 49.79
CA LEU D 45 -18.08 -5.21 48.76
C LEU D 45 -17.12 -5.12 47.61
N GLU D 46 -16.62 -6.28 47.16
CA GLU D 46 -15.69 -6.36 46.04
C GLU D 46 -16.23 -7.34 45.04
N TRP D 47 -16.45 -6.85 43.84
CA TRP D 47 -16.93 -7.68 42.73
C TRP D 47 -15.86 -8.74 42.39
N VAL D 48 -16.25 -10.00 42.12
CA VAL D 48 -15.23 -11.02 41.82
C VAL D 48 -15.19 -11.36 40.33
N ALA D 49 -16.31 -11.86 39.81
CA ALA D 49 -16.44 -12.23 38.42
C ALA D 49 -17.89 -12.28 38.00
N ARG D 50 -18.12 -12.19 36.64
CA ARG D 50 -19.42 -12.32 35.98
C ARG D 50 -19.32 -13.45 34.95
N ILE D 51 -20.45 -14.09 34.65
CA ILE D 51 -20.64 -15.10 33.62
C ILE D 51 -22.02 -14.80 33.02
N ARG D 52 -22.04 -14.52 31.74
CA ARG D 52 -23.25 -14.14 31.01
C ARG D 52 -23.96 -15.43 30.58
N SER D 53 -25.13 -15.31 29.94
CA SER D 53 -25.92 -16.45 29.50
C SER D 53 -25.23 -17.19 28.36
N LYS D 54 -25.85 -18.29 27.88
CA LYS D 54 -25.39 -19.09 26.75
C LYS D 54 -25.53 -18.25 25.50
N SER D 55 -26.55 -17.35 25.44
CA SER D 55 -26.78 -16.44 24.30
C SER D 55 -25.62 -15.47 24.20
N ASN D 56 -25.09 -15.02 25.36
CA ASN D 56 -23.96 -14.11 25.41
C ASN D 56 -22.67 -14.90 25.58
N LYS D 57 -22.66 -16.07 24.92
CA LYS D 57 -21.59 -17.05 24.75
C LYS D 57 -20.83 -17.41 26.06
N TYR D 58 -21.51 -17.41 27.22
CA TYR D 58 -20.92 -17.71 28.52
C TYR D 58 -19.68 -16.84 28.82
N ALA D 59 -19.73 -15.57 28.36
CA ALA D 59 -18.66 -14.60 28.50
C ALA D 59 -18.35 -14.24 29.95
N THR D 60 -17.15 -14.62 30.41
CA THR D 60 -16.67 -14.40 31.77
C THR D 60 -15.75 -13.18 31.82
N HIS D 61 -15.89 -12.35 32.89
CA HIS D 61 -15.14 -11.12 33.19
C HIS D 61 -14.75 -11.23 34.64
N TYR D 62 -13.47 -10.88 34.96
CA TYR D 62 -12.91 -11.00 36.30
C TYR D 62 -12.34 -9.73 36.84
N ALA D 63 -12.33 -9.61 38.19
CA ALA D 63 -11.66 -8.54 38.94
C ALA D 63 -10.18 -8.84 38.74
N ASP D 64 -9.36 -7.82 38.47
CA ASP D 64 -7.94 -8.00 38.15
C ASP D 64 -7.16 -8.80 39.22
N SER D 65 -7.44 -8.55 40.51
CA SER D 65 -6.77 -9.26 41.63
C SER D 65 -7.05 -10.77 41.66
N VAL D 66 -7.85 -11.26 40.71
CA VAL D 66 -8.39 -12.61 40.66
C VAL D 66 -8.23 -13.26 39.27
N LYS D 67 -8.03 -12.44 38.23
CA LYS D 67 -7.99 -12.78 36.81
C LYS D 67 -7.41 -14.13 36.25
N ASP D 68 -6.25 -14.62 36.60
CA ASP D 68 -5.99 -15.96 36.10
C ASP D 68 -5.94 -17.06 37.20
N ARG D 69 -6.38 -16.74 38.47
CA ARG D 69 -6.45 -17.78 39.53
C ARG D 69 -7.87 -18.32 39.70
N PHE D 70 -8.88 -17.42 39.65
CA PHE D 70 -10.28 -17.81 39.80
C PHE D 70 -10.90 -18.09 38.45
N THR D 71 -11.91 -18.92 38.46
CA THR D 71 -12.66 -19.31 37.27
C THR D 71 -14.13 -19.41 37.64
N ILE D 72 -14.98 -18.63 36.96
CA ILE D 72 -16.43 -18.64 37.14
C ILE D 72 -17.02 -19.59 36.05
N SER D 73 -17.94 -20.47 36.42
CA SER D 73 -18.55 -21.45 35.52
C SER D 73 -19.98 -21.70 35.94
N ARG D 74 -20.81 -22.16 35.01
CA ARG D 74 -22.22 -22.44 35.28
C ARG D 74 -22.64 -23.71 34.57
N ASP D 75 -23.62 -24.38 35.17
CA ASP D 75 -24.24 -25.60 34.69
C ASP D 75 -25.72 -25.31 34.74
N ASP D 76 -26.28 -24.80 33.64
CA ASP D 76 -27.69 -24.42 33.54
C ASP D 76 -28.67 -25.58 33.73
N SER D 77 -28.26 -26.83 33.36
CA SER D 77 -29.09 -28.03 33.48
C SER D 77 -29.40 -28.35 34.95
N GLN D 78 -28.43 -28.04 35.85
CA GLN D 78 -28.55 -28.24 37.29
C GLN D 78 -28.78 -26.91 38.03
N THR D 79 -28.93 -25.80 37.27
CA THR D 79 -29.18 -24.45 37.83
C THR D 79 -28.08 -24.13 38.87
N MET D 80 -26.81 -24.36 38.50
CA MET D 80 -25.67 -24.19 39.39
C MET D 80 -24.65 -23.20 38.89
N LEU D 81 -24.11 -22.39 39.81
CA LEU D 81 -23.04 -21.41 39.54
C LEU D 81 -21.85 -21.92 40.37
N TYR D 82 -20.62 -21.79 39.84
CA TYR D 82 -19.44 -22.25 40.53
C TYR D 82 -18.31 -21.20 40.48
N LEU D 83 -17.43 -21.25 41.49
CA LEU D 83 -16.23 -20.42 41.57
C LEU D 83 -15.08 -21.30 42.01
N GLN D 84 -14.21 -21.66 41.07
CA GLN D 84 -12.99 -22.42 41.28
C GLN D 84 -11.94 -21.39 41.62
N MET D 85 -11.37 -21.48 42.81
CA MET D 85 -10.36 -20.56 43.33
C MET D 85 -9.08 -21.34 43.55
N ASN D 86 -8.02 -20.94 42.85
CA ASN D 86 -6.71 -21.56 42.95
C ASN D 86 -5.70 -20.56 43.54
N ASN D 87 -4.49 -21.03 43.95
CA ASN D 87 -3.41 -20.20 44.54
C ASN D 87 -3.97 -19.12 45.49
N LEU D 88 -4.77 -19.60 46.47
CA LEU D 88 -5.43 -18.77 47.48
C LEU D 88 -4.43 -18.00 48.33
N LYS D 89 -4.81 -16.78 48.68
CA LYS D 89 -3.99 -15.84 49.45
C LYS D 89 -4.78 -15.35 50.66
N THR D 90 -4.10 -14.97 51.75
CA THR D 90 -4.70 -14.41 52.98
C THR D 90 -5.74 -13.29 52.67
N GLU D 91 -5.49 -12.47 51.64
CA GLU D 91 -6.34 -11.39 51.11
C GLU D 91 -7.70 -11.89 50.65
N ASP D 92 -7.81 -13.17 50.22
CA ASP D 92 -9.07 -13.73 49.74
C ASP D 92 -10.02 -14.11 50.86
N THR D 93 -9.57 -14.03 52.13
CA THR D 93 -10.43 -14.31 53.28
C THR D 93 -11.58 -13.30 53.23
N ALA D 94 -12.79 -13.82 53.03
CA ALA D 94 -14.04 -13.09 52.89
C ALA D 94 -15.27 -14.01 52.84
N MET D 95 -16.45 -13.36 52.88
CA MET D 95 -17.75 -13.97 52.72
C MET D 95 -17.99 -13.85 51.21
N TYR D 96 -18.32 -14.97 50.56
CA TYR D 96 -18.55 -14.99 49.13
C TYR D 96 -20.02 -15.15 48.85
N TYR D 97 -20.61 -14.12 48.22
CA TYR D 97 -22.00 -14.10 47.81
C TYR D 97 -22.13 -14.45 46.35
N CYS D 98 -23.12 -15.30 46.03
CA CYS D 98 -23.54 -15.73 44.70
C CYS D 98 -24.72 -14.80 44.46
N VAL D 99 -24.60 -13.95 43.46
CA VAL D 99 -25.52 -12.85 43.21
C VAL D 99 -26.04 -12.87 41.79
N ARG D 100 -27.33 -12.60 41.63
CA ARG D 100 -28.03 -12.50 40.36
C ARG D 100 -28.13 -11.04 39.90
N GLU D 101 -28.06 -10.85 38.59
CA GLU D 101 -28.25 -9.55 37.95
C GLU D 101 -29.63 -9.52 37.23
N GLY D 102 -30.41 -8.45 37.51
CA GLY D 102 -31.71 -8.25 36.89
C GLY D 102 -31.59 -8.19 35.39
N SER D 103 -32.47 -8.90 34.67
CA SER D 103 -32.44 -8.98 33.21
C SER D 103 -33.12 -7.75 32.56
N TYR D 104 -33.08 -7.60 31.17
CA TYR D 104 -33.75 -6.46 30.54
CA TYR D 104 -33.75 -6.50 30.45
C TYR D 104 -35.21 -6.44 30.92
N TYR D 105 -35.79 -7.63 31.13
CA TYR D 105 -37.18 -7.87 31.49
C TYR D 105 -37.60 -7.38 32.87
N ASP D 106 -36.65 -7.24 33.78
CA ASP D 106 -36.91 -6.83 35.14
C ASP D 106 -36.73 -5.30 35.34
N SER D 107 -37.35 -4.76 36.40
CA SER D 107 -37.23 -3.35 36.79
C SER D 107 -35.81 -3.13 37.32
N SER D 108 -35.25 -4.21 37.89
CA SER D 108 -33.95 -4.34 38.51
C SER D 108 -32.85 -4.44 37.49
N TYR D 109 -33.18 -4.35 36.19
CA TYR D 109 -32.19 -4.48 35.13
C TYR D 109 -30.83 -3.88 35.50
N GLY D 110 -29.81 -4.73 35.45
CA GLY D 110 -28.40 -4.37 35.71
C GLY D 110 -27.92 -4.48 37.14
N ALA D 111 -28.88 -4.36 38.10
CA ALA D 111 -28.64 -4.42 39.54
C ALA D 111 -28.34 -5.82 40.00
N MET D 112 -27.89 -5.93 41.27
CA MET D 112 -27.62 -7.19 41.95
C MET D 112 -28.90 -7.33 42.77
N ASP D 113 -29.95 -7.87 42.15
CA ASP D 113 -31.28 -7.87 42.77
C ASP D 113 -31.59 -9.02 43.75
N TYR D 114 -30.71 -10.05 43.82
CA TYR D 114 -30.76 -11.18 44.75
C TYR D 114 -29.37 -11.64 45.08
N TRP D 115 -29.09 -11.71 46.40
CA TRP D 115 -27.81 -12.15 46.94
C TRP D 115 -28.11 -13.30 47.84
N GLY D 116 -27.26 -14.33 47.82
CA GLY D 116 -27.38 -15.48 48.72
C GLY D 116 -26.87 -15.10 50.09
N GLN D 117 -27.07 -15.97 51.10
CA GLN D 117 -26.59 -15.59 52.42
C GLN D 117 -25.03 -15.62 52.52
N GLY D 118 -24.36 -16.30 51.61
CA GLY D 118 -22.90 -16.36 51.60
C GLY D 118 -22.29 -17.68 52.05
N THR D 119 -20.99 -17.86 51.74
CA THR D 119 -20.16 -18.99 52.14
C THR D 119 -18.83 -18.40 52.63
N SER D 120 -18.47 -18.63 53.91
CA SER D 120 -17.24 -18.06 54.46
C SER D 120 -16.00 -18.81 54.02
N VAL D 121 -14.99 -18.06 53.57
CA VAL D 121 -13.73 -18.60 53.10
C VAL D 121 -12.64 -18.00 53.94
N THR D 122 -11.85 -18.84 54.61
CA THR D 122 -10.76 -18.42 55.48
C THR D 122 -9.46 -19.00 54.91
N VAL D 123 -8.55 -18.10 54.46
CA VAL D 123 -7.25 -18.56 53.95
C VAL D 123 -6.23 -18.34 55.08
N SER D 124 -5.81 -19.45 55.71
CA SER D 124 -4.90 -19.43 56.86
C SER D 124 -4.08 -20.69 56.93
N SER D 125 -2.95 -20.64 57.64
CA SER D 125 -2.08 -21.79 57.89
C SER D 125 -2.50 -22.49 59.22
N ALA D 126 -3.25 -21.76 60.10
CA ALA D 126 -3.79 -22.24 61.38
C ALA D 126 -4.72 -23.44 61.23
N LYS D 127 -4.95 -24.17 62.32
CA LYS D 127 -5.76 -25.38 62.22
C LYS D 127 -7.11 -25.28 62.87
N THR D 128 -8.02 -26.15 62.41
CA THR D 128 -9.40 -26.28 62.86
C THR D 128 -9.44 -26.70 64.30
N THR D 129 -10.12 -25.92 65.11
CA THR D 129 -10.29 -26.15 66.54
C THR D 129 -11.78 -26.06 66.84
N PRO D 130 -12.40 -27.07 67.47
CA PRO D 130 -13.84 -26.93 67.80
C PRO D 130 -14.03 -25.95 68.96
N PRO D 131 -15.22 -25.31 69.08
CA PRO D 131 -15.44 -24.44 70.23
C PRO D 131 -15.80 -25.25 71.49
N SER D 132 -15.61 -24.59 72.65
CA SER D 132 -16.03 -25.08 73.94
C SER D 132 -17.19 -24.14 74.27
N VAL D 133 -18.42 -24.69 74.46
CA VAL D 133 -19.63 -23.90 74.73
C VAL D 133 -19.95 -23.98 76.21
N TYR D 134 -19.90 -22.81 76.90
CA TYR D 134 -20.14 -22.74 78.34
C TYR D 134 -21.41 -21.98 78.67
N PRO D 135 -22.25 -22.41 79.64
CA PRO D 135 -23.44 -21.61 79.98
C PRO D 135 -23.09 -20.43 80.89
N LEU D 136 -23.88 -19.36 80.78
CA LEU D 136 -23.77 -18.18 81.63
C LEU D 136 -25.13 -17.99 82.31
N ALA D 137 -25.18 -18.42 83.57
CA ALA D 137 -26.35 -18.33 84.41
C ALA D 137 -26.03 -17.38 85.57
N PRO D 138 -27.00 -16.62 86.13
CA PRO D 138 -26.66 -15.73 87.25
C PRO D 138 -26.35 -16.50 88.53
N GLY D 139 -25.20 -16.20 89.14
CA GLY D 139 -24.70 -16.85 90.35
C GLY D 139 -25.37 -16.32 91.60
N SER D 140 -25.54 -14.98 91.64
CA SER D 140 -26.19 -14.23 92.71
C SER D 140 -27.59 -13.78 92.20
N ALA D 141 -28.67 -14.18 92.92
CA ALA D 141 -30.08 -13.86 92.61
C ALA D 141 -30.35 -12.35 92.89
N ALA D 142 -30.05 -11.52 91.87
CA ALA D 142 -30.17 -10.04 91.89
C ALA D 142 -31.61 -9.84 91.37
N GLN D 143 -31.94 -8.62 90.90
CA GLN D 143 -33.29 -8.09 90.72
C GLN D 143 -34.07 -9.25 90.05
N THR D 144 -35.02 -9.80 90.83
CA THR D 144 -36.04 -10.79 90.49
C THR D 144 -37.30 -10.43 91.31
N ASN D 145 -38.31 -9.66 90.78
CA ASN D 145 -38.58 -9.16 89.40
C ASN D 145 -37.50 -8.14 88.79
N SER D 146 -37.48 -7.86 87.47
CA SER D 146 -38.45 -8.25 86.43
C SER D 146 -37.87 -9.09 85.29
N MET D 147 -36.67 -8.73 84.81
CA MET D 147 -36.01 -9.39 83.67
C MET D 147 -34.76 -10.21 84.10
N VAL D 148 -34.42 -11.23 83.31
CA VAL D 148 -33.26 -12.11 83.55
C VAL D 148 -32.40 -12.12 82.32
N THR D 149 -31.10 -11.91 82.53
CA THR D 149 -30.15 -12.02 81.45
C THR D 149 -29.34 -13.29 81.65
N LEU D 150 -29.39 -14.16 80.64
CA LEU D 150 -28.65 -15.42 80.55
C LEU D 150 -27.86 -15.30 79.28
N GLY D 151 -26.88 -16.14 79.10
CA GLY D 151 -26.07 -16.11 77.90
C GLY D 151 -25.20 -17.34 77.77
N CYS D 152 -24.43 -17.45 76.68
CA CYS D 152 -23.48 -18.55 76.60
C CYS D 152 -22.28 -18.18 75.77
N LEU D 153 -21.10 -18.60 76.28
CA LEU D 153 -19.81 -18.30 75.70
C LEU D 153 -19.32 -19.44 74.82
N VAL D 154 -18.96 -19.09 73.58
CA VAL D 154 -18.43 -19.97 72.54
C VAL D 154 -16.96 -19.55 72.43
N LYS D 155 -16.08 -20.30 73.12
CA LYS D 155 -14.65 -20.06 73.29
C LYS D 155 -13.74 -20.96 72.47
N GLY D 156 -12.64 -20.36 71.98
CA GLY D 156 -11.54 -21.03 71.28
C GLY D 156 -11.83 -21.93 70.10
N TYR D 157 -12.43 -21.37 69.04
CA TYR D 157 -12.70 -22.07 67.80
C TYR D 157 -11.97 -21.44 66.60
N PHE D 158 -11.78 -22.24 65.56
CA PHE D 158 -11.18 -21.83 64.32
C PHE D 158 -11.62 -22.76 63.20
N PRO D 159 -12.03 -22.24 62.03
CA PRO D 159 -12.16 -20.81 61.66
C PRO D 159 -13.58 -20.32 61.92
N GLU D 160 -13.94 -19.20 61.31
CA GLU D 160 -15.31 -18.70 61.37
C GLU D 160 -16.05 -19.45 60.23
N PRO D 161 -17.38 -19.68 60.28
CA PRO D 161 -18.37 -19.18 61.22
C PRO D 161 -18.87 -20.16 62.26
N VAL D 162 -19.60 -19.61 63.21
CA VAL D 162 -20.30 -20.29 64.28
C VAL D 162 -21.76 -19.80 64.24
N THR D 163 -22.71 -20.76 64.30
CA THR D 163 -24.15 -20.52 64.36
C THR D 163 -24.57 -20.58 65.85
N VAL D 164 -25.33 -19.60 66.32
CA VAL D 164 -25.86 -19.54 67.68
C VAL D 164 -27.34 -19.18 67.56
N THR D 165 -28.20 -19.95 68.21
CA THR D 165 -29.63 -19.68 68.32
C THR D 165 -29.99 -19.98 69.74
N TRP D 166 -31.19 -19.57 70.13
CA TRP D 166 -31.72 -19.87 71.45
C TRP D 166 -33.06 -20.52 71.24
N ASN D 167 -33.29 -21.65 71.91
CA ASN D 167 -34.53 -22.41 71.82
C ASN D 167 -34.84 -22.76 70.37
N SER D 168 -33.84 -23.34 69.67
CA SER D 168 -33.86 -23.79 68.28
C SER D 168 -34.45 -22.74 67.30
N GLY D 169 -34.23 -21.46 67.65
CA GLY D 169 -34.67 -20.29 66.89
C GLY D 169 -35.92 -19.60 67.38
N SER D 170 -36.80 -20.31 68.15
CA SER D 170 -38.07 -19.76 68.66
C SER D 170 -37.86 -18.58 69.65
N LEU D 171 -36.64 -18.41 70.21
CA LEU D 171 -36.30 -17.27 71.09
C LEU D 171 -35.45 -16.25 70.29
N SER D 172 -36.11 -15.25 69.70
CA SER D 172 -35.56 -14.20 68.83
C SER D 172 -35.40 -12.88 69.56
N SER D 173 -36.44 -12.47 70.32
CA SER D 173 -36.43 -11.22 71.07
C SER D 173 -35.63 -11.32 72.35
N GLY D 174 -34.83 -10.29 72.58
CA GLY D 174 -34.00 -10.17 73.77
C GLY D 174 -32.64 -10.79 73.58
N VAL D 175 -32.37 -11.26 72.34
CA VAL D 175 -31.11 -11.91 72.00
C VAL D 175 -30.11 -10.91 71.41
N HIS D 176 -28.84 -11.03 71.85
CA HIS D 176 -27.72 -10.26 71.34
C HIS D 176 -26.58 -11.26 71.12
N THR D 177 -26.27 -11.59 69.85
CA THR D 177 -25.17 -12.49 69.53
C THR D 177 -24.10 -11.54 69.02
N PHE D 178 -22.99 -11.44 69.75
CA PHE D 178 -21.93 -10.50 69.46
C PHE D 178 -20.95 -11.02 68.42
N PRO D 179 -20.41 -10.16 67.54
CA PRO D 179 -19.41 -10.64 66.56
C PRO D 179 -18.18 -11.28 67.21
N ALA D 180 -17.61 -12.31 66.56
CA ALA D 180 -16.46 -13.06 67.07
C ALA D 180 -15.17 -12.24 67.15
N VAL D 181 -14.29 -12.55 68.10
CA VAL D 181 -13.02 -11.84 68.27
C VAL D 181 -11.88 -12.81 68.24
N LEU D 182 -10.90 -12.56 67.37
CA LEU D 182 -9.75 -13.42 67.24
C LEU D 182 -8.65 -12.91 68.12
N GLU D 183 -8.01 -13.81 68.85
CA GLU D 183 -6.83 -13.57 69.67
C GLU D 183 -5.98 -14.84 69.56
N SER D 184 -4.77 -14.70 68.96
CA SER D 184 -3.79 -15.76 68.73
C SER D 184 -4.38 -16.98 68.00
N ASP D 185 -4.90 -16.72 66.79
CA ASP D 185 -5.52 -17.66 65.84
C ASP D 185 -6.64 -18.54 66.46
N LEU D 186 -7.42 -17.95 67.39
CA LEU D 186 -8.56 -18.58 68.03
C LEU D 186 -9.65 -17.56 68.29
N TYR D 187 -10.86 -17.83 67.77
CA TYR D 187 -12.02 -16.96 67.92
C TYR D 187 -12.84 -17.28 69.20
N THR D 188 -13.34 -16.21 69.85
CA THR D 188 -14.23 -16.25 71.01
C THR D 188 -15.47 -15.40 70.68
N LEU D 189 -16.65 -15.90 71.05
CA LEU D 189 -17.96 -15.28 70.76
C LEU D 189 -18.85 -15.50 71.95
N SER D 190 -19.81 -14.59 72.16
CA SER D 190 -20.81 -14.71 73.24
C SER D 190 -22.17 -14.28 72.73
N SER D 191 -23.23 -14.77 73.34
CA SER D 191 -24.61 -14.44 73.01
C SER D 191 -25.39 -14.30 74.28
N SER D 192 -26.09 -13.19 74.46
CA SER D 192 -26.93 -12.93 75.65
C SER D 192 -28.41 -12.99 75.29
N VAL D 193 -29.25 -13.39 76.24
CA VAL D 193 -30.69 -13.46 76.06
C VAL D 193 -31.41 -12.95 77.32
N THR D 194 -32.39 -12.05 77.12
CA THR D 194 -33.18 -11.50 78.22
C THR D 194 -34.60 -12.04 78.14
N VAL D 195 -35.06 -12.62 79.26
CA VAL D 195 -36.39 -13.20 79.39
C VAL D 195 -37.00 -12.69 80.70
N PRO D 196 -38.33 -12.73 80.95
CA PRO D 196 -38.84 -12.26 82.26
C PRO D 196 -38.49 -13.24 83.37
N SER D 197 -38.52 -12.78 84.65
CA SER D 197 -38.20 -13.58 85.84
C SER D 197 -39.16 -14.76 86.00
N SER D 198 -40.36 -14.66 85.42
CA SER D 198 -41.41 -15.68 85.41
C SER D 198 -40.97 -16.95 84.57
N PRO D 199 -40.69 -16.86 83.22
CA PRO D 199 -40.23 -18.04 82.46
C PRO D 199 -38.91 -18.68 82.87
N TRP D 200 -38.04 -18.05 83.69
CA TRP D 200 -36.80 -18.76 84.01
C TRP D 200 -36.57 -18.94 85.53
N PRO D 201 -36.20 -20.15 86.02
CA PRO D 201 -35.86 -21.39 85.29
C PRO D 201 -37.06 -22.28 84.96
N SER D 202 -38.31 -21.83 85.27
CA SER D 202 -39.56 -22.57 85.04
C SER D 202 -39.71 -23.13 83.59
N GLU D 203 -39.24 -22.36 82.61
CA GLU D 203 -39.23 -22.71 81.18
C GLU D 203 -37.79 -22.77 80.67
N THR D 204 -37.49 -23.84 79.91
CA THR D 204 -36.17 -24.17 79.38
C THR D 204 -35.61 -23.14 78.42
N VAL D 205 -34.36 -22.72 78.73
CA VAL D 205 -33.55 -21.80 77.92
C VAL D 205 -32.28 -22.56 77.52
N THR D 206 -32.07 -22.72 76.21
CA THR D 206 -30.95 -23.47 75.65
C THR D 206 -30.28 -22.71 74.54
N CYS D 207 -28.94 -22.68 74.53
CA CYS D 207 -28.26 -22.11 73.36
C CYS D 207 -27.75 -23.24 72.49
N ASN D 208 -28.13 -23.15 71.21
CA ASN D 208 -27.78 -24.15 70.20
C ASN D 208 -26.64 -23.58 69.39
N VAL D 209 -25.45 -24.12 69.58
CA VAL D 209 -24.25 -23.65 68.89
C VAL D 209 -23.77 -24.66 67.86
N ALA D 210 -23.47 -24.19 66.64
CA ALA D 210 -23.00 -25.01 65.52
C ALA D 210 -21.72 -24.46 64.89
N HIS D 211 -20.68 -25.30 64.82
CA HIS D 211 -19.41 -24.96 64.18
C HIS D 211 -19.14 -26.05 63.16
N PRO D 212 -19.73 -25.88 61.96
CA PRO D 212 -19.62 -26.91 60.92
C PRO D 212 -18.19 -27.32 60.49
N ALA D 213 -17.21 -26.42 60.58
CA ALA D 213 -15.82 -26.69 60.20
C ALA D 213 -15.23 -27.87 60.97
N SER D 214 -15.42 -27.89 62.30
CA SER D 214 -14.95 -28.99 63.15
C SER D 214 -16.02 -30.06 63.28
N SER D 215 -17.15 -29.91 62.51
CA SER D 215 -18.33 -30.79 62.52
C SER D 215 -18.82 -30.95 63.96
N THR D 216 -19.17 -29.81 64.60
CA THR D 216 -19.62 -29.67 65.99
C THR D 216 -21.04 -29.09 66.11
N LYS D 217 -21.93 -29.80 66.82
CA LYS D 217 -23.29 -29.37 67.12
C LYS D 217 -23.48 -29.58 68.62
N VAL D 218 -23.74 -28.50 69.34
CA VAL D 218 -23.89 -28.52 70.80
C VAL D 218 -25.13 -27.76 71.22
N ASP D 219 -25.91 -28.32 72.12
CA ASP D 219 -27.08 -27.66 72.72
C ASP D 219 -26.82 -27.57 74.24
N LYS D 220 -26.72 -26.34 74.78
CA LYS D 220 -26.46 -26.09 76.20
C LYS D 220 -27.65 -25.47 76.95
N LYS D 221 -28.26 -26.25 77.88
CA LYS D 221 -29.36 -25.80 78.72
C LYS D 221 -28.75 -24.91 79.82
N ILE D 222 -29.22 -23.63 79.88
CA ILE D 222 -28.79 -22.67 80.91
C ILE D 222 -29.51 -23.10 82.19
N VAL D 223 -28.72 -23.57 83.17
CA VAL D 223 -29.24 -24.11 84.42
C VAL D 223 -28.84 -23.22 85.60
N PRO D 224 -29.76 -22.95 86.57
CA PRO D 224 -29.38 -22.11 87.73
C PRO D 224 -28.32 -22.79 88.62
N ARG D 225 -27.51 -21.95 89.28
CA ARG D 225 -26.42 -22.34 90.16
C ARG D 225 -26.68 -21.95 91.61
N GLN E 1 15.57 16.08 -32.56
CA GLN E 1 16.11 16.95 -33.58
C GLN E 1 17.33 17.74 -33.03
N ILE E 2 18.56 17.13 -33.09
CA ILE E 2 19.85 17.77 -32.76
C ILE E 2 20.26 18.45 -34.05
N VAL E 3 20.37 19.77 -34.01
CA VAL E 3 20.72 20.55 -35.19
C VAL E 3 22.22 20.72 -35.25
N LEU E 4 22.82 20.32 -36.39
CA LEU E 4 24.28 20.42 -36.70
C LEU E 4 24.50 21.56 -37.68
N THR E 5 25.32 22.52 -37.28
CA THR E 5 25.60 23.73 -38.03
C THR E 5 27.02 23.75 -38.55
N GLN E 6 27.13 23.61 -39.87
CA GLN E 6 28.41 23.67 -40.55
C GLN E 6 28.72 25.03 -41.01
N SER E 7 29.96 25.45 -40.75
CA SER E 7 30.46 26.77 -41.12
C SER E 7 31.98 26.73 -41.44
N PRO E 8 32.43 27.42 -42.52
CA PRO E 8 31.64 28.19 -43.51
C PRO E 8 30.82 27.29 -44.41
N ALA E 9 29.79 27.85 -45.05
CA ALA E 9 28.95 27.09 -45.97
C ALA E 9 29.78 26.76 -47.24
N ILE E 10 30.54 27.77 -47.69
CA ILE E 10 31.48 27.70 -48.80
C ILE E 10 32.84 28.18 -48.25
N MET E 11 33.88 27.38 -48.53
CA MET E 11 35.27 27.59 -48.16
C MET E 11 36.13 27.61 -49.44
N SER E 12 37.06 28.58 -49.51
CA SER E 12 37.99 28.70 -50.63
C SER E 12 39.43 28.75 -50.11
N ALA E 13 40.28 27.81 -50.58
CA ALA E 13 41.68 27.74 -50.17
C ALA E 13 42.61 27.46 -51.33
N SER E 14 43.80 28.03 -51.29
CA SER E 14 44.80 27.85 -52.33
C SER E 14 45.47 26.50 -52.12
N PRO E 15 46.02 25.84 -53.17
CA PRO E 15 46.71 24.56 -52.93
C PRO E 15 47.90 24.71 -51.97
N GLY E 16 47.94 23.83 -50.96
CA GLY E 16 48.99 23.80 -49.94
C GLY E 16 48.63 24.45 -48.63
N GLU E 17 47.46 25.10 -48.56
CA GLU E 17 46.96 25.82 -47.40
C GLU E 17 46.32 24.90 -46.37
N LYS E 18 46.51 25.23 -45.07
CA LYS E 18 45.85 24.47 -44.01
C LYS E 18 44.43 25.00 -43.89
N VAL E 19 43.47 24.10 -43.80
CA VAL E 19 42.07 24.48 -43.71
C VAL E 19 41.31 23.62 -42.64
N THR E 20 40.41 24.30 -41.90
CA THR E 20 39.59 23.74 -40.82
C THR E 20 38.12 24.14 -41.03
N MET E 21 37.24 23.15 -41.03
CA MET E 21 35.79 23.21 -41.18
C MET E 21 35.25 22.92 -39.81
N THR E 22 34.19 23.59 -39.40
CA THR E 22 33.63 23.30 -38.09
C THR E 22 32.23 22.77 -38.25
N CYS E 23 31.79 22.05 -37.22
CA CYS E 23 30.46 21.52 -37.06
C CYS E 23 30.08 21.83 -35.58
N SER E 24 29.01 22.61 -35.38
CA SER E 24 28.48 23.00 -34.07
C SER E 24 27.14 22.30 -33.82
N ALA E 25 27.04 21.54 -32.72
CA ALA E 25 25.84 20.81 -32.36
C ALA E 25 24.97 21.60 -31.38
N SER E 26 23.63 21.62 -31.64
CA SER E 26 22.66 22.32 -30.77
C SER E 26 22.72 21.82 -29.30
N SER E 27 23.03 20.51 -29.12
CA SER E 27 23.22 19.77 -27.86
C SER E 27 24.47 18.92 -28.02
N SER E 28 25.15 18.66 -26.89
CA SER E 28 26.38 17.85 -26.79
C SER E 28 26.14 16.42 -27.33
N VAL E 29 27.09 15.91 -28.16
CA VAL E 29 27.10 14.57 -28.79
C VAL E 29 28.40 13.82 -28.45
N SER E 30 28.38 12.46 -28.42
CA SER E 30 29.54 11.68 -27.96
C SER E 30 30.68 11.57 -28.96
N TYR E 31 30.33 11.54 -30.27
CA TYR E 31 31.20 11.41 -31.46
C TYR E 31 30.54 12.16 -32.64
N MET E 32 31.38 12.51 -33.64
CA MET E 32 30.97 13.12 -34.90
C MET E 32 31.49 12.26 -36.05
N TYR E 33 30.71 12.14 -37.11
CA TYR E 33 31.12 11.36 -38.27
C TYR E 33 31.12 12.30 -39.44
N TRP E 34 32.04 12.11 -40.39
CA TRP E 34 32.11 12.90 -41.60
C TRP E 34 32.08 12.02 -42.82
N TYR E 35 31.49 12.58 -43.88
CA TYR E 35 31.33 12.03 -45.24
C TYR E 35 31.68 13.15 -46.13
N HIS E 36 32.16 12.81 -47.33
CA HIS E 36 32.42 13.75 -48.42
C HIS E 36 31.45 13.38 -49.55
N GLN E 37 31.06 14.36 -50.38
CA GLN E 37 30.20 14.17 -51.55
C GLN E 37 30.68 14.98 -52.74
N LYS E 38 30.91 14.26 -53.85
CA LYS E 38 31.35 14.82 -55.11
C LYS E 38 30.17 14.89 -56.06
N PRO E 39 30.19 15.78 -57.07
CA PRO E 39 29.04 15.83 -57.99
C PRO E 39 28.74 14.50 -58.72
N GLY E 40 27.45 14.19 -58.80
CA GLY E 40 26.91 13.00 -59.47
C GLY E 40 27.23 11.70 -58.79
N SER E 41 27.72 11.77 -57.53
CA SER E 41 28.07 10.63 -56.72
C SER E 41 27.37 10.70 -55.37
N SER E 42 27.07 9.53 -54.79
CA SER E 42 26.43 9.42 -53.48
C SER E 42 27.52 9.73 -52.43
N PRO E 43 27.19 10.08 -51.16
CA PRO E 43 28.28 10.35 -50.19
C PRO E 43 29.21 9.15 -49.97
N LYS E 44 30.40 9.40 -49.40
CA LYS E 44 31.36 8.33 -49.08
C LYS E 44 31.84 8.57 -47.66
N PRO E 45 32.02 7.53 -46.80
CA PRO E 45 32.52 7.77 -45.43
C PRO E 45 33.90 8.38 -45.42
N TRP E 46 34.10 9.38 -44.59
CA TRP E 46 35.39 10.07 -44.54
C TRP E 46 36.08 9.93 -43.18
N ILE E 47 35.39 10.24 -42.09
CA ILE E 47 35.95 10.14 -40.73
C ILE E 47 34.99 9.37 -39.87
N TYR E 48 35.50 8.45 -39.08
CA TYR E 48 34.73 7.61 -38.16
C TYR E 48 34.99 8.02 -36.73
N ARG E 49 33.92 8.23 -35.93
CA ARG E 49 34.05 8.52 -34.51
C ARG E 49 35.09 9.58 -34.21
N THR E 50 34.80 10.78 -34.70
CA THR E 50 35.56 12.03 -34.52
C THR E 50 36.89 12.10 -35.23
N SER E 51 37.76 11.11 -35.09
CA SER E 51 39.12 11.21 -35.56
C SER E 51 39.69 10.08 -36.45
N ASN E 52 38.99 8.95 -36.58
CA ASN E 52 39.55 7.84 -37.35
C ASN E 52 39.24 7.95 -38.80
N LEU E 53 40.27 8.16 -39.64
CA LEU E 53 40.10 8.27 -41.09
C LEU E 53 39.58 6.97 -41.67
N ALA E 54 38.73 7.06 -42.69
CA ALA E 54 38.12 5.95 -43.41
C ALA E 54 39.13 5.35 -44.42
N SER E 55 38.92 4.07 -44.77
CA SER E 55 39.80 3.37 -45.71
C SER E 55 39.96 4.16 -46.97
N GLY E 56 41.22 4.49 -47.31
CA GLY E 56 41.58 5.24 -48.51
C GLY E 56 41.67 6.75 -48.38
N VAL E 57 41.28 7.33 -47.21
CA VAL E 57 41.31 8.79 -47.02
C VAL E 57 42.77 9.25 -46.78
N PRO E 58 43.27 10.26 -47.54
CA PRO E 58 44.67 10.72 -47.35
C PRO E 58 44.99 11.24 -45.95
N ALA E 59 46.24 11.00 -45.50
CA ALA E 59 46.75 11.36 -44.19
C ALA E 59 46.67 12.83 -43.83
N ARG E 60 46.64 13.70 -44.86
CA ARG E 60 46.52 15.16 -44.71
C ARG E 60 45.18 15.55 -44.06
N PHE E 61 44.21 14.60 -44.05
CA PHE E 61 42.94 14.80 -43.41
C PHE E 61 43.03 14.40 -41.96
N SER E 62 42.35 15.17 -41.12
CA SER E 62 42.20 14.87 -39.71
C SER E 62 40.87 15.40 -39.23
N GLY E 63 40.38 14.78 -38.18
CA GLY E 63 39.16 15.13 -37.48
C GLY E 63 39.51 15.33 -36.02
N SER E 64 38.61 15.99 -35.30
CA SER E 64 38.75 16.34 -33.89
C SER E 64 37.49 17.05 -33.41
N GLY E 65 37.31 17.05 -32.11
CA GLY E 65 36.17 17.72 -31.49
C GLY E 65 35.73 17.06 -30.21
N SER E 66 34.84 17.76 -29.50
CA SER E 66 34.29 17.41 -28.19
C SER E 66 32.93 18.12 -27.92
N GLY E 67 32.05 17.51 -27.14
CA GLY E 67 30.76 18.06 -26.75
C GLY E 67 29.88 18.56 -27.88
N THR E 68 29.85 19.89 -28.06
CA THR E 68 29.08 20.52 -29.11
C THR E 68 29.96 20.98 -30.27
N SER E 69 31.29 21.02 -30.09
CA SER E 69 32.15 21.55 -31.14
C SER E 69 33.10 20.51 -31.73
N TYR E 70 32.95 20.27 -33.06
CA TYR E 70 33.71 19.32 -33.86
C TYR E 70 34.20 19.97 -35.13
N SER E 71 35.32 19.48 -35.65
CA SER E 71 35.99 20.02 -36.82
C SER E 71 36.69 18.94 -37.67
N LEU E 72 36.92 19.26 -38.96
CA LEU E 72 37.61 18.46 -39.94
C LEU E 72 38.69 19.38 -40.50
N SER E 73 39.96 18.89 -40.53
CA SER E 73 41.06 19.67 -41.06
C SER E 73 41.79 19.00 -42.19
N VAL E 74 42.43 19.82 -43.05
CA VAL E 74 43.31 19.39 -44.15
C VAL E 74 44.60 20.20 -43.96
N SER E 75 45.72 19.53 -43.73
CA SER E 75 47.02 20.18 -43.47
C SER E 75 47.54 20.94 -44.64
N SER E 76 47.43 20.33 -45.84
CA SER E 76 47.90 20.89 -47.11
C SER E 76 46.88 20.48 -48.16
N VAL E 77 46.03 21.42 -48.52
CA VAL E 77 44.94 21.17 -49.43
C VAL E 77 45.41 20.97 -50.89
N GLU E 78 44.79 19.99 -51.57
CA GLU E 78 45.03 19.67 -52.99
C GLU E 78 43.72 19.83 -53.77
N ALA E 79 43.78 19.85 -55.13
CA ALA E 79 42.63 19.97 -56.03
C ALA E 79 41.59 18.84 -55.82
N GLU E 80 42.10 17.61 -55.56
CA GLU E 80 41.38 16.36 -55.25
CA GLU E 80 41.33 16.39 -55.29
C GLU E 80 40.33 16.60 -54.14
N ASP E 81 40.63 17.52 -53.20
CA ASP E 81 39.81 17.77 -52.01
C ASP E 81 38.57 18.60 -52.28
N ALA E 82 38.31 19.00 -53.54
CA ALA E 82 37.12 19.75 -53.89
C ALA E 82 35.90 18.80 -53.81
N ALA E 83 35.05 19.03 -52.80
CA ALA E 83 33.85 18.27 -52.47
C ALA E 83 33.05 19.00 -51.39
N THR E 84 31.93 18.40 -51.01
CA THR E 84 31.09 18.89 -49.94
C THR E 84 31.32 17.90 -48.81
N TYR E 85 31.57 18.42 -47.60
CA TYR E 85 31.81 17.63 -46.43
C TYR E 85 30.67 17.84 -45.47
N TYR E 86 29.98 16.73 -45.09
CA TYR E 86 28.87 16.77 -44.12
C TYR E 86 29.30 16.09 -42.81
N CYS E 87 28.84 16.60 -41.68
CA CYS E 87 29.05 15.97 -40.37
C CYS E 87 27.75 15.28 -40.04
N GLN E 88 27.78 14.21 -39.25
CA GLN E 88 26.62 13.45 -38.82
C GLN E 88 26.82 13.11 -37.36
N GLN E 89 25.74 13.02 -36.59
CA GLN E 89 25.80 12.56 -35.19
C GLN E 89 24.94 11.33 -35.07
N TYR E 90 25.36 10.33 -34.29
CA TYR E 90 24.55 9.13 -34.11
C TYR E 90 24.44 8.89 -32.59
N ASN E 91 24.18 9.99 -31.85
CA ASN E 91 24.02 10.05 -30.39
C ASN E 91 22.55 9.87 -30.07
N SER E 92 21.67 10.57 -30.80
CA SER E 92 20.23 10.53 -30.52
C SER E 92 19.45 10.37 -31.78
N HIS E 93 18.20 9.87 -31.67
CA HIS E 93 17.31 9.73 -32.82
C HIS E 93 16.51 11.03 -32.98
N PRO E 94 16.39 11.57 -34.21
CA PRO E 94 16.92 11.03 -35.47
C PRO E 94 18.38 11.39 -35.66
N MET E 95 19.13 10.48 -36.29
CA MET E 95 20.50 10.79 -36.64
C MET E 95 20.36 11.95 -37.62
N THR E 96 21.16 12.98 -37.44
CA THR E 96 21.09 14.19 -38.24
C THR E 96 22.43 14.46 -38.91
N PHE E 97 22.39 15.31 -39.94
CA PHE E 97 23.53 15.72 -40.73
C PHE E 97 23.57 17.24 -40.77
N GLY E 98 24.77 17.80 -40.88
CA GLY E 98 24.95 19.24 -41.01
C GLY E 98 24.59 19.65 -42.42
N GLY E 99 24.55 20.96 -42.66
CA GLY E 99 24.24 21.53 -43.97
C GLY E 99 25.30 21.30 -45.02
N GLY E 100 26.52 21.03 -44.57
CA GLY E 100 27.69 20.76 -45.39
C GLY E 100 28.57 21.98 -45.57
N THR E 101 29.81 21.73 -46.04
CA THR E 101 30.80 22.73 -46.42
C THR E 101 31.33 22.41 -47.83
N LYS E 102 31.11 23.34 -48.79
CA LYS E 102 31.64 23.23 -50.15
C LYS E 102 33.09 23.70 -50.08
N LEU E 103 34.04 22.76 -50.24
CA LEU E 103 35.46 23.12 -50.27
C LEU E 103 35.81 23.36 -51.74
N GLU E 104 36.27 24.57 -52.03
CA GLU E 104 36.69 25.00 -53.35
C GLU E 104 38.19 25.27 -53.29
N ILE E 105 38.93 24.77 -54.29
CA ILE E 105 40.37 24.96 -54.38
C ILE E 105 40.69 26.06 -55.37
N LYS E 106 41.47 27.03 -54.91
CA LYS E 106 41.86 28.14 -55.74
C LYS E 106 42.82 27.63 -56.83
N ARG E 107 42.93 28.41 -57.89
CA ARG E 107 43.81 28.17 -59.03
C ARG E 107 44.00 29.47 -59.81
N ALA E 108 44.96 29.48 -60.73
CA ALA E 108 45.23 30.63 -61.60
C ALA E 108 43.95 30.96 -62.34
N ASP E 109 43.63 32.26 -62.45
CA ASP E 109 42.41 32.67 -63.15
C ASP E 109 42.43 32.14 -64.59
N ALA E 110 41.32 31.56 -65.03
CA ALA E 110 41.14 30.97 -66.37
C ALA E 110 39.89 31.52 -67.05
N ALA E 111 40.09 32.09 -68.25
CA ALA E 111 39.03 32.66 -69.10
C ALA E 111 38.16 31.53 -69.68
N PRO E 112 36.82 31.78 -69.84
CA PRO E 112 35.94 30.73 -70.38
C PRO E 112 36.05 30.51 -71.87
N THR E 113 35.93 29.24 -72.32
CA THR E 113 35.92 28.88 -73.74
C THR E 113 34.43 28.85 -74.22
N VAL E 114 33.98 30.02 -74.75
CA VAL E 114 32.63 30.27 -75.22
C VAL E 114 32.40 29.71 -76.63
N SER E 115 31.30 28.96 -76.80
CA SER E 115 30.84 28.39 -78.07
C SER E 115 29.31 28.63 -78.17
N ILE E 116 28.87 29.21 -79.29
CA ILE E 116 27.45 29.47 -79.61
C ILE E 116 26.99 28.44 -80.68
N PHE E 117 25.71 28.02 -80.60
CA PHE E 117 25.14 27.04 -81.51
C PHE E 117 23.75 27.44 -81.95
N PRO E 118 23.54 27.60 -83.26
CA PRO E 118 22.19 27.94 -83.75
C PRO E 118 21.21 26.78 -83.54
N PRO E 119 19.88 27.00 -83.67
CA PRO E 119 18.95 25.88 -83.53
C PRO E 119 19.18 24.85 -84.61
N SER E 120 19.15 23.56 -84.23
CA SER E 120 19.31 22.43 -85.15
C SER E 120 18.13 22.39 -86.12
N SER E 121 18.29 21.74 -87.30
CA SER E 121 17.21 21.62 -88.28
C SER E 121 16.03 20.90 -87.65
N GLU E 122 16.36 19.81 -86.95
CA GLU E 122 15.54 18.89 -86.19
C GLU E 122 14.53 19.68 -85.36
N GLN E 123 15.02 20.64 -84.52
CA GLN E 123 14.23 21.50 -83.63
C GLN E 123 13.32 22.45 -84.39
N LEU E 124 13.89 23.14 -85.39
CA LEU E 124 13.16 24.08 -86.22
C LEU E 124 11.98 23.38 -86.91
N THR E 125 12.21 22.19 -87.53
CA THR E 125 11.17 21.40 -88.20
C THR E 125 10.04 21.02 -87.21
N SER E 126 10.35 20.92 -85.89
CA SER E 126 9.36 20.64 -84.84
C SER E 126 8.63 21.93 -84.32
N GLY E 127 8.96 23.09 -84.90
CA GLY E 127 8.32 24.37 -84.58
C GLY E 127 9.00 25.31 -83.59
N GLY E 128 10.02 24.82 -82.89
CA GLY E 128 10.75 25.61 -81.90
C GLY E 128 12.15 26.00 -82.32
N ALA E 129 12.78 26.89 -81.54
CA ALA E 129 14.12 27.38 -81.81
C ALA E 129 14.84 27.76 -80.54
N SER E 130 15.92 27.04 -80.23
CA SER E 130 16.78 27.25 -79.05
C SER E 130 18.21 27.53 -79.50
N VAL E 131 18.84 28.56 -78.94
CA VAL E 131 20.22 28.91 -79.21
C VAL E 131 20.98 28.56 -77.95
N VAL E 132 22.04 27.78 -78.11
CA VAL E 132 22.82 27.30 -76.98
C VAL E 132 24.16 27.98 -76.91
N CYS E 133 24.58 28.24 -75.70
CA CYS E 133 25.85 28.81 -75.40
C CYS E 133 26.54 28.13 -74.23
N PHE E 134 27.78 27.67 -74.45
CA PHE E 134 28.61 27.04 -73.43
C PHE E 134 29.78 27.94 -73.17
N LEU E 135 30.08 28.13 -71.90
CA LEU E 135 31.16 28.96 -71.38
C LEU E 135 31.87 28.02 -70.45
N ASN E 136 32.85 27.29 -70.99
CA ASN E 136 33.53 26.24 -70.28
C ASN E 136 34.90 26.54 -69.73
N ASN E 137 35.24 25.82 -68.64
CA ASN E 137 36.51 25.76 -67.93
C ASN E 137 37.06 27.13 -67.52
N PHE E 138 36.30 27.83 -66.66
CA PHE E 138 36.68 29.14 -66.11
C PHE E 138 36.86 29.15 -64.56
N TYR E 139 37.66 30.11 -64.08
CA TYR E 139 37.95 30.37 -62.68
C TYR E 139 38.24 31.88 -62.52
N PRO E 140 37.65 32.61 -61.53
CA PRO E 140 36.72 32.13 -60.48
C PRO E 140 35.32 31.75 -61.02
N LYS E 141 34.42 31.28 -60.12
CA LYS E 141 33.06 30.85 -60.49
C LYS E 141 32.18 31.99 -60.92
N ASP E 142 32.50 33.21 -60.47
CA ASP E 142 31.67 34.39 -60.71
C ASP E 142 31.68 34.80 -62.19
N ILE E 143 30.54 34.58 -62.85
CA ILE E 143 30.30 34.87 -64.25
C ILE E 143 28.87 35.34 -64.47
N ASN E 144 28.69 36.29 -65.40
CA ASN E 144 27.38 36.79 -65.80
C ASN E 144 27.27 36.73 -67.31
N VAL E 145 26.11 36.27 -67.81
CA VAL E 145 25.83 36.10 -69.23
C VAL E 145 24.57 36.84 -69.68
N LYS E 146 24.66 37.55 -70.79
CA LYS E 146 23.58 38.32 -71.42
C LYS E 146 23.42 37.91 -72.88
N TRP E 147 22.19 37.97 -73.38
CA TRP E 147 21.85 37.66 -74.76
C TRP E 147 21.33 38.88 -75.43
N LYS E 148 21.65 39.03 -76.72
CA LYS E 148 21.22 40.13 -77.56
C LYS E 148 20.70 39.54 -78.85
N ILE E 149 19.49 39.96 -79.29
CA ILE E 149 18.89 39.54 -80.54
C ILE E 149 18.83 40.78 -81.39
N ASP E 150 19.67 40.84 -82.43
CA ASP E 150 19.74 41.97 -83.34
C ASP E 150 20.05 43.24 -82.55
N GLY E 151 21.01 43.14 -81.64
CA GLY E 151 21.45 44.25 -80.83
C GLY E 151 20.65 44.57 -79.58
N SER E 152 19.37 44.14 -79.51
CA SER E 152 18.52 44.39 -78.33
C SER E 152 18.65 43.25 -77.34
N GLU E 153 18.78 43.55 -76.04
CA GLU E 153 18.91 42.52 -75.02
C GLU E 153 17.69 41.63 -74.86
N ARG E 154 17.91 40.37 -74.52
CA ARG E 154 16.83 39.40 -74.32
C ARG E 154 17.00 38.67 -73.00
N GLN E 155 15.95 38.70 -72.16
CA GLN E 155 15.97 38.00 -70.85
C GLN E 155 14.96 36.84 -70.77
N ASN E 156 13.77 37.01 -71.39
CA ASN E 156 12.73 36.00 -71.42
C ASN E 156 13.13 34.79 -72.30
N GLY E 157 12.90 33.59 -71.76
CA GLY E 157 13.19 32.32 -72.42
C GLY E 157 14.61 31.83 -72.25
N VAL E 158 15.35 32.42 -71.30
CA VAL E 158 16.74 32.05 -71.04
C VAL E 158 16.85 31.13 -69.85
N LEU E 159 17.45 29.96 -70.04
CA LEU E 159 17.68 28.99 -68.97
C LEU E 159 19.17 28.82 -68.74
N ASN E 160 19.64 29.24 -67.55
CA ASN E 160 21.04 29.15 -67.19
C ASN E 160 21.29 27.95 -66.30
N SER E 161 22.47 27.31 -66.46
CA SER E 161 22.89 26.14 -65.69
C SER E 161 24.40 26.18 -65.47
N TRP E 162 24.88 25.79 -64.28
CA TRP E 162 26.28 25.82 -63.84
C TRP E 162 26.69 24.51 -63.21
N THR E 163 27.95 24.09 -63.43
CA THR E 163 28.48 22.86 -62.85
C THR E 163 29.16 23.21 -61.54
N ASP E 164 29.40 22.19 -60.72
CA ASP E 164 30.17 22.40 -59.52
C ASP E 164 31.65 22.40 -59.96
N GLN E 165 32.60 22.85 -59.09
CA GLN E 165 34.01 22.88 -59.44
C GLN E 165 34.51 21.49 -59.79
N ASP E 166 35.37 21.39 -60.83
CA ASP E 166 35.96 20.13 -61.26
C ASP E 166 37.16 19.79 -60.36
N SER E 167 37.18 18.56 -59.79
CA SER E 167 38.25 18.05 -58.91
C SER E 167 39.56 17.97 -59.63
N LYS E 168 39.54 17.71 -60.97
CA LYS E 168 40.76 17.56 -61.74
C LYS E 168 41.40 18.90 -62.16
N ASP E 169 40.63 19.87 -62.71
CA ASP E 169 41.29 21.11 -63.14
C ASP E 169 40.88 22.39 -62.37
N SER E 170 40.15 22.24 -61.24
CA SER E 170 39.71 23.35 -60.37
C SER E 170 38.83 24.40 -61.13
N THR E 171 38.28 24.04 -62.30
CA THR E 171 37.45 24.94 -63.10
C THR E 171 35.96 24.72 -62.94
N TYR E 172 35.22 25.71 -63.41
CA TYR E 172 33.76 25.77 -63.43
C TYR E 172 33.32 25.91 -64.88
N SER E 173 32.13 25.43 -65.22
CA SER E 173 31.57 25.57 -66.57
C SER E 173 30.09 25.98 -66.47
N MET E 174 29.60 26.65 -67.51
CA MET E 174 28.24 27.16 -67.57
C MET E 174 27.59 26.89 -68.93
N SER E 175 26.26 26.80 -68.91
CA SER E 175 25.40 26.64 -70.07
C SER E 175 24.27 27.67 -69.95
N SER E 176 23.88 28.23 -71.07
CA SER E 176 22.82 29.23 -71.21
C SER E 176 22.09 28.93 -72.55
N THR E 177 20.74 28.79 -72.49
CA THR E 177 19.88 28.46 -73.64
C THR E 177 18.79 29.50 -73.84
N LEU E 178 18.86 30.23 -74.98
CA LEU E 178 17.84 31.21 -75.37
C LEU E 178 16.83 30.48 -76.23
N THR E 179 15.57 30.45 -75.77
CA THR E 179 14.51 29.75 -76.46
C THR E 179 13.38 30.64 -76.82
N LEU E 180 13.14 30.71 -78.13
CA LEU E 180 12.05 31.44 -78.75
C LEU E 180 11.31 30.60 -79.74
N THR E 181 10.29 31.18 -80.39
CA THR E 181 9.46 30.50 -81.40
C THR E 181 10.21 30.46 -82.69
N LYS E 182 9.93 29.45 -83.56
CA LYS E 182 10.58 29.34 -84.88
C LYS E 182 10.25 30.62 -85.60
N ASP E 183 8.99 31.08 -85.51
CA ASP E 183 8.52 32.31 -86.14
C ASP E 183 9.35 33.51 -85.72
N GLU E 184 9.59 33.68 -84.41
CA GLU E 184 10.41 34.79 -83.89
C GLU E 184 11.87 34.69 -84.33
N TYR E 185 12.48 33.48 -84.23
CA TYR E 185 13.86 33.26 -84.65
C TYR E 185 14.04 33.62 -86.14
N GLU E 186 13.09 33.20 -87.01
CA GLU E 186 13.13 33.54 -88.45
C GLU E 186 12.95 35.04 -88.75
N ARG E 187 12.57 35.87 -87.75
CA ARG E 187 12.39 37.32 -87.94
C ARG E 187 13.65 38.13 -87.59
N HIS E 188 14.74 37.44 -87.18
CA HIS E 188 15.97 38.11 -86.78
C HIS E 188 17.23 37.53 -87.39
N ASN E 189 18.32 38.31 -87.37
CA ASN E 189 19.59 37.93 -87.97
C ASN E 189 20.68 37.59 -86.93
N SER E 190 21.11 38.60 -86.13
CA SER E 190 22.13 38.50 -85.10
C SER E 190 21.65 37.85 -83.80
N TYR E 191 22.37 36.81 -83.32
CA TYR E 191 22.14 36.12 -82.05
C TYR E 191 23.44 36.15 -81.31
N THR E 192 23.46 36.83 -80.16
CA THR E 192 24.69 37.10 -79.44
C THR E 192 24.69 36.58 -78.00
N CYS E 193 25.77 35.91 -77.68
CA CYS E 193 26.03 35.33 -76.38
C CYS E 193 27.18 36.11 -75.74
N GLU E 194 26.89 36.94 -74.74
CA GLU E 194 27.89 37.82 -74.17
C GLU E 194 28.15 37.58 -72.69
N ALA E 195 29.41 37.37 -72.30
CA ALA E 195 29.81 37.09 -70.91
C ALA E 195 30.72 38.13 -70.26
N THR E 196 30.59 38.28 -68.94
CA THR E 196 31.39 39.13 -68.07
C THR E 196 32.06 38.21 -67.05
N HIS E 197 33.40 38.28 -66.97
CA HIS E 197 34.25 37.47 -66.11
C HIS E 197 35.53 38.22 -65.77
N LYS E 198 36.08 37.94 -64.58
CA LYS E 198 37.30 38.54 -64.01
C LYS E 198 38.43 38.68 -65.04
N THR E 199 38.64 37.61 -65.82
CA THR E 199 39.72 37.44 -66.79
C THR E 199 39.74 38.50 -67.91
N SER E 200 38.62 39.21 -68.15
CA SER E 200 38.56 40.28 -69.15
C SER E 200 37.90 41.57 -68.65
N THR E 201 38.44 42.72 -69.12
CA THR E 201 37.90 44.06 -68.80
C THR E 201 36.82 44.50 -69.80
N SER E 202 36.63 43.72 -70.86
CA SER E 202 35.63 43.93 -71.90
C SER E 202 34.76 42.68 -72.00
N PRO E 203 33.46 42.78 -72.43
CA PRO E 203 32.66 41.55 -72.58
C PRO E 203 33.34 40.51 -73.49
N ILE E 204 33.15 39.24 -73.15
CA ILE E 204 33.64 38.10 -73.92
C ILE E 204 32.40 37.68 -74.72
N VAL E 205 32.46 37.86 -76.03
CA VAL E 205 31.30 37.63 -76.88
C VAL E 205 31.50 36.58 -77.98
N LYS E 206 30.43 35.82 -78.26
CA LYS E 206 30.33 34.93 -79.40
C LYS E 206 29.02 35.23 -80.11
N SER E 207 29.00 35.14 -81.43
CA SER E 207 27.79 35.43 -82.18
C SER E 207 27.74 34.67 -83.49
N PHE E 208 26.54 34.54 -84.06
CA PHE E 208 26.27 33.99 -85.38
C PHE E 208 25.18 34.83 -86.05
N ASN E 209 25.01 34.65 -87.36
CA ASN E 209 23.99 35.33 -88.18
C ASN E 209 23.22 34.30 -88.94
N ARG E 210 21.88 34.35 -88.88
CA ARG E 210 20.99 33.45 -89.63
C ARG E 210 21.33 33.48 -91.13
N ASN E 211 21.81 34.64 -91.62
CA ASN E 211 22.22 34.87 -93.00
C ASN E 211 23.76 34.72 -93.11
N GLU E 212 24.28 33.51 -92.72
CA GLU E 212 25.70 33.10 -92.76
C GLU E 212 25.93 31.61 -92.37
N GLU F 1 33.51 -7.59 -53.26
CA GLU F 1 33.25 -6.15 -53.27
C GLU F 1 31.79 -5.81 -52.87
N VAL F 2 31.64 -4.83 -51.96
CA VAL F 2 30.35 -4.38 -51.43
C VAL F 2 29.59 -3.55 -52.48
N GLN F 3 28.32 -3.91 -52.71
CA GLN F 3 27.46 -3.23 -53.68
C GLN F 3 26.04 -3.05 -53.17
N LEU F 4 25.46 -1.90 -53.47
CA LEU F 4 24.09 -1.59 -53.07
C LEU F 4 23.40 -1.02 -54.30
N VAL F 5 22.35 -1.70 -54.78
CA VAL F 5 21.65 -1.25 -56.00
C VAL F 5 20.16 -0.97 -55.77
N GLU F 6 19.82 0.33 -55.73
CA GLU F 6 18.44 0.78 -55.56
C GLU F 6 17.66 0.69 -56.85
N SER F 7 16.35 0.52 -56.72
CA SER F 7 15.38 0.47 -57.82
C SER F 7 14.00 0.77 -57.26
N GLY F 8 13.03 0.97 -58.14
CA GLY F 8 11.65 1.23 -57.74
C GLY F 8 11.21 2.67 -57.80
N GLY F 9 12.18 3.57 -57.97
CA GLY F 9 11.93 5.01 -58.01
C GLY F 9 11.26 5.52 -59.28
N GLY F 10 10.76 6.75 -59.20
CA GLY F 10 10.09 7.41 -60.32
C GLY F 10 9.02 8.42 -59.94
N LEU F 11 8.11 8.67 -60.91
CA LEU F 11 7.02 9.62 -60.77
C LEU F 11 5.79 8.99 -60.19
N VAL F 12 5.34 9.56 -59.05
CA VAL F 12 4.13 9.18 -58.31
C VAL F 12 3.35 10.46 -58.08
N GLN F 13 2.02 10.39 -58.24
CA GLN F 13 1.08 11.48 -57.97
C GLN F 13 1.00 11.73 -56.45
N PRO F 14 0.72 12.97 -55.96
CA PRO F 14 0.61 13.16 -54.51
C PRO F 14 -0.53 12.35 -53.89
N LYS F 15 -0.31 11.82 -52.67
CA LYS F 15 -1.18 10.93 -51.87
C LYS F 15 -1.01 9.47 -52.34
N GLY F 16 -0.16 9.31 -53.36
CA GLY F 16 0.18 8.04 -53.99
C GLY F 16 1.16 7.21 -53.20
N SER F 17 1.47 6.02 -53.75
CA SER F 17 2.35 5.02 -53.17
C SER F 17 3.46 4.57 -54.10
N LEU F 18 4.59 4.16 -53.51
CA LEU F 18 5.75 3.67 -54.22
C LEU F 18 6.52 2.74 -53.30
N LYS F 19 7.19 1.72 -53.85
CA LYS F 19 8.01 0.78 -53.10
C LYS F 19 9.40 0.70 -53.69
N LEU F 20 10.38 1.12 -52.94
CA LEU F 20 11.78 1.07 -53.36
C LEU F 20 12.35 -0.28 -52.96
N SER F 21 13.29 -0.78 -53.76
CA SER F 21 14.00 -2.05 -53.58
C SER F 21 15.50 -1.72 -53.48
N CYS F 22 16.31 -2.62 -52.89
CA CYS F 22 17.76 -2.49 -52.81
C CYS F 22 18.42 -3.85 -52.79
N ALA F 23 19.18 -4.12 -53.82
CA ALA F 23 19.94 -5.34 -54.02
C ALA F 23 21.29 -5.19 -53.34
N ALA F 24 21.52 -5.96 -52.23
CA ALA F 24 22.79 -5.93 -51.48
C ALA F 24 23.67 -7.14 -51.73
N SER F 25 25.00 -6.93 -51.85
CA SER F 25 25.98 -7.99 -52.10
C SER F 25 27.37 -7.65 -51.54
N GLY F 26 28.21 -8.67 -51.35
CA GLY F 26 29.58 -8.52 -50.87
C GLY F 26 29.79 -8.47 -49.38
N PHE F 27 28.74 -8.76 -48.60
CA PHE F 27 28.80 -8.76 -47.15
C PHE F 27 27.69 -9.62 -46.56
N THR F 28 27.85 -10.02 -45.28
CA THR F 28 26.89 -10.86 -44.55
C THR F 28 25.68 -10.02 -44.15
N PHE F 29 24.84 -9.64 -45.15
CA PHE F 29 23.65 -8.79 -45.04
C PHE F 29 22.90 -8.91 -43.72
N ASN F 30 22.50 -10.14 -43.36
CA ASN F 30 21.71 -10.48 -42.17
C ASN F 30 22.30 -9.95 -40.82
N THR F 31 23.65 -9.76 -40.75
CA THR F 31 24.39 -9.30 -39.56
C THR F 31 24.53 -7.79 -39.47
N TYR F 32 24.11 -7.09 -40.54
CA TYR F 32 24.17 -5.63 -40.68
C TYR F 32 22.86 -4.89 -40.47
N ALA F 33 22.98 -3.66 -39.91
CA ALA F 33 21.87 -2.73 -39.76
C ALA F 33 21.83 -1.94 -41.08
N MET F 34 20.66 -1.86 -41.72
CA MET F 34 20.55 -1.16 -42.99
C MET F 34 19.73 0.10 -42.77
N HIS F 35 19.88 1.09 -43.67
CA HIS F 35 19.20 2.38 -43.59
C HIS F 35 18.76 2.88 -44.95
N TRP F 36 17.83 3.85 -44.95
CA TRP F 36 17.44 4.58 -46.16
C TRP F 36 17.71 6.04 -45.83
N VAL F 37 18.48 6.74 -46.68
CA VAL F 37 18.79 8.18 -46.47
C VAL F 37 18.36 8.95 -47.75
N ARG F 38 17.76 10.14 -47.63
CA ARG F 38 17.33 10.86 -48.83
C ARG F 38 18.03 12.25 -49.03
N GLN F 39 18.12 12.70 -50.27
CA GLN F 39 18.73 13.99 -50.61
C GLN F 39 17.92 14.71 -51.70
N ALA F 40 17.13 15.74 -51.28
CA ALA F 40 16.31 16.60 -52.16
C ALA F 40 17.28 17.34 -53.07
N PRO F 41 16.89 17.71 -54.31
CA PRO F 41 17.85 18.37 -55.21
C PRO F 41 18.43 19.66 -54.66
N GLY F 42 19.75 19.74 -54.67
CA GLY F 42 20.50 20.91 -54.20
C GLY F 42 20.58 21.05 -52.69
N LYS F 43 19.96 20.10 -51.96
CA LYS F 43 19.89 20.07 -50.49
C LYS F 43 20.83 19.02 -49.87
N GLY F 44 20.80 18.93 -48.54
CA GLY F 44 21.61 18.00 -47.76
C GLY F 44 20.97 16.64 -47.58
N LEU F 45 21.46 15.89 -46.58
CA LEU F 45 21.02 14.52 -46.32
C LEU F 45 20.04 14.43 -45.17
N GLU F 46 18.98 13.65 -45.36
CA GLU F 46 17.95 13.44 -44.35
C GLU F 46 17.77 11.94 -44.15
N TRP F 47 18.01 11.51 -42.92
CA TRP F 47 17.85 10.11 -42.53
C TRP F 47 16.36 9.72 -42.68
N VAL F 48 16.05 8.52 -43.20
CA VAL F 48 14.65 8.15 -43.36
C VAL F 48 14.20 7.12 -42.32
N ALA F 49 14.84 5.95 -42.32
CA ALA F 49 14.54 4.88 -41.40
C ALA F 49 15.69 3.91 -41.29
N ARG F 50 15.73 3.13 -40.17
CA ARG F 50 16.67 2.06 -39.88
C ARG F 50 15.88 0.76 -39.64
N ILE F 51 16.51 -0.38 -39.95
CA ILE F 51 16.05 -1.74 -39.68
C ILE F 51 17.30 -2.44 -39.19
N ARG F 52 17.24 -3.02 -38.00
CA ARG F 52 18.34 -3.73 -37.36
C ARG F 52 18.27 -5.20 -37.83
N SER F 53 19.21 -6.03 -37.38
CA SER F 53 19.28 -7.44 -37.77
C SER F 53 18.15 -8.24 -37.16
N LYS F 54 18.09 -9.57 -37.46
CA LYS F 54 17.13 -10.51 -36.90
C LYS F 54 17.42 -10.68 -35.42
N SER F 55 18.73 -10.60 -35.03
CA SER F 55 19.17 -10.70 -33.63
C SER F 55 18.62 -9.53 -32.84
N ASN F 56 18.56 -8.33 -33.47
CA ASN F 56 18.03 -7.13 -32.84
C ASN F 56 16.56 -6.96 -33.22
N LYS F 57 15.89 -8.12 -33.32
CA LYS F 57 14.47 -8.36 -33.59
C LYS F 57 13.85 -7.53 -34.74
N TYR F 58 14.65 -7.21 -35.81
CA TYR F 58 14.23 -6.41 -36.98
C TYR F 58 13.63 -5.07 -36.55
N ALA F 59 14.19 -4.48 -35.47
CA ALA F 59 13.74 -3.23 -34.86
C ALA F 59 13.86 -2.04 -35.81
N THR F 60 12.69 -1.43 -36.13
CA THR F 60 12.62 -0.29 -37.04
C THR F 60 12.42 1.03 -36.32
N HIS F 61 13.09 2.07 -36.83
CA HIS F 61 13.07 3.44 -36.31
C HIS F 61 12.92 4.34 -37.50
N TYR F 62 12.04 5.37 -37.38
CA TYR F 62 11.73 6.28 -38.46
C TYR F 62 11.95 7.74 -38.12
N ALA F 63 12.22 8.54 -39.17
CA ALA F 63 12.28 10.00 -39.10
C ALA F 63 10.81 10.41 -38.87
N ASP F 64 10.56 11.38 -37.98
CA ASP F 64 9.18 11.78 -37.63
C ASP F 64 8.31 12.18 -38.84
N SER F 65 8.87 12.91 -39.81
CA SER F 65 8.15 13.34 -41.02
C SER F 65 7.67 12.18 -41.90
N VAL F 66 7.99 10.96 -41.50
CA VAL F 66 7.79 9.73 -42.26
C VAL F 66 7.11 8.62 -41.47
N LYS F 67 7.18 8.71 -40.11
CA LYS F 67 6.65 7.73 -39.15
C LYS F 67 5.21 7.43 -39.54
N ASP F 68 4.92 6.14 -39.67
CA ASP F 68 3.61 5.55 -40.02
C ASP F 68 3.19 5.69 -41.49
N ARG F 69 3.84 6.56 -42.33
CA ARG F 69 3.54 6.67 -43.77
C ARG F 69 4.49 5.75 -44.56
N PHE F 70 5.78 5.66 -44.12
CA PHE F 70 6.81 4.81 -44.71
C PHE F 70 7.03 3.57 -43.83
N THR F 71 7.48 2.47 -44.46
CA THR F 71 7.75 1.20 -43.82
C THR F 71 9.05 0.62 -44.39
N ILE F 72 10.04 0.39 -43.51
CA ILE F 72 11.33 -0.22 -43.88
C ILE F 72 11.21 -1.73 -43.59
N SER F 73 11.65 -2.58 -44.56
CA SER F 73 11.57 -4.04 -44.46
C SER F 73 12.80 -4.79 -45.00
N ARG F 74 12.94 -6.07 -44.62
CA ARG F 74 14.04 -6.94 -44.98
C ARG F 74 13.56 -8.29 -45.46
N ASP F 75 14.41 -8.89 -46.28
CA ASP F 75 14.32 -10.23 -46.80
C ASP F 75 15.76 -10.65 -46.95
N ASP F 76 16.33 -11.20 -45.84
CA ASP F 76 17.73 -11.64 -45.75
C ASP F 76 18.06 -12.81 -46.70
N SER F 77 17.07 -13.67 -47.03
CA SER F 77 17.25 -14.82 -47.92
C SER F 77 17.55 -14.37 -49.36
N GLN F 78 17.01 -13.20 -49.74
CA GLN F 78 17.19 -12.57 -51.05
C GLN F 78 18.14 -11.38 -50.98
N THR F 79 18.71 -11.11 -49.78
CA THR F 79 19.66 -10.01 -49.52
C THR F 79 19.06 -8.68 -50.03
N MET F 80 17.78 -8.43 -49.67
CA MET F 80 17.06 -7.25 -50.14
C MET F 80 16.57 -6.34 -49.02
N LEU F 81 16.64 -5.02 -49.24
CA LEU F 81 16.12 -3.99 -48.35
C LEU F 81 14.99 -3.31 -49.14
N TYR F 82 13.89 -2.93 -48.45
CA TYR F 82 12.77 -2.28 -49.10
C TYR F 82 12.29 -1.06 -48.31
N LEU F 83 11.66 -0.12 -49.05
CA LEU F 83 11.04 1.07 -48.47
C LEU F 83 9.70 1.26 -49.15
N GLN F 84 8.61 0.89 -48.45
CA GLN F 84 7.24 1.06 -48.87
C GLN F 84 6.87 2.46 -48.43
N MET F 85 6.53 3.33 -49.38
CA MET F 85 6.17 4.72 -49.13
C MET F 85 4.73 4.92 -49.53
N ASN F 86 3.89 5.29 -48.57
CA ASN F 86 2.48 5.57 -48.80
C ASN F 86 2.20 7.07 -48.54
N ASN F 87 1.00 7.56 -48.94
CA ASN F 87 0.57 8.97 -48.79
C ASN F 87 1.70 9.96 -49.09
N LEU F 88 2.32 9.79 -50.27
CA LEU F 88 3.43 10.60 -50.74
C LEU F 88 3.08 12.07 -50.87
N LYS F 89 4.05 12.91 -50.54
CA LYS F 89 3.91 14.37 -50.52
C LYS F 89 5.02 14.99 -51.36
N THR F 90 4.77 16.19 -51.94
CA THR F 90 5.75 16.97 -52.74
C THR F 90 7.15 17.05 -52.04
N GLU F 91 7.16 17.16 -50.69
CA GLU F 91 8.33 17.21 -49.81
C GLU F 91 9.20 15.97 -49.94
N ASP F 92 8.61 14.81 -50.31
CA ASP F 92 9.36 13.56 -50.42
C ASP F 92 10.18 13.47 -51.69
N THR F 93 10.04 14.45 -52.61
CA THR F 93 10.83 14.48 -53.85
C THR F 93 12.29 14.58 -53.45
N ALA F 94 13.07 13.53 -53.77
CA ALA F 94 14.46 13.36 -53.42
C ALA F 94 15.09 12.11 -54.09
N MET F 95 16.42 12.00 -53.93
CA MET F 95 17.22 10.86 -54.32
C MET F 95 17.26 10.00 -53.06
N TYR F 96 16.89 8.72 -53.18
CA TYR F 96 16.84 7.80 -52.05
C TYR F 96 17.98 6.83 -52.12
N TYR F 97 18.87 6.90 -51.12
CA TYR F 97 20.02 6.02 -50.98
C TYR F 97 19.73 4.92 -49.97
N CYS F 98 20.13 3.70 -50.33
CA CYS F 98 20.07 2.49 -49.53
C CYS F 98 21.49 2.43 -48.98
N VAL F 99 21.61 2.50 -47.67
CA VAL F 99 22.90 2.63 -47.00
C VAL F 99 23.13 1.50 -45.99
N ARG F 100 24.40 1.07 -45.86
CA ARG F 100 24.83 0.05 -44.90
C ARG F 100 25.61 0.70 -43.76
N GLU F 101 25.32 0.31 -42.51
CA GLU F 101 25.99 0.78 -41.30
C GLU F 101 27.07 -0.25 -40.87
N GLY F 102 28.28 0.23 -40.61
CA GLY F 102 29.40 -0.63 -40.23
C GLY F 102 29.17 -1.25 -38.87
N SER F 103 29.32 -2.58 -38.80
CA SER F 103 29.07 -3.40 -37.60
C SER F 103 30.17 -3.22 -36.54
N TYR F 104 29.99 -3.83 -35.29
CA TYR F 104 31.02 -3.69 -34.26
CA TYR F 104 30.99 -3.77 -34.21
C TYR F 104 32.35 -4.21 -34.77
N TYR F 105 32.30 -5.21 -35.68
CA TYR F 105 33.43 -5.88 -36.31
C TYR F 105 34.24 -5.01 -37.25
N ASP F 106 33.63 -3.97 -37.83
CA ASP F 106 34.34 -3.09 -38.77
C ASP F 106 34.89 -1.82 -38.12
N SER F 107 35.93 -1.24 -38.75
CA SER F 107 36.56 0.02 -38.36
C SER F 107 35.51 1.14 -38.47
N SER F 108 34.57 0.93 -39.41
CA SER F 108 33.45 1.79 -39.75
C SER F 108 32.29 1.67 -38.81
N TYR F 109 32.50 1.08 -37.61
CA TYR F 109 31.38 0.90 -36.69
C TYR F 109 30.54 2.16 -36.56
N GLY F 110 29.25 2.01 -36.84
CA GLY F 110 28.27 3.09 -36.68
C GLY F 110 28.02 4.02 -37.84
N ALA F 111 29.03 4.19 -38.71
CA ALA F 111 29.01 5.02 -39.91
C ALA F 111 28.22 4.35 -41.00
N MET F 112 27.74 5.17 -41.96
CA MET F 112 27.07 4.75 -43.19
C MET F 112 28.27 4.52 -44.10
N ASP F 113 28.81 3.32 -44.07
CA ASP F 113 30.09 3.04 -44.73
C ASP F 113 29.98 2.69 -46.21
N TYR F 114 28.74 2.43 -46.68
CA TYR F 114 28.42 2.13 -48.08
C TYR F 114 27.07 2.68 -48.44
N TRP F 115 27.03 3.46 -49.52
CA TRP F 115 25.83 4.08 -50.05
C TRP F 115 25.70 3.61 -51.47
N GLY F 116 24.47 3.35 -51.89
CA GLY F 116 24.18 2.97 -53.26
C GLY F 116 24.15 4.22 -54.13
N GLN F 117 24.04 4.03 -55.45
CA GLN F 117 23.98 5.14 -56.40
C GLN F 117 22.69 6.01 -56.28
N GLY F 118 21.65 5.45 -55.65
CA GLY F 118 20.36 6.12 -55.46
C GLY F 118 19.28 5.78 -56.47
N THR F 119 18.03 6.12 -56.13
CA THR F 119 16.84 5.97 -56.97
C THR F 119 16.05 7.28 -56.85
N SER F 120 15.83 8.00 -57.97
CA SER F 120 15.14 9.29 -57.94
C SER F 120 13.63 9.11 -57.81
N VAL F 121 13.04 9.87 -56.88
CA VAL F 121 11.62 9.85 -56.59
C VAL F 121 11.09 11.26 -56.79
N THR F 122 10.09 11.41 -57.65
CA THR F 122 9.48 12.71 -57.96
C THR F 122 8.00 12.62 -57.60
N VAL F 123 7.56 13.42 -56.61
CA VAL F 123 6.15 13.44 -56.23
C VAL F 123 5.54 14.70 -56.86
N SER F 124 4.75 14.51 -57.92
CA SER F 124 4.14 15.60 -58.69
C SER F 124 2.84 15.18 -59.31
N SER F 125 2.00 16.16 -59.66
CA SER F 125 0.73 15.96 -60.37
C SER F 125 0.96 16.02 -61.90
N ALA F 126 2.10 16.62 -62.35
CA ALA F 126 2.53 16.76 -63.75
C ALA F 126 2.72 15.40 -64.42
N LYS F 127 2.73 15.40 -65.75
CA LYS F 127 2.81 14.15 -66.49
C LYS F 127 4.12 13.92 -67.19
N THR F 128 4.38 12.61 -67.44
CA THR F 128 5.58 12.11 -68.10
C THR F 128 5.63 12.60 -69.53
N THR F 129 6.73 13.26 -69.87
CA THR F 129 6.98 13.82 -71.20
C THR F 129 8.35 13.31 -71.65
N PRO F 130 8.48 12.67 -72.83
CA PRO F 130 9.82 12.26 -73.27
C PRO F 130 10.65 13.47 -73.71
N PRO F 131 11.99 13.39 -73.67
CA PRO F 131 12.78 14.52 -74.16
C PRO F 131 12.90 14.52 -75.68
N SER F 132 13.22 15.70 -76.22
CA SER F 132 13.53 15.93 -77.62
C SER F 132 15.03 16.17 -77.58
N VAL F 133 15.83 15.32 -78.24
CA VAL F 133 17.31 15.39 -78.24
C VAL F 133 17.76 16.03 -79.56
N TYR F 134 18.40 17.21 -79.47
CA TYR F 134 18.83 17.96 -80.64
C TYR F 134 20.35 18.05 -80.71
N PRO F 135 20.98 17.90 -81.90
CA PRO F 135 22.43 18.06 -81.94
C PRO F 135 22.88 19.52 -81.96
N LEU F 136 24.08 19.80 -81.43
CA LEU F 136 24.69 21.13 -81.44
C LEU F 136 26.04 20.99 -82.14
N ALA F 137 26.07 21.43 -83.38
CA ALA F 137 27.26 21.41 -84.24
C ALA F 137 27.61 22.86 -84.58
N PRO F 138 28.90 23.19 -84.80
CA PRO F 138 29.24 24.60 -85.12
C PRO F 138 28.83 25.00 -86.54
N GLY F 139 28.37 26.26 -86.68
CA GLY F 139 27.96 26.85 -87.94
C GLY F 139 29.01 27.76 -88.55
N SER F 146 42.33 24.53 -83.15
CA SER F 146 42.86 23.25 -82.65
C SER F 146 41.82 22.31 -82.03
N MET F 147 40.90 22.87 -81.20
CA MET F 147 39.86 22.11 -80.51
C MET F 147 38.45 22.42 -81.07
N VAL F 148 37.51 21.46 -80.91
CA VAL F 148 36.12 21.59 -81.37
C VAL F 148 35.20 21.33 -80.23
N THR F 149 34.24 22.21 -80.04
CA THR F 149 33.20 22.00 -79.04
C THR F 149 31.91 21.67 -79.76
N LEU F 150 31.35 20.50 -79.43
CA LEU F 150 30.09 19.98 -79.92
C LEU F 150 29.28 19.74 -78.68
N GLY F 151 27.99 19.52 -78.83
CA GLY F 151 27.14 19.23 -77.70
C GLY F 151 25.77 18.78 -78.12
N CYS F 152 24.89 18.45 -77.14
CA CYS F 152 23.53 18.15 -77.51
C CYS F 152 22.55 18.51 -76.41
N LEU F 153 21.42 19.09 -76.82
CA LEU F 153 20.38 19.61 -75.97
C LEU F 153 19.26 18.58 -75.80
N VAL F 154 18.94 18.30 -74.53
CA VAL F 154 17.89 17.37 -74.08
C VAL F 154 16.83 18.29 -73.50
N LYS F 155 15.83 18.63 -74.32
CA LYS F 155 14.80 19.62 -74.03
C LYS F 155 13.39 19.05 -73.83
N GLY F 156 12.69 19.60 -72.83
CA GLY F 156 11.30 19.30 -72.46
C GLY F 156 10.94 17.89 -72.04
N TYR F 157 11.57 17.40 -70.96
CA TYR F 157 11.26 16.09 -70.38
C TYR F 157 10.77 16.19 -68.94
N PHE F 158 10.04 15.16 -68.50
CA PHE F 158 9.54 15.05 -67.14
C PHE F 158 9.29 13.59 -66.82
N PRO F 159 9.72 13.09 -65.64
CA PRO F 159 10.47 13.77 -64.59
C PRO F 159 11.98 13.56 -64.78
N GLU F 160 12.76 13.79 -63.73
CA GLU F 160 14.18 13.49 -63.74
C GLU F 160 14.26 12.01 -63.32
N PRO F 161 15.29 11.23 -63.71
CA PRO F 161 16.53 11.60 -64.40
C PRO F 161 16.62 11.26 -65.88
N VAL F 162 17.68 11.80 -66.49
CA VAL F 162 18.09 11.61 -67.86
C VAL F 162 19.58 11.22 -67.82
N THR F 163 19.92 10.17 -68.58
CA THR F 163 21.28 9.65 -68.77
C THR F 163 21.82 10.25 -70.09
N VAL F 164 23.03 10.80 -70.06
CA VAL F 164 23.71 11.34 -71.23
C VAL F 164 25.11 10.78 -71.21
N THR F 165 25.48 10.16 -72.33
CA THR F 165 26.80 9.59 -72.54
C THR F 165 27.27 9.97 -73.93
N TRP F 166 28.58 9.98 -74.16
CA TRP F 166 29.12 10.29 -75.49
C TRP F 166 29.88 9.06 -76.01
N ASN F 167 29.59 8.65 -77.27
CA ASN F 167 30.20 7.50 -77.92
C ASN F 167 30.11 6.27 -77.03
N SER F 168 28.90 5.97 -76.55
CA SER F 168 28.53 4.86 -75.65
C SER F 168 29.49 4.67 -74.46
N GLY F 169 30.03 5.80 -73.98
CA GLY F 169 30.92 5.87 -72.84
C GLY F 169 32.40 6.02 -73.16
N SER F 170 32.83 5.64 -74.39
CA SER F 170 34.24 5.72 -74.80
C SER F 170 34.78 7.18 -74.89
N LEU F 171 33.88 8.17 -74.94
CA LEU F 171 34.25 9.57 -74.92
C LEU F 171 33.86 10.11 -73.52
N SER F 172 34.89 10.25 -72.64
CA SER F 172 34.78 10.68 -71.25
C SER F 172 35.38 12.06 -71.01
N SER F 173 36.62 12.28 -71.54
CA SER F 173 37.35 13.53 -71.37
C SER F 173 36.84 14.62 -72.30
N GLY F 174 36.71 15.82 -71.75
CA GLY F 174 36.25 16.98 -72.49
C GLY F 174 34.75 17.16 -72.42
N VAL F 175 34.10 16.28 -71.64
CA VAL F 175 32.65 16.26 -71.47
C VAL F 175 32.21 17.07 -70.24
N HIS F 176 31.14 17.86 -70.42
CA HIS F 176 30.46 18.66 -69.38
C HIS F 176 28.97 18.43 -69.56
N THR F 177 28.34 17.66 -68.68
CA THR F 177 26.90 17.41 -68.71
C THR F 177 26.36 18.27 -67.58
N PHE F 178 25.61 19.31 -67.92
CA PHE F 178 25.13 20.29 -66.97
C PHE F 178 23.87 19.86 -66.25
N PRO F 179 23.71 20.24 -64.95
CA PRO F 179 22.48 19.87 -64.24
C PRO F 179 21.19 20.39 -64.92
N ALA F 180 20.11 19.59 -64.86
CA ALA F 180 18.82 19.92 -65.47
C ALA F 180 18.14 21.15 -64.86
N VAL F 181 17.36 21.90 -65.65
CA VAL F 181 16.66 23.10 -65.18
C VAL F 181 15.19 22.95 -65.50
N LEU F 182 14.35 23.12 -64.50
CA LEU F 182 12.92 23.03 -64.68
C LEU F 182 12.36 24.41 -64.93
N GLU F 183 11.48 24.51 -65.92
CA GLU F 183 10.72 25.70 -66.26
C GLU F 183 9.36 25.19 -66.71
N SER F 184 8.31 25.54 -65.93
CA SER F 184 6.90 25.18 -66.15
C SER F 184 6.69 23.66 -66.31
N ASP F 185 7.09 22.92 -65.26
CA ASP F 185 7.01 21.45 -65.11
C ASP F 185 7.62 20.66 -66.29
N LEU F 186 8.72 21.18 -66.86
CA LEU F 186 9.47 20.55 -67.94
C LEU F 186 10.96 20.87 -67.78
N TYR F 187 11.78 19.81 -67.71
CA TYR F 187 13.23 19.92 -67.55
C TYR F 187 13.96 20.02 -68.90
N THR F 188 15.02 20.85 -68.93
CA THR F 188 15.94 21.05 -70.06
C THR F 188 17.36 20.82 -69.54
N LEU F 189 18.17 20.12 -70.31
CA LEU F 189 19.54 19.73 -69.96
C LEU F 189 20.39 19.83 -71.22
N SER F 190 21.69 20.09 -71.04
CA SER F 190 22.64 20.15 -72.16
C SER F 190 23.95 19.50 -71.76
N SER F 191 24.69 18.98 -72.74
CA SER F 191 25.99 18.35 -72.53
C SER F 191 26.93 18.78 -73.63
N SER F 192 28.12 19.26 -73.27
CA SER F 192 29.13 19.69 -74.24
C SER F 192 30.32 18.72 -74.24
N VAL F 193 30.96 18.59 -75.40
CA VAL F 193 32.13 17.73 -75.56
C VAL F 193 33.19 18.42 -76.44
N THR F 194 34.44 18.43 -75.96
CA THR F 194 35.55 19.02 -76.69
C THR F 194 36.48 17.92 -77.20
N VAL F 195 36.75 17.94 -78.51
CA VAL F 195 37.59 16.97 -79.20
C VAL F 195 38.56 17.75 -80.08
N PRO F 196 39.72 17.19 -80.56
CA PRO F 196 40.58 17.99 -81.46
C PRO F 196 39.95 18.15 -82.84
N SER F 197 40.41 19.16 -83.62
CA SER F 197 39.93 19.45 -84.97
C SER F 197 40.17 18.29 -85.95
N SER F 198 41.14 17.41 -85.62
CA SER F 198 41.49 16.21 -86.36
C SER F 198 40.34 15.15 -86.33
N PRO F 199 39.92 14.59 -85.14
CA PRO F 199 38.80 13.62 -85.10
C PRO F 199 37.43 14.10 -85.54
N TRP F 200 37.15 15.40 -85.69
CA TRP F 200 35.79 15.75 -86.12
C TRP F 200 35.76 16.62 -87.40
N PRO F 201 34.91 16.31 -88.40
CA PRO F 201 33.88 15.26 -88.47
C PRO F 201 34.39 13.90 -88.95
N SER F 202 35.73 13.76 -89.17
CA SER F 202 36.38 12.53 -89.64
C SER F 202 35.99 11.27 -88.86
N GLU F 203 35.80 11.41 -87.54
CA GLU F 203 35.38 10.35 -86.62
C GLU F 203 34.05 10.73 -85.98
N THR F 204 33.13 9.75 -85.93
CA THR F 204 31.76 9.87 -85.43
C THR F 204 31.68 10.25 -83.96
N VAL F 205 30.90 11.32 -83.70
CA VAL F 205 30.58 11.85 -82.38
C VAL F 205 29.07 11.77 -82.23
N THR F 206 28.65 11.01 -81.23
CA THR F 206 27.25 10.70 -80.94
C THR F 206 26.91 10.86 -79.46
N CYS F 207 25.82 11.58 -79.15
CA CYS F 207 25.38 11.63 -77.77
C CYS F 207 24.24 10.63 -77.59
N ASN F 208 24.36 9.82 -76.55
CA ASN F 208 23.43 8.75 -76.21
C ASN F 208 22.63 9.21 -75.01
N VAL F 209 21.36 9.54 -75.24
CA VAL F 209 20.48 10.03 -74.19
C VAL F 209 19.40 9.01 -73.83
N ALA F 210 19.22 8.77 -72.51
CA ALA F 210 18.25 7.83 -71.97
C ALA F 210 17.33 8.46 -70.92
N HIS F 211 16.01 8.35 -71.12
CA HIS F 211 15.00 8.85 -70.20
C HIS F 211 14.07 7.66 -69.91
N PRO F 212 14.48 6.82 -68.95
CA PRO F 212 13.71 5.61 -68.65
C PRO F 212 12.22 5.79 -68.28
N ALA F 213 11.85 6.92 -67.67
CA ALA F 213 10.46 7.22 -67.27
C ALA F 213 9.49 7.14 -68.44
N SER F 214 9.85 7.77 -69.57
CA SER F 214 9.03 7.75 -70.79
C SER F 214 9.43 6.56 -71.67
N SER F 215 10.35 5.69 -71.16
CA SER F 215 10.92 4.51 -71.85
C SER F 215 11.50 4.96 -73.20
N THR F 216 12.47 5.93 -73.15
CA THR F 216 13.12 6.57 -74.29
C THR F 216 14.64 6.34 -74.31
N LYS F 217 15.14 5.85 -75.46
CA LYS F 217 16.58 5.66 -75.72
C LYS F 217 16.83 6.28 -77.09
N VAL F 218 17.69 7.30 -77.14
CA VAL F 218 18.02 8.03 -78.37
C VAL F 218 19.53 8.18 -78.51
N ASP F 219 20.04 7.95 -79.73
CA ASP F 219 21.45 8.16 -80.08
C ASP F 219 21.48 9.19 -81.22
N LYS F 220 22.10 10.37 -80.98
CA LYS F 220 22.19 11.45 -81.99
C LYS F 220 23.61 11.74 -82.51
N LYS F 221 23.84 11.48 -83.82
CA LYS F 221 25.12 11.76 -84.47
C LYS F 221 25.24 13.27 -84.71
N ILE F 222 26.29 13.90 -84.16
CA ILE F 222 26.56 15.34 -84.34
C ILE F 222 27.14 15.46 -85.74
N VAL F 223 26.39 16.11 -86.64
CA VAL F 223 26.72 16.25 -88.05
C VAL F 223 27.04 17.72 -88.41
N PRO F 224 28.11 18.00 -89.21
CA PRO F 224 28.38 19.40 -89.60
C PRO F 224 27.33 19.98 -90.56
N ARG F 225 27.27 21.33 -90.65
CA ARG F 225 26.39 22.04 -91.59
C ARG F 225 26.97 23.40 -91.98
C1 NAG G . 8.60 7.73 -28.20
C2 NAG G . 7.45 7.86 -29.21
C3 NAG G . 6.76 6.49 -29.22
C4 NAG G . 7.74 5.46 -29.77
C5 NAG G . 9.01 5.46 -28.92
C6 NAG G . 10.12 4.59 -29.47
C7 NAG G . 5.90 9.39 -27.90
C8 NAG G . 4.91 10.50 -28.08
N2 NAG G . 6.47 8.94 -29.05
O3 NAG G . 5.59 6.51 -30.01
O4 NAG G . 7.11 4.18 -29.76
O5 NAG G . 9.52 6.81 -28.81
O6 NAG G . 10.06 4.52 -30.90
O7 NAG G . 6.18 8.92 -26.79
C1 NAG G . 6.81 3.60 -31.02
C2 NAG G . 6.83 2.08 -30.87
C3 NAG G . 6.51 1.47 -32.24
C4 NAG G . 5.20 2.02 -32.79
C5 NAG G . 5.25 3.54 -32.81
C6 NAG G . 3.96 4.20 -33.26
C7 NAG G . 8.30 1.02 -29.21
C8 NAG G . 9.69 0.51 -28.95
N2 NAG G . 8.12 1.60 -30.40
O3 NAG G . 6.45 0.06 -32.14
O4 NAG G . 5.05 1.58 -34.13
O5 NAG G . 5.54 4.05 -31.50
O6 NAG G . 4.14 5.61 -33.38
O7 NAG G . 7.40 0.89 -28.40
C1 BMA G . 4.17 0.54 -34.45
C2 BMA G . 3.69 0.75 -35.88
C3 BMA G . 2.78 -0.40 -36.29
C4 BMA G . 3.48 -1.75 -36.10
C5 BMA G . 4.04 -1.87 -34.68
C6 BMA G . 4.94 -3.08 -34.47
O2 BMA G . 4.83 0.84 -36.74
O3 BMA G . 2.23 -0.31 -37.61
O4 BMA G . 2.54 -2.81 -36.32
O5 BMA G . 4.85 -0.72 -34.36
O6 BMA G . 5.47 -3.10 -33.15
C1 MAN G . 2.35 0.85 -38.50
C2 MAN G . 1.02 1.60 -38.57
C3 MAN G . -0.04 0.72 -39.21
C4 MAN G . 0.42 0.14 -40.55
C5 MAN G . 1.82 -0.45 -40.47
C6 MAN G . 2.41 -0.75 -41.84
O2 MAN G . 1.18 2.80 -39.32
O3 MAN G . -1.27 1.44 -39.37
O4 MAN G . -0.50 -0.89 -40.96
O5 MAN G . 2.72 0.46 -39.83
O6 MAN G . 3.76 -1.20 -41.75
C1 MAN G . 6.25 -4.23 -32.79
C2 MAN G . 5.36 -5.24 -32.05
C3 MAN G . 4.96 -4.68 -30.69
C4 MAN G . 6.19 -4.27 -29.87
C5 MAN G . 7.08 -3.33 -30.66
C6 MAN G . 8.42 -3.06 -30.00
O2 MAN G . 6.03 -6.49 -31.94
O3 MAN G . 4.17 -5.64 -29.99
O4 MAN G . 5.76 -3.62 -28.67
O5 MAN G . 7.37 -3.88 -31.96
O6 MAN G . 8.27 -2.63 -28.64
C1 FUC G . 11.26 4.33 -31.56
C2 FUC G . 10.95 4.03 -33.04
C3 FUC G . 10.51 5.28 -33.80
C4 FUC G . 11.48 6.45 -33.61
C5 FUC G . 11.68 6.72 -32.12
C6 FUC G . 12.73 7.78 -31.83
O2 FUC G . 9.98 2.99 -33.18
O3 FUC G . 10.32 4.98 -35.17
O4 FUC G . 12.74 6.20 -34.25
O5 FUC G . 12.10 5.50 -31.45
C1 NAG H . 41.23 10.92 -18.02
C2 NAG H . 42.06 9.65 -17.83
C3 NAG H . 42.77 9.42 -19.17
C4 NAG H . 41.75 9.19 -20.28
C5 NAG H . 40.74 10.33 -20.35
C6 NAG H . 39.53 9.99 -21.19
C7 NAG H . 43.10 9.01 -15.71
C8 NAG H . 44.15 9.37 -14.70
N2 NAG H . 43.01 9.83 -16.76
O3 NAG H . 43.59 8.28 -19.03
O4 NAG H . 42.39 9.10 -21.54
O5 NAG H . 40.25 10.65 -19.03
O6 NAG H . 39.25 8.60 -21.21
O7 NAG H . 42.40 8.02 -15.59
C1 NAG H . 42.53 7.81 -22.12
C2 NAG H . 42.61 8.01 -23.64
C3 NAG H . 42.97 6.68 -24.31
C4 NAG H . 44.22 6.07 -23.69
C5 NAG H . 44.00 5.88 -22.18
C6 NAG H . 45.24 5.38 -21.46
C7 NAG H . 41.14 9.63 -24.76
C8 NAG H . 39.75 9.91 -25.25
N2 NAG H . 41.32 8.48 -24.11
O3 NAG H . 43.16 6.89 -25.71
O4 NAG H . 44.46 4.79 -24.26
O5 NAG H . 43.68 7.16 -21.59
O6 NAG H . 44.97 5.12 -20.10
O7 NAG H . 42.06 10.42 -24.96
C1 BMA H . 45.47 4.68 -25.24
C2 BMA H . 46.16 3.35 -25.05
C3 BMA H . 47.19 3.17 -26.18
C4 BMA H . 46.51 3.24 -27.54
C5 BMA H . 45.73 4.55 -27.66
C6 BMA H . 44.85 4.65 -28.89
O2 BMA H . 45.22 2.29 -25.04
O3 BMA H . 47.97 2.01 -25.98
O4 BMA H . 47.52 3.15 -28.54
O5 BMA H . 44.86 4.71 -26.53
O6 BMA H . 44.10 5.88 -28.88
C1 MAN H . 49.23 2.19 -25.34
C2 MAN H . 50.08 0.95 -25.57
C3 MAN H . 49.45 -0.24 -24.85
C4 MAN H . 49.24 0.05 -23.36
C5 MAN H . 48.52 1.38 -23.14
C6 MAN H . 48.54 1.84 -21.70
O2 MAN H . 51.42 1.17 -25.11
O3 MAN H . 50.28 -1.37 -25.04
O4 MAN H . 48.44 -0.99 -22.78
O5 MAN H . 49.12 2.43 -23.93
O6 MAN H . 47.98 3.14 -21.54
C1 MAN H . 43.23 6.09 -29.97
C2 MAN H . 43.97 6.93 -31.02
C3 MAN H . 44.16 8.36 -30.51
C4 MAN H . 42.83 8.99 -30.12
C5 MAN H . 42.12 8.11 -29.09
C6 MAN H . 40.72 8.57 -28.76
O2 MAN H . 43.24 6.90 -32.26
O3 MAN H . 44.84 9.17 -31.48
O4 MAN H . 43.05 10.31 -29.60
O5 MAN H . 42.00 6.75 -29.57
O6 MAN H . 40.68 9.96 -28.42
C1 NAG I . -7.87 -5.89 28.10
C2 NAG I . -6.92 -6.91 28.74
C3 NAG I . -7.07 -8.25 28.02
C4 NAG I . -8.50 -8.74 28.14
C5 NAG I . -9.45 -7.64 27.66
C6 NAG I . -10.91 -7.96 27.86
C7 NAG I . -4.88 -6.68 30.27
C8 NAG I . -3.47 -6.17 30.26
N2 NAG I . -5.56 -6.50 29.10
O3 NAG I . -6.21 -9.24 28.57
O4 NAG I . -8.64 -9.91 27.32
O5 NAG I . -9.18 -6.42 28.36
O6 NAG I . -11.09 -8.79 28.99
O7 NAG I . -5.38 -7.22 31.25
C1 NAG I . -8.89 -11.12 27.97
C2 NAG I . -9.67 -12.05 27.03
C3 NAG I . -9.95 -13.34 27.77
C4 NAG I . -8.65 -13.96 28.30
C5 NAG I . -7.93 -12.94 29.17
C6 NAG I . -6.59 -13.42 29.68
C7 NAG I . -11.20 -11.09 25.35
C8 NAG I . -12.57 -10.54 25.10
N2 NAG I . -10.92 -11.43 26.61
O3 NAG I . -10.66 -14.24 26.92
O4 NAG I . -8.99 -15.07 29.12
O5 NAG I . -7.68 -11.74 28.43
O6 NAG I . -6.02 -12.45 30.55
O7 NAG I . -10.37 -11.23 24.44
C1 BMA I . -8.87 -16.37 28.62
C2 BMA I . -8.53 -17.29 29.82
C3 BMA I . -8.53 -18.74 29.34
C4 BMA I . -9.87 -19.12 28.70
C5 BMA I . -10.19 -18.14 27.57
C6 BMA I . -11.58 -18.31 26.98
O2 BMA I . -9.51 -17.10 30.84
O3 BMA I . -8.13 -19.71 30.33
O4 BMA I . -9.82 -20.45 28.19
O5 BMA I . -10.13 -16.79 28.05
O6 BMA I . -11.80 -17.35 25.95
C1 MAN I . -7.67 -19.39 31.69
C2 MAN I . -6.16 -19.60 31.78
C3 MAN I . -5.82 -21.08 31.57
C4 MAN I . -6.64 -22.00 32.49
C5 MAN I . -8.13 -21.64 32.48
C6 MAN I . -8.92 -22.32 33.57
O2 MAN I . -5.70 -19.17 33.05
O3 MAN I . -4.43 -21.32 31.73
O4 MAN I . -6.48 -23.34 32.04
O5 MAN I . -8.31 -20.22 32.67
O6 MAN I . -10.29 -21.97 33.49
C1 MAN I . -13.00 -17.47 25.21
C2 MAN I . -12.70 -18.22 23.90
C3 MAN I . -11.84 -17.35 22.97
C4 MAN I . -12.49 -15.99 22.73
C5 MAN I . -12.83 -15.31 24.05
C6 MAN I . -13.68 -14.05 23.89
O2 MAN I . -13.90 -18.62 23.27
O3 MAN I . -11.59 -18.04 21.74
O4 MAN I . -11.60 -15.16 21.99
O5 MAN I . -13.58 -16.19 24.91
O6 MAN I . -13.11 -13.15 22.96
C1 FUC I . -12.29 -8.64 29.66
C2 FUC I . -12.45 -9.83 30.64
C3 FUC I . -11.54 -9.67 31.85
C4 FUC I . -11.71 -8.31 32.53
C5 FUC I . -11.46 -7.20 31.52
C6 FUC I . -11.73 -5.81 32.08
O2 FUC I . -12.24 -11.08 30.00
O3 FUC I . -11.74 -10.75 32.76
O4 FUC I . -12.98 -8.18 33.16
O5 FUC I . -12.32 -7.38 30.37
C1 NAG J . -32.91 17.51 26.76
C2 NAG J . -34.23 17.18 26.09
C3 NAG J . -35.16 16.68 27.18
C4 NAG J . -34.59 15.41 27.81
C5 NAG J . -33.16 15.62 28.30
C6 NAG J . -32.44 14.32 28.61
C7 NAG J . -35.14 18.34 24.12
C8 NAG J . -35.61 19.65 23.58
N2 NAG J . -34.81 18.33 25.43
O3 NAG J . -36.39 16.35 26.55
O4 NAG J . -35.40 14.99 28.89
O5 NAG J . -32.37 16.29 27.29
O6 NAG J . -32.92 13.20 27.84
O7 NAG J . -35.08 17.33 23.42
C1 NAG J . -36.24 13.87 28.71
C2 NAG J . -36.46 13.21 30.07
C3 NAG J . -37.53 12.12 29.97
C4 NAG J . -38.79 12.68 29.32
C5 NAG J . -38.47 13.28 27.96
C6 NAG J . -39.67 13.93 27.29
C7 NAG J . -34.60 13.04 31.69
C8 NAG J . -33.39 12.26 32.07
N2 NAG J . -35.21 12.65 30.56
O3 NAG J . -37.81 11.61 31.27
O4 NAG J . -39.74 11.63 29.13
O5 NAG J . -37.47 14.30 28.11
O6 NAG J . -39.35 14.49 26.03
O7 NAG J . -35.00 14.00 32.35
C1 BMA J . -40.81 11.54 30.03
C2 BMA J . -42.01 11.03 29.25
C3 BMA J . -43.16 10.81 30.22
C4 BMA J . -42.79 9.84 31.34
C5 BMA J . -41.52 10.35 32.04
C6 BMA J . -40.92 9.39 33.04
O2 BMA J . -41.68 9.82 28.56
O3 BMA J . -44.34 10.45 29.52
O4 BMA J . -43.87 9.74 32.25
O5 BMA J . -40.49 10.63 31.08
O6 BMA J . -39.71 9.92 33.59
C1 MAN J . -45.27 11.50 29.25
C2 MAN J . -46.62 10.89 28.88
C3 MAN J . -46.49 10.16 27.54
C4 MAN J . -45.93 11.06 26.45
C5 MAN J . -44.65 11.78 26.91
C6 MAN J . -44.22 12.89 25.98
O2 MAN J . -47.60 11.92 28.81
O3 MAN J . -47.76 9.64 27.16
O4 MAN J . -45.61 10.28 25.30
O5 MAN J . -44.84 12.37 28.21
O6 MAN J . -43.16 13.66 26.53
C1 MAN J . -39.06 9.15 34.59
C2 MAN J . -39.56 9.63 35.97
C3 MAN J . -39.03 11.03 36.28
C4 MAN J . -37.51 11.10 36.15
C5 MAN J . -37.06 10.56 34.79
C6 MAN J . -35.56 10.41 34.68
O2 MAN J . -39.15 8.69 36.98
O3 MAN J . -39.46 11.48 37.56
O4 MAN J . -37.08 12.45 36.31
O5 MAN J . -37.62 9.27 34.52
O6 MAN J . -34.88 11.61 35.05
C1 EDO K . 8.66 -12.92 -12.48
O1 EDO K . 7.51 -13.09 -13.27
C2 EDO K . 8.39 -13.37 -11.02
O2 EDO K . 8.39 -14.81 -10.87
C1 NAG L . -46.09 -31.63 4.23
C2 NAG L . -46.91 -31.41 2.97
C3 NAG L . -48.14 -32.25 3.32
C4 NAG L . -47.76 -33.73 3.41
C5 NAG L . -46.63 -33.96 4.43
C6 NAG L . -45.96 -35.31 4.27
C7 NAG L . -46.73 -29.28 1.70
C8 NAG L . -47.20 -27.86 1.61
N2 NAG L . -47.28 -30.03 2.69
O3 NAG L . -49.18 -32.06 2.37
O4 NAG L . -48.90 -34.50 3.79
O5 NAG L . -45.60 -32.97 4.27
O6 NAG L . -44.93 -35.50 5.24
O7 NAG L . -45.90 -29.75 0.91
C1 EDO M . -15.75 -11.41 2.31
O1 EDO M . -15.41 -12.60 1.57
C2 EDO M . -15.06 -11.40 3.72
O2 EDO M . -15.24 -12.63 4.39
#